data_9KRE
#
_entry.id   9KRE
#
_cell.length_a   1.00
_cell.length_b   1.00
_cell.length_c   1.00
_cell.angle_alpha   90.00
_cell.angle_beta   90.00
_cell.angle_gamma   90.00
#
_symmetry.space_group_name_H-M   'P 1'
#
loop_
_entity.id
_entity.type
_entity.pdbx_description
1 polymer Alpha-hemolysin
2 non-polymer '(2S)-3-(hexadecanoyloxy)-2-[(9Z)-octadec-9-enoyloxy]propyl 2-(trimethylammonio)ethyl phosphate'
#
_entity_poly.entity_id   1
_entity_poly.type   'polypeptide(L)'
_entity_poly.pdbx_seq_one_letter_code
;ADSDINIKTGTTDIGSNTTVKTGDLVTYDKENGMHKKVFYSFIDDKNHNKKLLVIRTKGTIAGQYRVYSEEGANKSGLAW
PSAFKVQLQLPDNEVAQISDYYPRNSIDTKEYMSTLTYGFNGNVTGDDTGKIGGLIGANVSIGHTLKYVQPDFKTILESP
TDKKVGWKVIFNNMVNQNWGPYDRDSWNPVYGNQLFMKTRNGSMKAADNFLDPNKASSLLSSGFSPDFATVITMDRKASK
QQTNIDVIYERVRDDYQLHWTSTNWKGTNTKDKWTDRSSERYKIDWEKEEMTN
;
_entity_poly.pdbx_strand_id   G,A,B,C,F,D,E
#
# COMPACT_ATOMS: atom_id res chain seq x y z
N ALA A 1 5.99 21.50 -0.20
CA ALA A 1 7.32 20.90 0.08
C ALA A 1 8.43 21.88 -0.26
N ASP A 2 9.23 22.25 0.75
CA ASP A 2 10.32 23.20 0.53
C ASP A 2 11.33 22.68 -0.48
N SER A 3 11.40 21.37 -0.68
CA SER A 3 12.35 20.80 -1.63
C SER A 3 11.85 20.81 -3.06
N ASP A 4 10.57 21.09 -3.30
CA ASP A 4 10.04 21.15 -4.66
C ASP A 4 10.32 22.48 -5.34
N ILE A 5 10.87 23.44 -4.61
CA ILE A 5 11.22 24.75 -5.16
C ILE A 5 12.72 24.84 -5.44
N ASN A 6 13.45 23.75 -5.26
CA ASN A 6 14.91 23.68 -5.36
C ASN A 6 15.58 24.23 -4.11
N ILE A 7 14.81 24.76 -3.16
CA ILE A 7 15.38 25.20 -1.90
C ILE A 7 15.77 23.98 -1.10
N LYS A 8 16.98 23.99 -0.55
CA LYS A 8 17.43 22.86 0.25
C LYS A 8 16.46 22.63 1.41
N THR A 9 16.13 21.36 1.64
CA THR A 9 15.13 21.01 2.64
C THR A 9 15.54 21.57 4.01
N GLY A 10 14.57 22.15 4.71
CA GLY A 10 14.81 22.67 6.04
C GLY A 10 15.47 24.02 6.10
N THR A 11 15.76 24.64 4.95
CA THR A 11 16.39 25.96 4.97
C THR A 11 15.46 27.00 5.57
N THR A 12 14.18 26.93 5.24
CA THR A 12 13.22 27.93 5.69
C THR A 12 12.72 27.69 7.11
N ASP A 13 13.09 26.57 7.72
CA ASP A 13 12.65 26.30 9.08
C ASP A 13 13.36 27.21 10.07
N ILE A 14 12.76 27.32 11.26
CA ILE A 14 13.24 28.20 12.31
C ILE A 14 13.46 27.39 13.56
N GLY A 15 14.54 27.67 14.28
CA GLY A 15 14.87 26.94 15.49
C GLY A 15 16.29 26.44 15.50
N SER A 16 17.05 26.77 14.46
CA SER A 16 18.44 26.36 14.37
C SER A 16 19.31 27.18 15.31
N ASN A 17 20.35 26.54 15.84
CA ASN A 17 21.38 27.21 16.64
C ASN A 17 20.74 28.12 17.71
N THR A 18 19.77 27.56 18.43
CA THR A 18 19.13 28.30 19.51
C THR A 18 18.77 27.34 20.63
N THR A 19 18.65 27.90 21.84
CA THR A 19 18.29 27.14 23.02
C THR A 19 16.83 27.40 23.36
N VAL A 20 16.04 26.34 23.48
CA VAL A 20 14.61 26.43 23.77
C VAL A 20 14.38 25.98 25.20
N LYS A 21 13.73 26.83 25.98
CA LYS A 21 13.40 26.53 27.38
C LYS A 21 11.97 26.02 27.41
N THR A 22 11.83 24.70 27.42
CA THR A 22 10.52 24.07 27.45
C THR A 22 9.98 24.05 28.87
N GLY A 23 8.84 23.43 29.07
CA GLY A 23 8.25 23.33 30.38
C GLY A 23 7.05 22.40 30.37
N ASP A 24 6.30 22.45 31.47
CA ASP A 24 5.14 21.58 31.60
C ASP A 24 4.28 22.06 32.76
N LEU A 25 2.97 21.91 32.60
CA LEU A 25 2.02 22.22 33.66
C LEU A 25 0.92 21.18 33.62
N VAL A 26 0.60 20.60 34.79
CA VAL A 26 -0.42 19.58 34.90
C VAL A 26 -1.38 19.98 36.01
N THR A 27 -2.67 19.96 35.71
CA THR A 27 -3.70 20.22 36.71
C THR A 27 -4.92 19.39 36.37
N TYR A 28 -5.55 18.83 37.40
CA TYR A 28 -6.69 17.94 37.25
C TYR A 28 -7.92 18.54 37.92
N ASP A 29 -9.04 18.53 37.20
CA ASP A 29 -10.30 19.05 37.72
C ASP A 29 -11.16 17.86 38.14
N LYS A 30 -11.09 17.51 39.42
CA LYS A 30 -11.84 16.36 39.92
C LYS A 30 -13.34 16.51 39.68
N GLU A 31 -13.85 17.74 39.70
CA GLU A 31 -15.28 17.94 39.50
C GLU A 31 -15.71 17.45 38.12
N ASN A 32 -14.90 17.74 37.10
CA ASN A 32 -15.24 17.39 35.73
C ASN A 32 -14.39 16.26 35.16
N GLY A 33 -13.36 15.82 35.87
CA GLY A 33 -12.53 14.74 35.40
C GLY A 33 -11.82 15.05 34.10
N MET A 34 -11.23 16.24 34.01
CA MET A 34 -10.52 16.69 32.81
C MET A 34 -9.04 16.86 33.16
N HIS A 35 -8.25 15.84 32.86
CA HIS A 35 -6.81 15.87 33.16
C HIS A 35 -6.11 16.74 32.11
N LYS A 36 -6.36 18.05 32.21
CA LYS A 36 -5.80 18.99 31.27
C LYS A 36 -4.29 19.13 31.48
N LYS A 37 -3.58 19.37 30.38
CA LYS A 37 -2.14 19.53 30.39
C LYS A 37 -1.73 20.47 29.27
N VAL A 38 -0.69 21.25 29.51
CA VAL A 38 -0.13 22.15 28.51
C VAL A 38 1.38 21.93 28.49
N PHE A 39 1.93 21.77 27.29
CA PHE A 39 3.37 21.62 27.09
C PHE A 39 3.82 22.74 26.16
N TYR A 40 4.58 23.69 26.69
CA TYR A 40 5.00 24.86 25.94
C TYR A 40 6.48 24.78 25.60
N SER A 41 6.93 25.73 24.79
CA SER A 41 8.33 25.81 24.38
C SER A 41 8.62 27.21 23.88
N PHE A 42 9.59 27.89 24.49
CA PHE A 42 9.96 29.24 24.11
C PHE A 42 11.06 29.18 23.05
N ILE A 43 10.75 29.64 21.84
CA ILE A 43 11.71 29.73 20.76
C ILE A 43 11.93 31.21 20.45
N ASP A 44 13.18 31.65 20.54
CA ASP A 44 13.55 33.04 20.22
C ASP A 44 14.82 32.98 19.37
N ASP A 45 14.64 32.88 18.06
CA ASP A 45 15.75 32.84 17.12
C ASP A 45 16.10 34.26 16.69
N LYS A 46 17.36 34.63 16.85
N LYS A 46 17.37 34.63 16.84
CA LYS A 46 17.80 35.98 16.47
CA LYS A 46 17.79 35.97 16.46
C LYS A 46 17.55 36.25 15.00
C LYS A 46 17.52 36.25 14.99
N ASN A 47 17.62 35.22 14.14
CA ASN A 47 17.30 35.40 12.74
C ASN A 47 15.82 35.59 12.49
N HIS A 48 14.98 35.38 13.50
CA HIS A 48 13.55 35.54 13.34
C HIS A 48 13.16 37.01 13.53
N ASN A 49 11.86 37.28 13.43
CA ASN A 49 11.33 38.62 13.56
C ASN A 49 10.53 38.84 14.84
N LYS A 50 9.89 37.80 15.36
CA LYS A 50 9.12 37.91 16.59
C LYS A 50 9.43 36.71 17.47
N LYS A 51 9.25 36.90 18.77
CA LYS A 51 9.36 35.77 19.69
C LYS A 51 8.25 34.76 19.41
N LEU A 52 8.55 33.49 19.66
CA LEU A 52 7.62 32.40 19.40
C LEU A 52 7.32 31.63 20.67
N LEU A 53 6.17 30.96 20.67
CA LEU A 53 5.76 30.14 21.79
C LEU A 53 4.70 29.17 21.29
N VAL A 54 4.94 27.88 21.48
CA VAL A 54 4.04 26.83 21.01
C VAL A 54 3.39 26.18 22.23
N ILE A 55 2.07 26.10 22.22
CA ILE A 55 1.30 25.49 23.30
C ILE A 55 0.67 24.22 22.77
N ARG A 56 1.03 23.09 23.37
CA ARG A 56 0.50 21.77 23.01
C ARG A 56 -0.44 21.32 24.13
N THR A 57 -1.74 21.53 23.93
CA THR A 57 -2.73 21.22 24.95
C THR A 57 -3.12 19.74 24.84
N LYS A 58 -2.19 18.88 25.24
CA LYS A 58 -2.40 17.45 25.16
C LYS A 58 -3.57 17.04 26.05
N GLY A 59 -3.41 17.20 27.36
CA GLY A 59 -4.48 16.96 28.31
C GLY A 59 -5.21 15.65 28.10
N THR A 60 -6.42 15.54 28.66
CA THR A 60 -7.28 14.39 28.45
C THR A 60 -8.63 14.68 29.08
N ILE A 61 -9.69 14.16 28.46
CA ILE A 61 -11.06 14.41 28.87
C ILE A 61 -11.76 13.08 29.11
N ALA A 62 -12.48 12.99 30.23
CA ALA A 62 -13.19 11.76 30.55
C ALA A 62 -14.39 11.57 29.64
N GLY A 63 -14.97 10.37 29.71
CA GLY A 63 -16.10 10.02 28.87
C GLY A 63 -17.44 10.35 29.50
N GLN A 64 -17.63 9.96 30.76
CA GLN A 64 -18.89 10.19 31.47
C GLN A 64 -20.06 9.54 30.73
N TYR A 65 -19.99 8.22 30.62
CA TYR A 65 -21.02 7.42 29.95
C TYR A 65 -21.66 6.52 31.00
N ARG A 66 -22.82 6.93 31.51
CA ARG A 66 -23.52 6.16 32.54
C ARG A 66 -25.00 6.51 32.49
N VAL A 67 -25.80 5.65 33.13
CA VAL A 67 -27.25 5.86 33.21
C VAL A 67 -27.50 6.83 34.37
N TYR A 68 -27.81 8.07 34.04
CA TYR A 68 -27.96 9.08 35.09
C TYR A 68 -29.22 8.83 35.92
N SER A 69 -30.32 8.43 35.27
CA SER A 69 -31.58 8.22 35.98
C SER A 69 -32.25 6.95 35.47
N GLU A 70 -32.86 6.21 36.39
CA GLU A 70 -33.63 5.02 36.08
C GLU A 70 -34.95 5.10 36.84
N GLU A 71 -36.05 4.83 36.15
CA GLU A 71 -37.40 4.91 36.73
C GLU A 71 -38.10 3.58 36.46
N GLY A 72 -37.87 2.61 37.34
CA GLY A 72 -38.51 1.33 37.18
C GLY A 72 -38.13 0.68 35.86
N ALA A 73 -39.01 -0.21 35.41
CA ALA A 73 -38.84 -0.88 34.12
C ALA A 73 -39.56 -0.16 33.00
N ASN A 74 -40.30 0.91 33.30
CA ASN A 74 -41.04 1.62 32.26
C ASN A 74 -40.09 2.40 31.35
N LYS A 75 -39.13 3.11 31.93
CA LYS A 75 -38.21 3.91 31.13
C LYS A 75 -36.96 4.20 31.94
N SER A 76 -35.90 4.57 31.24
CA SER A 76 -34.64 4.95 31.87
C SER A 76 -33.88 5.87 30.93
N GLY A 77 -32.97 6.65 31.51
CA GLY A 77 -32.18 7.60 30.77
C GLY A 77 -30.72 7.17 30.62
N LEU A 78 -29.98 7.99 29.88
CA LEU A 78 -28.57 7.73 29.62
C LEU A 78 -27.92 9.00 29.11
N ALA A 79 -26.75 9.31 29.65
CA ALA A 79 -25.99 10.50 29.27
C ALA A 79 -24.66 10.07 28.67
N TRP A 80 -24.36 10.59 27.48
CA TRP A 80 -23.12 10.29 26.78
C TRP A 80 -22.56 11.57 26.18
N PRO A 81 -21.24 11.64 25.97
CA PRO A 81 -20.63 12.86 25.42
C PRO A 81 -20.88 12.98 23.93
N SER A 82 -21.60 14.03 23.53
CA SER A 82 -21.87 14.25 22.11
C SER A 82 -20.65 14.83 21.40
N ALA A 83 -19.91 15.71 22.06
CA ALA A 83 -18.82 16.41 21.40
C ALA A 83 -17.84 16.92 22.43
N PHE A 84 -16.55 16.86 22.09
CA PHE A 84 -15.47 17.40 22.91
C PHE A 84 -14.94 18.66 22.26
N LYS A 85 -14.47 19.59 23.10
CA LYS A 85 -13.98 20.87 22.61
C LYS A 85 -12.83 21.35 23.48
N VAL A 86 -11.89 22.05 22.85
CA VAL A 86 -10.77 22.67 23.54
C VAL A 86 -10.37 23.90 22.74
N GLN A 87 -10.22 25.03 23.41
CA GLN A 87 -9.92 26.27 22.72
C GLN A 87 -9.04 27.14 23.59
N LEU A 88 -8.32 28.04 22.95
CA LEU A 88 -7.41 28.98 23.60
C LEU A 88 -7.82 30.40 23.26
N GLN A 89 -7.85 31.27 24.28
CA GLN A 89 -8.29 32.64 24.10
C GLN A 89 -7.32 33.57 24.81
N LEU A 90 -7.25 34.81 24.32
CA LEU A 90 -6.38 35.85 24.84
C LEU A 90 -7.20 37.07 25.21
N PRO A 91 -6.70 37.90 26.13
CA PRO A 91 -7.41 39.14 26.45
C PRO A 91 -7.54 40.04 25.23
N ASP A 92 -8.68 40.74 25.15
CA ASP A 92 -8.97 41.54 23.96
C ASP A 92 -7.95 42.66 23.79
N ASN A 93 -7.53 43.28 24.89
CA ASN A 93 -6.58 44.38 24.83
C ASN A 93 -5.14 43.91 24.73
N GLU A 94 -4.92 42.59 24.70
CA GLU A 94 -3.56 42.06 24.67
C GLU A 94 -2.89 42.37 23.32
N VAL A 95 -1.58 42.14 23.27
CA VAL A 95 -0.80 42.42 22.08
C VAL A 95 -0.33 41.15 21.37
N ALA A 96 -0.30 40.01 22.05
CA ALA A 96 0.12 38.78 21.40
C ALA A 96 -0.92 38.34 20.37
N GLN A 97 -0.47 37.48 19.44
CA GLN A 97 -1.34 37.03 18.36
C GLN A 97 -1.12 35.55 18.09
N ILE A 98 -2.18 34.90 17.61
CA ILE A 98 -2.12 33.50 17.21
C ILE A 98 -1.61 33.44 15.77
N SER A 99 -0.61 32.59 15.54
CA SER A 99 0.00 32.48 14.21
C SER A 99 -0.47 31.24 13.47
N ASP A 100 -0.25 30.04 14.03
CA ASP A 100 -0.51 28.81 13.32
C ASP A 100 -1.10 27.77 14.27
N TYR A 101 -1.52 26.65 13.68
CA TYR A 101 -2.14 25.56 14.41
C TYR A 101 -2.09 24.32 13.53
N TYR A 102 -1.56 23.21 14.07
CA TYR A 102 -1.27 22.06 13.22
C TYR A 102 -2.54 21.37 12.74
N PRO A 103 -3.36 20.78 13.60
CA PRO A 103 -4.57 20.11 13.11
C PRO A 103 -5.55 21.09 12.49
N ARG A 104 -5.74 20.99 11.18
CA ARG A 104 -6.56 21.91 10.42
C ARG A 104 -7.48 21.14 9.50
N ASN A 105 -8.54 21.81 9.07
CA ASN A 105 -9.50 21.18 8.17
C ASN A 105 -8.82 20.68 6.91
N SER A 106 -9.19 19.49 6.47
CA SER A 106 -8.61 18.87 5.29
C SER A 106 -9.71 18.42 4.34
N ILE A 107 -9.42 18.51 3.04
CA ILE A 107 -10.38 18.08 2.04
C ILE A 107 -10.57 16.58 2.13
N ASP A 108 -11.78 16.12 1.79
CA ASP A 108 -12.13 14.71 1.81
C ASP A 108 -12.40 14.22 0.40
N THR A 109 -12.01 12.98 0.12
CA THR A 109 -12.17 12.38 -1.20
C THR A 109 -13.14 11.20 -1.12
N LYS A 110 -13.80 10.94 -2.24
CA LYS A 110 -14.72 9.82 -2.35
C LYS A 110 -14.49 9.12 -3.67
N GLU A 111 -14.56 7.79 -3.66
CA GLU A 111 -14.40 7.02 -4.89
C GLU A 111 -15.66 7.14 -5.74
N TYR A 112 -15.56 6.65 -6.97
CA TYR A 112 -16.70 6.62 -7.88
C TYR A 112 -16.44 5.55 -8.93
N MET A 113 -17.53 4.96 -9.43
CA MET A 113 -17.40 3.86 -10.39
C MET A 113 -18.70 3.72 -11.16
N SER A 114 -18.61 3.67 -12.48
CA SER A 114 -19.75 3.50 -13.37
C SER A 114 -19.58 2.19 -14.12
N THR A 115 -20.66 1.41 -14.20
CA THR A 115 -20.65 0.11 -14.85
C THR A 115 -21.69 0.06 -15.95
N LEU A 116 -21.31 -0.46 -17.11
CA LEU A 116 -22.22 -0.68 -18.23
C LEU A 116 -22.04 -2.10 -18.72
N THR A 117 -23.15 -2.82 -18.88
CA THR A 117 -23.10 -4.22 -19.27
C THR A 117 -24.10 -4.52 -20.39
N TYR A 118 -23.64 -5.26 -21.39
CA TYR A 118 -24.48 -5.81 -22.43
C TYR A 118 -24.62 -7.31 -22.22
N GLY A 119 -25.66 -7.88 -22.79
CA GLY A 119 -25.91 -9.31 -22.65
C GLY A 119 -26.72 -9.85 -23.79
N PHE A 120 -26.52 -11.14 -24.07
CA PHE A 120 -27.28 -11.85 -25.09
C PHE A 120 -27.56 -13.27 -24.59
N ASN A 121 -28.62 -13.86 -25.10
CA ASN A 121 -29.02 -15.20 -24.67
C ASN A 121 -29.80 -15.88 -25.78
N GLY A 122 -29.59 -17.19 -25.92
CA GLY A 122 -30.34 -17.97 -26.87
C GLY A 122 -30.34 -19.44 -26.49
N ASN A 123 -31.52 -20.07 -26.44
CA ASN A 123 -31.64 -21.45 -26.03
C ASN A 123 -32.62 -22.18 -26.95
N VAL A 124 -32.48 -23.50 -26.99
CA VAL A 124 -33.36 -24.37 -27.76
C VAL A 124 -34.04 -25.33 -26.79
N THR A 125 -35.36 -25.39 -26.86
CA THR A 125 -36.15 -26.25 -25.98
C THR A 125 -36.79 -27.36 -26.81
N GLY A 126 -36.65 -28.60 -26.34
CA GLY A 126 -37.28 -29.73 -26.98
C GLY A 126 -37.68 -30.78 -25.96
N ASP A 127 -38.67 -31.58 -26.34
CA ASP A 127 -39.23 -32.57 -25.42
C ASP A 127 -39.37 -33.93 -26.08
N ASP A 128 -39.98 -34.88 -25.38
CA ASP A 128 -40.14 -36.24 -25.91
C ASP A 128 -41.03 -36.24 -27.16
N THR A 129 -42.11 -35.45 -27.14
CA THR A 129 -43.03 -35.43 -28.27
C THR A 129 -42.46 -34.75 -29.50
N GLY A 130 -41.21 -34.28 -29.45
CA GLY A 130 -40.55 -33.71 -30.61
C GLY A 130 -40.80 -32.23 -30.81
N LYS A 131 -41.54 -31.56 -29.92
CA LYS A 131 -41.71 -30.12 -30.03
C LYS A 131 -40.35 -29.45 -29.87
N ILE A 132 -40.07 -28.48 -30.73
CA ILE A 132 -38.82 -27.72 -30.69
C ILE A 132 -39.18 -26.24 -30.55
N GLY A 133 -38.54 -25.58 -29.59
CA GLY A 133 -38.77 -24.16 -29.36
C GLY A 133 -37.46 -23.41 -29.25
N GLY A 134 -37.55 -22.11 -29.51
CA GLY A 134 -36.39 -21.24 -29.45
C GLY A 134 -36.69 -19.99 -28.64
N LEU A 135 -35.61 -19.32 -28.22
CA LEU A 135 -35.73 -18.11 -27.44
C LEU A 135 -34.45 -17.31 -27.60
N ILE A 136 -34.58 -16.05 -28.00
CA ILE A 136 -33.46 -15.14 -28.15
C ILE A 136 -33.76 -13.89 -27.35
N GLY A 137 -32.81 -13.45 -26.53
CA GLY A 137 -33.01 -12.28 -25.70
C GLY A 137 -31.73 -11.52 -25.46
N ALA A 138 -31.88 -10.31 -24.93
CA ALA A 138 -30.76 -9.43 -24.66
C ALA A 138 -31.13 -8.53 -23.50
N ASN A 139 -30.11 -7.95 -22.86
CA ASN A 139 -30.33 -7.08 -21.72
C ASN A 139 -29.16 -6.11 -21.60
N VAL A 140 -29.44 -4.99 -20.94
CA VAL A 140 -28.46 -3.96 -20.65
C VAL A 140 -28.57 -3.57 -19.19
N SER A 141 -27.46 -3.06 -18.64
CA SER A 141 -27.43 -2.66 -17.24
C SER A 141 -26.45 -1.52 -17.06
N ILE A 142 -26.82 -0.57 -16.19
CA ILE A 142 -25.97 0.56 -15.84
C ILE A 142 -25.94 0.65 -14.32
N GLY A 143 -24.75 0.90 -13.78
CA GLY A 143 -24.59 0.94 -12.33
C GLY A 143 -23.59 1.98 -11.85
N HIS A 144 -24.00 2.77 -10.87
CA HIS A 144 -23.14 3.77 -10.26
C HIS A 144 -22.81 3.32 -8.83
N THR A 145 -21.53 3.31 -8.50
CA THR A 145 -21.05 2.89 -7.18
C THR A 145 -20.20 3.99 -6.58
N LEU A 146 -20.51 4.34 -5.33
CA LEU A 146 -19.80 5.39 -4.61
C LEU A 146 -19.51 4.91 -3.20
N LYS A 147 -18.25 5.00 -2.79
CA LYS A 147 -17.82 4.57 -1.46
C LYS A 147 -16.88 5.60 -0.86
N TYR A 148 -16.96 5.77 0.46
CA TYR A 148 -16.12 6.72 1.17
C TYR A 148 -15.95 6.24 2.61
N VAL A 149 -15.00 6.86 3.30
CA VAL A 149 -14.67 6.51 4.68
C VAL A 149 -15.15 7.63 5.58
N GLN A 150 -15.98 7.28 6.56
CA GLN A 150 -16.55 8.24 7.50
C GLN A 150 -16.21 7.83 8.93
N PRO A 151 -15.30 8.51 9.60
CA PRO A 151 -14.96 8.13 10.97
C PRO A 151 -16.11 8.41 11.93
N ASP A 152 -16.11 7.67 13.06
CA ASP A 152 -17.12 7.89 14.07
C ASP A 152 -17.04 9.31 14.63
N PHE A 153 -15.84 9.76 14.94
CA PHE A 153 -15.62 11.11 15.46
C PHE A 153 -14.77 11.89 14.47
N LYS A 154 -15.26 13.07 14.08
CA LYS A 154 -14.65 13.88 13.04
C LYS A 154 -14.15 15.18 13.67
N THR A 155 -12.84 15.34 13.73
CA THR A 155 -12.26 16.55 14.30
C THR A 155 -12.46 17.72 13.36
N ILE A 156 -12.77 18.89 13.93
CA ILE A 156 -13.01 20.10 13.17
C ILE A 156 -12.26 21.25 13.83
N LEU A 157 -11.92 22.25 13.03
CA LEU A 157 -11.25 23.46 13.50
C LEU A 157 -12.22 24.63 13.36
N GLU A 158 -12.67 25.17 14.48
CA GLU A 158 -13.55 26.33 14.44
C GLU A 158 -12.80 27.53 13.86
N SER A 159 -13.56 28.46 13.29
CA SER A 159 -13.01 29.65 12.66
C SER A 159 -11.98 30.30 13.57
N PRO A 160 -10.69 30.23 13.25
CA PRO A 160 -9.66 30.81 14.13
C PRO A 160 -9.51 32.30 13.91
N THR A 161 -9.98 33.09 14.87
CA THR A 161 -9.70 34.52 14.89
C THR A 161 -8.35 34.78 15.53
N ASP A 162 -7.90 36.03 15.43
CA ASP A 162 -6.55 36.36 15.90
C ASP A 162 -6.41 36.11 17.39
N LYS A 163 -7.39 36.52 18.18
CA LYS A 163 -7.24 36.47 19.63
C LYS A 163 -7.50 35.07 20.19
N LYS A 164 -8.40 34.30 19.57
CA LYS A 164 -8.71 32.97 20.05
C LYS A 164 -8.75 31.98 18.90
N VAL A 165 -8.40 30.74 19.21
CA VAL A 165 -8.50 29.62 18.28
C VAL A 165 -9.07 28.43 19.03
N GLY A 166 -9.97 27.69 18.38
CA GLY A 166 -10.63 26.59 19.05
C GLY A 166 -10.90 25.40 18.16
N TRP A 167 -10.59 24.20 18.65
CA TRP A 167 -10.87 22.98 17.93
C TRP A 167 -12.20 22.40 18.39
N LYS A 168 -12.55 21.23 17.84
CA LYS A 168 -13.84 20.62 18.12
C LYS A 168 -13.81 19.18 17.67
N VAL A 169 -14.50 18.33 18.43
CA VAL A 169 -14.69 16.92 18.08
C VAL A 169 -16.17 16.60 18.23
N ILE A 170 -16.76 16.02 17.19
CA ILE A 170 -18.18 15.74 17.19
C ILE A 170 -18.41 14.26 16.94
N PHE A 171 -19.66 13.84 16.97
CA PHE A 171 -20.05 12.45 16.80
C PHE A 171 -20.70 12.29 15.43
N ASN A 172 -19.92 11.83 14.46
CA ASN A 172 -20.43 11.67 13.10
C ASN A 172 -21.54 10.61 13.06
N ASN A 173 -21.20 9.38 13.44
CA ASN A 173 -22.17 8.29 13.48
C ASN A 173 -21.47 7.07 14.06
N MET A 174 -22.27 6.07 14.42
CA MET A 174 -21.75 4.84 15.01
C MET A 174 -22.44 3.64 14.39
N VAL A 175 -21.77 2.50 14.45
CA VAL A 175 -22.29 1.22 13.99
C VAL A 175 -22.63 0.40 15.22
N ASN A 176 -23.87 -0.06 15.32
CA ASN A 176 -24.35 -0.80 16.47
C ASN A 176 -24.69 -2.23 16.07
N GLN A 177 -24.12 -3.20 16.78
CA GLN A 177 -24.44 -4.61 16.60
C GLN A 177 -24.36 -5.01 15.14
N ASN A 178 -23.36 -4.49 14.44
CA ASN A 178 -23.11 -4.82 13.05
C ASN A 178 -24.27 -4.44 12.14
N TRP A 179 -25.08 -3.47 12.56
CA TRP A 179 -26.19 -2.97 11.76
C TRP A 179 -25.82 -1.63 11.12
N GLY A 180 -26.75 -1.08 10.36
CA GLY A 180 -26.53 0.16 9.66
C GLY A 180 -26.10 1.26 10.62
N PRO A 181 -25.17 2.11 10.19
CA PRO A 181 -24.67 3.16 11.08
C PRO A 181 -25.77 4.17 11.40
N TYR A 182 -25.93 4.46 12.68
CA TYR A 182 -26.90 5.43 13.15
C TYR A 182 -26.21 6.71 13.58
N ASP A 183 -27.01 7.75 13.84
CA ASP A 183 -26.50 9.02 14.27
C ASP A 183 -27.56 9.71 15.12
N ARG A 184 -27.26 10.94 15.55
CA ARG A 184 -28.15 11.62 16.49
C ARG A 184 -29.52 11.85 15.88
N ASP A 185 -29.58 12.23 14.61
CA ASP A 185 -30.85 12.55 13.96
C ASP A 185 -31.50 11.35 13.29
N SER A 186 -30.90 10.16 13.38
CA SER A 186 -31.53 8.98 12.80
C SER A 186 -32.83 8.67 13.52
N TRP A 187 -33.87 8.37 12.75
CA TRP A 187 -35.19 8.12 13.29
C TRP A 187 -35.83 6.94 12.58
N ASN A 188 -36.57 6.13 13.33
CA ASN A 188 -37.33 5.02 12.78
C ASN A 188 -38.75 5.09 13.33
N PRO A 189 -39.76 5.11 12.46
CA PRO A 189 -41.13 5.31 12.98
C PRO A 189 -41.56 4.26 13.99
N VAL A 190 -41.12 3.01 13.83
CA VAL A 190 -41.55 1.95 14.73
C VAL A 190 -40.75 1.99 16.03
N TYR A 191 -39.43 1.84 15.92
CA TYR A 191 -38.57 1.81 17.10
C TYR A 191 -38.05 3.18 17.48
N GLY A 192 -37.75 4.03 16.50
CA GLY A 192 -37.16 5.31 16.77
C GLY A 192 -35.65 5.28 16.61
N ASN A 193 -35.00 6.24 17.28
CA ASN A 193 -33.55 6.29 17.28
C ASN A 193 -32.99 5.08 18.00
N GLN A 194 -32.32 4.19 17.26
CA GLN A 194 -31.78 2.95 17.81
C GLN A 194 -30.28 3.01 18.00
N LEU A 195 -29.74 4.20 18.29
CA LEU A 195 -28.29 4.34 18.42
C LEU A 195 -27.75 3.47 19.55
N PHE A 196 -28.13 3.78 20.79
CA PHE A 196 -27.72 3.00 21.95
C PHE A 196 -28.85 2.09 22.42
N MET A 197 -29.19 1.11 21.58
CA MET A 197 -30.24 0.15 21.90
C MET A 197 -29.63 -1.24 21.99
N LYS A 198 -29.91 -1.93 23.09
CA LYS A 198 -29.38 -3.28 23.29
C LYS A 198 -30.19 -4.32 22.52
N THR A 199 -31.48 -4.42 22.83
CA THR A 199 -32.38 -5.37 22.17
C THR A 199 -33.61 -4.63 21.68
N ARG A 200 -34.11 -5.02 20.51
CA ARG A 200 -35.27 -4.35 19.94
C ARG A 200 -36.50 -4.55 20.82
N ASN A 201 -36.72 -5.78 21.30
CA ASN A 201 -37.90 -6.10 22.09
C ASN A 201 -37.53 -6.98 23.28
N GLY A 202 -36.43 -6.64 23.95
CA GLY A 202 -36.03 -7.40 25.11
C GLY A 202 -36.97 -7.20 26.29
N SER A 203 -37.05 -8.22 27.15
CA SER A 203 -37.91 -8.20 28.31
C SER A 203 -37.18 -7.82 29.59
N MET A 204 -35.89 -7.50 29.51
CA MET A 204 -35.12 -7.17 30.70
C MET A 204 -35.56 -5.80 31.24
N LYS A 205 -34.90 -5.37 32.31
CA LYS A 205 -35.25 -4.11 32.95
C LYS A 205 -34.90 -2.95 32.03
N ALA A 206 -35.57 -1.82 32.24
CA ALA A 206 -35.35 -0.65 31.40
C ALA A 206 -33.90 -0.17 31.48
N ALA A 207 -33.34 -0.07 32.68
CA ALA A 207 -31.98 0.42 32.82
C ALA A 207 -30.97 -0.54 32.22
N ASP A 208 -31.18 -1.84 32.39
CA ASP A 208 -30.23 -2.82 31.87
C ASP A 208 -30.17 -2.80 30.36
N ASN A 209 -31.28 -2.51 29.69
CA ASN A 209 -31.34 -2.57 28.22
C ASN A 209 -30.62 -1.36 27.63
N PHE A 210 -29.29 -1.43 27.67
CA PHE A 210 -28.44 -0.44 27.04
C PHE A 210 -27.24 -1.14 26.42
N LEU A 211 -26.71 -0.52 25.37
CA LEU A 211 -25.52 -1.05 24.72
C LEU A 211 -24.34 -1.05 25.68
N ASP A 212 -23.59 -2.15 25.67
CA ASP A 212 -22.45 -2.26 26.57
C ASP A 212 -21.42 -1.19 26.21
N PRO A 213 -20.83 -0.51 27.19
CA PRO A 213 -19.80 0.50 26.86
C PRO A 213 -18.62 -0.06 26.07
N ASN A 214 -18.26 -1.32 26.32
CA ASN A 214 -17.15 -1.91 25.59
C ASN A 214 -17.46 -2.01 24.09
N LYS A 215 -18.68 -2.40 23.76
CA LYS A 215 -19.05 -2.53 22.34
C LYS A 215 -19.00 -1.17 21.66
N ALA A 216 -19.45 -0.12 22.33
CA ALA A 216 -19.46 1.21 21.74
C ALA A 216 -18.03 1.70 21.55
N SER A 217 -17.91 2.88 20.94
CA SER A 217 -16.61 3.45 20.63
C SER A 217 -15.85 3.76 21.92
N SER A 218 -14.51 3.74 21.82
CA SER A 218 -13.68 3.92 23.01
C SER A 218 -13.84 5.31 23.59
N LEU A 219 -14.07 6.32 22.74
CA LEU A 219 -14.10 7.69 23.25
C LEU A 219 -15.26 7.91 24.21
N LEU A 220 -16.42 7.31 23.92
CA LEU A 220 -17.62 7.63 24.69
C LEU A 220 -17.43 7.32 26.18
N SER A 221 -16.89 6.15 26.48
CA SER A 221 -16.79 5.70 27.87
C SER A 221 -15.41 5.97 28.47
N SER A 222 -14.36 5.70 27.72
CA SER A 222 -13.00 5.78 28.23
C SER A 222 -12.36 7.14 28.03
N GLY A 223 -13.07 8.09 27.45
CA GLY A 223 -12.55 9.43 27.26
C GLY A 223 -11.78 9.60 25.97
N PHE A 224 -11.47 10.85 25.67
CA PHE A 224 -10.74 11.23 24.46
C PHE A 224 -9.53 12.06 24.85
N SER A 225 -8.36 11.66 24.36
CA SER A 225 -7.13 12.38 24.61
C SER A 225 -6.84 13.30 23.44
N PRO A 226 -6.87 14.62 23.62
CA PRO A 226 -6.59 15.52 22.51
C PRO A 226 -5.11 15.81 22.34
N ASP A 227 -4.75 16.24 21.13
CA ASP A 227 -3.39 16.68 20.82
C ASP A 227 -3.51 17.80 19.78
N PHE A 228 -3.52 19.03 20.27
CA PHE A 228 -3.60 20.20 19.42
C PHE A 228 -2.44 21.13 19.74
N ALA A 229 -1.85 21.70 18.70
CA ALA A 229 -0.69 22.56 18.83
C ALA A 229 -1.01 23.93 18.26
N THR A 230 -0.66 24.97 19.00
CA THR A 230 -0.77 26.35 18.54
C THR A 230 0.53 27.08 18.83
N VAL A 231 0.82 28.11 18.04
CA VAL A 231 2.00 28.93 18.23
C VAL A 231 1.57 30.37 18.42
N ILE A 232 2.14 31.04 19.42
CA ILE A 232 1.84 32.42 19.74
C ILE A 232 3.11 33.25 19.53
N THR A 233 2.97 34.36 18.82
CA THR A 233 4.08 35.27 18.56
C THR A 233 3.77 36.65 19.12
N MET A 234 4.78 37.26 19.75
CA MET A 234 4.67 38.58 20.33
C MET A 234 5.90 39.39 19.97
N ASP A 235 5.70 40.68 19.66
CA ASP A 235 6.81 41.50 19.20
C ASP A 235 7.87 41.63 20.28
N ARG A 236 9.13 41.68 19.85
CA ARG A 236 10.24 41.74 20.79
C ARG A 236 10.45 43.13 21.38
N LYS A 237 9.80 44.17 20.84
CA LYS A 237 9.93 45.52 21.35
C LYS A 237 8.72 45.97 22.15
N ALA A 238 7.82 45.04 22.51
CA ALA A 238 6.63 45.41 23.27
C ALA A 238 7.02 45.98 24.62
N SER A 239 6.29 47.02 25.03
CA SER A 239 6.57 47.66 26.31
C SER A 239 6.33 46.70 27.48
N LYS A 240 5.23 45.95 27.43
CA LYS A 240 4.88 45.00 28.48
C LYS A 240 5.17 43.58 28.01
N GLN A 241 5.95 42.85 28.80
CA GLN A 241 6.38 41.50 28.45
C GLN A 241 5.59 40.41 29.14
N GLN A 242 4.47 40.76 29.78
CA GLN A 242 3.61 39.79 30.44
C GLN A 242 2.33 39.60 29.64
N THR A 243 1.95 38.35 29.44
CA THR A 243 0.76 38.01 28.68
C THR A 243 -0.06 36.99 29.45
N ASN A 244 -1.38 37.06 29.28
CA ASN A 244 -2.32 36.18 29.96
C ASN A 244 -3.03 35.30 28.93
N ILE A 245 -3.17 34.02 29.24
CA ILE A 245 -3.83 33.06 28.37
C ILE A 245 -4.95 32.37 29.13
N ASP A 246 -5.95 31.92 28.40
CA ASP A 246 -7.05 31.15 28.95
C ASP A 246 -7.20 29.85 28.17
N VAL A 247 -7.43 28.76 28.89
CA VAL A 247 -7.56 27.43 28.30
C VAL A 247 -8.91 26.86 28.73
N ILE A 248 -9.67 26.36 27.76
CA ILE A 248 -10.98 25.79 28.00
C ILE A 248 -10.99 24.36 27.50
N TYR A 249 -11.64 23.48 28.25
CA TYR A 249 -11.78 22.07 27.92
C TYR A 249 -13.24 21.65 28.00
N GLU A 250 -14.13 22.48 27.47
CA GLU A 250 -15.56 22.22 27.61
C GLU A 250 -15.94 20.93 26.89
N ARG A 251 -16.88 20.21 27.48
CA ARG A 251 -17.40 18.97 26.92
C ARG A 251 -18.92 19.01 26.96
N VAL A 252 -19.55 18.54 25.90
CA VAL A 252 -21.00 18.56 25.76
C VAL A 252 -21.51 17.13 25.79
N ARG A 253 -22.55 16.90 26.60
CA ARG A 253 -23.20 15.61 26.70
C ARG A 253 -24.57 15.67 26.05
N ASP A 254 -25.27 14.54 26.10
CA ASP A 254 -26.61 14.41 25.54
C ASP A 254 -27.44 13.52 26.44
N ASP A 255 -28.74 13.55 26.25
CA ASP A 255 -29.67 12.71 27.00
C ASP A 255 -30.29 11.68 26.05
N TYR A 256 -30.20 10.41 26.42
CA TYR A 256 -30.80 9.33 25.65
C TYR A 256 -31.74 8.56 26.57
N GLN A 257 -33.00 8.46 26.17
CA GLN A 257 -34.04 7.84 26.97
C GLN A 257 -34.72 6.75 26.16
N LEU A 258 -34.89 5.59 26.76
CA LEU A 258 -35.64 4.48 26.17
C LEU A 258 -37.05 4.48 26.72
N HIS A 259 -38.03 4.22 25.86
CA HIS A 259 -39.43 4.18 26.26
C HIS A 259 -40.05 2.89 25.74
N TRP A 260 -40.69 2.14 26.65
CA TRP A 260 -41.48 0.98 26.29
C TRP A 260 -42.91 1.43 26.04
N THR A 261 -43.34 1.38 24.77
CA THR A 261 -44.67 1.88 24.46
C THR A 261 -45.74 0.83 24.75
N SER A 262 -45.75 -0.28 24.00
CA SER A 262 -46.60 -1.41 24.36
C SER A 262 -45.87 -2.74 24.28
N THR A 263 -45.05 -2.95 23.26
CA THR A 263 -44.35 -4.21 23.06
C THR A 263 -42.85 -4.02 22.92
N ASN A 264 -42.41 -3.06 22.11
CA ASN A 264 -41.01 -2.86 21.79
C ASN A 264 -40.45 -1.63 22.50
N TRP A 265 -39.13 -1.53 22.50
CA TRP A 265 -38.44 -0.40 23.10
C TRP A 265 -38.36 0.75 22.11
N LYS A 266 -38.58 1.96 22.60
CA LYS A 266 -38.49 3.17 21.80
C LYS A 266 -37.42 4.08 22.38
N GLY A 267 -36.63 4.69 21.52
CA GLY A 267 -35.54 5.54 21.94
C GLY A 267 -35.64 6.93 21.36
N THR A 268 -35.36 7.92 22.19
CA THR A 268 -35.36 9.33 21.78
C THR A 268 -34.09 10.00 22.29
N ASN A 269 -33.60 10.95 21.49
CA ASN A 269 -32.37 11.67 21.78
C ASN A 269 -32.66 13.15 21.92
N THR A 270 -32.10 13.76 22.97
CA THR A 270 -32.21 15.20 23.21
C THR A 270 -30.81 15.79 23.15
N LYS A 271 -30.43 16.30 21.97
CA LYS A 271 -29.08 16.80 21.78
C LYS A 271 -28.85 18.07 22.60
N ASP A 272 -27.61 18.22 23.06
CA ASP A 272 -27.19 19.41 23.82
C ASP A 272 -28.03 19.59 25.08
N LYS A 273 -27.92 18.60 25.98
CA LYS A 273 -28.64 18.63 27.26
C LYS A 273 -27.85 19.37 28.33
N TRP A 274 -26.60 18.95 28.56
CA TRP A 274 -25.74 19.57 29.55
C TRP A 274 -24.42 19.98 28.90
N THR A 275 -23.77 20.97 29.51
CA THR A 275 -22.47 21.42 29.06
C THR A 275 -21.60 21.68 30.27
N ASP A 276 -20.37 21.17 30.25
CA ASP A 276 -19.43 21.35 31.34
C ASP A 276 -18.21 22.11 30.81
N ARG A 277 -17.83 23.17 31.52
CA ARG A 277 -16.68 23.98 31.13
C ARG A 277 -15.73 24.08 32.31
N SER A 278 -14.43 23.99 32.01
CA SER A 278 -13.38 24.06 33.02
C SER A 278 -12.27 24.94 32.45
N SER A 279 -12.31 26.22 32.79
CA SER A 279 -11.38 27.21 32.26
C SER A 279 -10.37 27.60 33.32
N GLU A 280 -9.09 27.58 32.95
CA GLU A 280 -8.02 28.04 33.82
C GLU A 280 -7.17 29.08 33.09
N ARG A 281 -6.76 30.11 33.81
CA ARG A 281 -6.00 31.22 33.25
C ARG A 281 -4.52 31.04 33.57
N TYR A 282 -3.69 31.00 32.54
CA TYR A 282 -2.25 30.94 32.70
C TYR A 282 -1.62 32.31 32.45
N LYS A 283 -0.41 32.47 32.95
CA LYS A 283 0.34 33.71 32.82
C LYS A 283 1.66 33.43 32.11
N ILE A 284 2.01 34.31 31.16
CA ILE A 284 3.21 34.15 30.35
C ILE A 284 4.14 35.31 30.63
N ASP A 285 5.42 35.02 30.83
CA ASP A 285 6.47 36.01 31.04
C ASP A 285 7.51 35.82 29.94
N TRP A 286 7.41 36.62 28.88
CA TRP A 286 8.37 36.49 27.78
C TRP A 286 9.78 36.79 28.23
N GLU A 287 9.95 37.79 29.10
CA GLU A 287 11.29 38.16 29.54
C GLU A 287 11.98 37.00 30.24
N LYS A 288 11.28 36.32 31.13
CA LYS A 288 11.84 35.19 31.86
C LYS A 288 11.69 33.87 31.12
N GLU A 289 10.94 33.84 30.01
CA GLU A 289 10.73 32.63 29.23
C GLU A 289 10.20 31.50 30.12
N GLU A 290 9.02 31.74 30.68
CA GLU A 290 8.41 30.77 31.58
C GLU A 290 6.91 31.01 31.64
N MET A 291 6.15 29.93 31.67
CA MET A 291 4.70 29.97 31.85
C MET A 291 4.36 29.28 33.16
N THR A 292 3.81 30.03 34.10
CA THR A 292 3.54 29.51 35.43
C THR A 292 2.13 29.89 35.87
N ASN A 293 1.36 28.89 36.25
CA ASN A 293 0.08 29.09 36.93
C ASN A 293 -0.54 27.75 37.30
N ALA B 1 2.38 17.35 13.83
CA ALA B 1 3.77 17.31 13.30
C ALA B 1 4.48 18.64 13.52
N ASP B 2 5.57 18.60 14.28
CA ASP B 2 6.32 19.81 14.57
C ASP B 2 6.84 20.48 13.30
N SER B 3 7.00 19.72 12.22
CA SER B 3 7.51 20.28 10.97
C SER B 3 6.43 20.96 10.14
N ASP B 4 5.15 20.79 10.46
CA ASP B 4 4.09 21.43 9.71
C ASP B 4 3.86 22.87 10.14
N ILE B 5 4.53 23.31 11.20
CA ILE B 5 4.44 24.68 11.68
C ILE B 5 5.64 25.52 11.23
N ASN B 6 6.51 24.95 10.41
CA ASN B 6 7.77 25.54 9.96
C ASN B 6 8.83 25.43 11.05
N ILE B 7 8.50 24.92 12.23
CA ILE B 7 9.50 24.68 13.26
C ILE B 7 10.37 23.52 12.83
N LYS B 8 11.68 23.68 12.94
CA LYS B 8 12.58 22.59 12.57
C LYS B 8 12.25 21.35 13.39
N THR B 9 12.23 20.20 12.71
CA THR B 9 11.83 18.97 13.36
C THR B 9 12.71 18.68 14.57
N GLY B 10 12.08 18.28 15.67
CA GLY B 10 12.80 17.92 16.87
C GLY B 10 13.23 19.08 17.73
N THR B 11 12.91 20.32 17.34
CA THR B 11 13.30 21.46 18.15
C THR B 11 12.60 21.46 19.49
N THR B 12 11.32 21.09 19.51
CA THR B 12 10.54 21.13 20.74
C THR B 12 10.74 19.91 21.61
N ASP B 13 11.49 18.92 21.16
CA ASP B 13 11.72 17.73 21.96
C ASP B 13 12.67 18.04 23.12
N ILE B 14 12.64 17.17 24.12
CA ILE B 14 13.41 17.33 25.34
C ILE B 14 14.26 16.09 25.54
N GLY B 15 15.50 16.29 26.00
CA GLY B 15 16.41 15.18 26.20
C GLY B 15 17.75 15.40 25.53
N SER B 16 17.93 16.56 24.91
CA SER B 16 19.18 16.88 24.25
C SER B 16 20.25 17.23 25.27
N ASN B 17 21.50 16.89 24.94
CA ASN B 17 22.67 17.26 25.72
C ASN B 17 22.45 17.00 27.22
N THR B 18 21.98 15.79 27.52
CA THR B 18 21.79 15.40 28.92
C THR B 18 22.08 13.91 29.06
N THR B 19 22.42 13.52 30.28
CA THR B 19 22.72 12.13 30.61
C THR B 19 21.53 11.53 31.35
N VAL B 20 21.02 10.41 30.85
CA VAL B 20 19.86 9.73 31.41
C VAL B 20 20.35 8.46 32.10
N LYS B 21 20.00 8.32 33.38
CA LYS B 21 20.35 7.14 34.16
C LYS B 21 19.17 6.19 34.13
N THR B 22 19.22 5.21 33.23
CA THR B 22 18.14 4.24 33.09
C THR B 22 18.30 3.15 34.15
N GLY B 23 17.44 2.15 34.08
CA GLY B 23 17.51 1.05 35.02
C GLY B 23 16.56 -0.05 34.62
N ASP B 24 16.37 -0.99 35.55
CA ASP B 24 15.50 -2.13 35.28
C ASP B 24 15.18 -2.83 36.58
N LEU B 25 13.96 -3.36 36.67
CA LEU B 25 13.54 -4.18 37.80
C LEU B 25 12.68 -5.31 37.28
N VAL B 26 12.99 -6.53 37.71
CA VAL B 26 12.26 -7.72 37.29
C VAL B 26 11.84 -8.49 38.53
N THR B 27 10.56 -8.84 38.60
CA THR B 27 10.04 -9.67 39.68
C THR B 27 8.91 -10.54 39.13
N TYR B 28 8.88 -11.80 39.55
CA TYR B 28 7.93 -12.77 39.07
C TYR B 28 7.05 -13.25 40.22
N ASP B 29 5.74 -13.27 39.99
CA ASP B 29 4.76 -13.74 40.97
C ASP B 29 4.34 -15.16 40.59
N LYS B 30 5.01 -16.15 41.20
CA LYS B 30 4.71 -17.53 40.88
C LYS B 30 3.26 -17.88 41.15
N GLU B 31 2.65 -17.24 42.15
CA GLU B 31 1.27 -17.56 42.47
C GLU B 31 0.34 -17.23 41.30
N ASN B 32 0.57 -16.10 40.64
CA ASN B 32 -0.28 -15.65 39.55
C ASN B 32 0.37 -15.74 38.19
N GLY B 33 1.67 -16.06 38.12
CA GLY B 33 2.35 -16.20 36.85
C GLY B 33 2.37 -14.91 36.04
N MET B 34 2.70 -13.80 36.71
CA MET B 34 2.75 -12.48 36.08
C MET B 34 4.19 -12.00 36.11
N HIS B 35 4.91 -12.20 35.00
CA HIS B 35 6.30 -11.78 34.89
C HIS B 35 6.35 -10.27 34.67
N LYS B 36 6.01 -9.53 35.72
CA LYS B 36 5.97 -8.08 35.63
C LYS B 36 7.38 -7.51 35.54
N LYS B 37 7.49 -6.40 34.82
CA LYS B 37 8.76 -5.72 34.63
C LYS B 37 8.51 -4.23 34.45
N VAL B 38 9.44 -3.43 34.95
CA VAL B 38 9.39 -1.97 34.79
C VAL B 38 10.75 -1.51 34.29
N PHE B 39 10.74 -0.68 33.25
CA PHE B 39 11.96 -0.09 32.69
C PHE B 39 11.80 1.43 32.77
N TYR B 40 12.58 2.07 33.64
CA TYR B 40 12.46 3.50 33.86
C TYR B 40 13.65 4.23 33.27
N SER B 41 13.57 5.56 33.30
CA SER B 41 14.63 6.43 32.76
C SER B 41 14.47 7.81 33.38
N PHE B 42 15.52 8.29 34.05
CA PHE B 42 15.50 9.61 34.67
C PHE B 42 16.03 10.64 33.68
N ILE B 43 15.16 11.56 33.27
CA ILE B 43 15.54 12.67 32.39
C ILE B 43 15.40 13.96 33.19
N ASP B 44 16.49 14.71 33.30
CA ASP B 44 16.50 16.00 33.99
C ASP B 44 17.26 16.99 33.09
N ASP B 45 16.54 17.64 32.19
CA ASP B 45 17.12 18.62 31.29
C ASP B 45 17.05 20.00 31.94
N LYS B 46 18.21 20.66 32.04
N LYS B 46 18.21 20.67 32.02
CA LYS B 46 18.25 21.99 32.64
CA LYS B 46 18.24 21.99 32.63
C LYS B 46 17.35 22.98 31.90
C LYS B 46 17.33 22.96 31.90
N ASN B 47 17.17 22.80 30.59
CA ASN B 47 16.26 23.65 29.84
C ASN B 47 14.80 23.35 30.15
N HIS B 48 14.53 22.25 30.86
CA HIS B 48 13.16 21.89 31.18
C HIS B 48 12.70 22.63 32.44
N ASN B 49 11.46 22.36 32.85
CA ASN B 49 10.86 22.99 34.01
C ASN B 49 10.70 22.06 35.20
N LYS B 50 10.49 20.77 34.95
CA LYS B 50 10.32 19.79 36.01
C LYS B 50 11.15 18.56 35.68
N LYS B 51 11.53 17.82 36.72
CA LYS B 51 12.17 16.54 36.50
C LYS B 51 11.20 15.57 35.84
N LEU B 52 11.74 14.65 35.04
CA LEU B 52 10.94 13.70 34.29
C LEU B 52 11.34 12.27 34.66
N LEU B 53 10.40 11.36 34.43
CA LEU B 53 10.64 9.95 34.69
C LEU B 53 9.60 9.16 33.90
N VAL B 54 10.07 8.25 33.05
CA VAL B 54 9.20 7.45 32.20
C VAL B 54 9.24 6.01 32.68
N ILE B 55 8.07 5.43 32.92
CA ILE B 55 7.94 4.05 33.39
C ILE B 55 7.32 3.24 32.26
N ARG B 56 8.05 2.24 31.77
CA ARG B 56 7.59 1.35 30.71
C ARG B 56 7.32 -0.02 31.35
N THR B 57 6.04 -0.28 31.66
CA THR B 57 5.63 -1.51 32.33
C THR B 57 5.44 -2.61 31.29
N LYS B 58 6.56 -3.07 30.74
CA LYS B 58 6.53 -4.10 29.71
C LYS B 58 5.93 -5.39 30.27
N GLY B 59 6.62 -5.99 31.23
CA GLY B 59 6.12 -7.16 31.93
C GLY B 59 5.55 -8.24 31.02
N THR B 60 4.73 -9.12 31.58
CA THR B 60 4.03 -10.14 30.81
C THR B 60 3.06 -10.87 31.73
N ILE B 61 1.92 -11.27 31.19
CA ILE B 61 0.84 -11.89 31.95
C ILE B 61 0.51 -13.23 31.31
N ALA B 62 0.36 -14.26 32.14
CA ALA B 62 0.04 -15.59 31.65
C ALA B 62 -1.41 -15.65 31.17
N GLY B 63 -1.74 -16.75 30.48
CA GLY B 63 -3.06 -16.94 29.93
C GLY B 63 -4.02 -17.62 30.88
N GLN B 64 -3.59 -18.72 31.49
CA GLN B 64 -4.42 -19.49 32.40
C GLN B 64 -5.70 -19.96 31.71
N TYR B 65 -5.52 -20.79 30.67
CA TYR B 65 -6.62 -21.34 29.89
C TYR B 65 -6.62 -22.85 30.09
N ARG B 66 -7.48 -23.34 30.98
CA ARG B 66 -7.54 -24.77 31.27
C ARG B 66 -8.92 -25.10 31.82
N VAL B 67 -9.25 -26.39 31.81
CA VAL B 67 -10.53 -26.87 32.33
C VAL B 67 -10.37 -27.01 33.84
N TYR B 68 -10.96 -26.07 34.59
CA TYR B 68 -10.78 -26.07 36.04
C TYR B 68 -11.50 -27.24 36.69
N SER B 69 -12.70 -27.57 36.21
CA SER B 69 -13.49 -28.64 36.80
C SER B 69 -14.13 -29.48 35.71
N GLU B 70 -14.18 -30.79 35.94
CA GLU B 70 -14.85 -31.73 35.06
C GLU B 70 -15.69 -32.67 35.91
N GLU B 71 -16.95 -32.87 35.50
CA GLU B 71 -17.90 -33.71 36.24
C GLU B 71 -18.47 -34.73 35.27
N GLY B 72 -17.75 -35.86 35.12
CA GLY B 72 -18.22 -36.89 34.24
C GLY B 72 -18.37 -36.40 32.82
N ALA B 73 -19.23 -37.08 32.07
CA ALA B 73 -19.56 -36.71 30.71
C ALA B 73 -20.79 -35.81 30.63
N ASN B 74 -21.44 -35.54 31.76
CA ASN B 74 -22.65 -34.73 31.73
C ASN B 74 -22.31 -33.27 31.47
N LYS B 75 -21.30 -32.74 32.15
CA LYS B 75 -20.93 -31.34 31.99
C LYS B 75 -19.50 -31.13 32.46
N SER B 76 -18.93 -30.02 32.02
CA SER B 76 -17.58 -29.65 32.42
C SER B 76 -17.43 -28.14 32.28
N GLY B 77 -16.47 -27.58 33.02
CA GLY B 77 -16.22 -26.16 33.03
C GLY B 77 -14.93 -25.79 32.30
N LEU B 78 -14.70 -24.48 32.23
CA LEU B 78 -13.52 -23.94 31.56
C LEU B 78 -13.33 -22.50 31.98
N ALA B 79 -12.09 -22.14 32.30
CA ALA B 79 -11.75 -20.79 32.72
C ALA B 79 -10.77 -20.18 31.73
N TRP B 80 -11.10 -18.99 31.23
CA TRP B 80 -10.26 -18.29 30.28
C TRP B 80 -10.19 -16.81 30.67
N PRO B 81 -9.12 -16.12 30.29
CA PRO B 81 -8.97 -14.69 30.65
C PRO B 81 -9.86 -13.82 29.81
N SER B 82 -10.81 -13.14 30.44
CA SER B 82 -11.70 -12.24 29.72
C SER B 82 -11.01 -10.92 29.39
N ALA B 83 -10.18 -10.41 30.29
CA ALA B 83 -9.60 -9.10 30.10
C ALA B 83 -8.33 -8.98 30.94
N PHE B 84 -7.32 -8.30 30.38
CA PHE B 84 -6.08 -7.99 31.07
C PHE B 84 -6.06 -6.51 31.42
N LYS B 85 -5.40 -6.19 32.54
CA LYS B 85 -5.34 -4.82 33.01
C LYS B 85 -4.00 -4.56 33.67
N VAL B 86 -3.54 -3.32 33.54
CA VAL B 86 -2.33 -2.86 34.20
C VAL B 86 -2.49 -1.37 34.44
N GLN B 87 -2.20 -0.93 35.66
CA GLN B 87 -2.40 0.46 36.03
C GLN B 87 -1.35 0.88 37.03
N LEU B 88 -1.12 2.19 37.09
CA LEU B 88 -0.15 2.79 37.99
C LEU B 88 -0.84 3.82 38.86
N GLN B 89 -0.54 3.80 40.16
CA GLN B 89 -1.18 4.68 41.12
C GLN B 89 -0.14 5.28 42.04
N LEU B 90 -0.46 6.45 42.57
CA LEU B 90 0.41 7.19 43.47
C LEU B 90 -0.33 7.50 44.77
N PRO B 91 0.41 7.71 45.87
CA PRO B 91 -0.24 8.10 47.12
C PRO B 91 -1.01 9.39 46.97
N ASP B 92 -2.15 9.47 47.67
CA ASP B 92 -3.03 10.63 47.52
C ASP B 92 -2.34 11.91 47.97
N ASN B 93 -1.58 11.84 49.05
CA ASN B 93 -0.90 13.02 49.59
C ASN B 93 0.40 13.32 48.86
N GLU B 94 0.76 12.53 47.85
CA GLU B 94 2.02 12.72 47.16
C GLU B 94 1.99 14.00 46.32
N VAL B 95 3.16 14.40 45.85
CA VAL B 95 3.29 15.63 45.08
C VAL B 95 3.57 15.37 43.60
N ALA B 96 4.04 14.18 43.23
CA ALA B 96 4.30 13.89 41.83
C ALA B 96 2.98 13.80 41.05
N GLN B 97 3.09 13.94 39.74
CA GLN B 97 1.91 13.94 38.88
C GLN B 97 2.18 13.17 37.61
N ILE B 98 1.12 12.60 37.05
CA ILE B 98 1.17 11.89 35.77
C ILE B 98 1.01 12.91 34.66
N SER B 99 1.92 12.88 33.69
CA SER B 99 1.90 13.84 32.58
C SER B 99 1.31 13.24 31.31
N ASP B 100 1.91 12.18 30.78
CA ASP B 100 1.54 11.64 29.48
C ASP B 100 1.56 10.13 29.51
N TYR B 101 1.07 9.53 28.41
CA TYR B 101 0.99 8.09 28.27
C TYR B 101 0.82 7.79 26.78
N TYR B 102 1.67 6.91 26.23
CA TYR B 102 1.71 6.76 24.79
C TYR B 102 0.45 6.06 24.26
N PRO B 103 0.18 4.80 24.60
CA PRO B 103 -1.02 4.15 24.05
C PRO B 103 -2.28 4.81 24.55
N ARG B 104 -3.02 5.45 23.64
CA ARG B 104 -4.20 6.23 23.98
C ARG B 104 -5.32 5.88 23.02
N ASN B 105 -6.55 6.18 23.44
CA ASN B 105 -7.71 5.90 22.61
C ASN B 105 -7.58 6.60 21.27
N SER B 106 -7.96 5.89 20.20
CA SER B 106 -7.87 6.41 18.85
C SER B 106 -9.21 6.23 18.15
N ILE B 107 -9.53 7.18 17.28
CA ILE B 107 -10.76 7.12 16.52
C ILE B 107 -10.69 5.95 15.54
N ASP B 108 -11.85 5.35 15.27
CA ASP B 108 -11.96 4.23 14.34
C ASP B 108 -12.76 4.64 13.12
N THR B 109 -12.38 4.10 11.97
CA THR B 109 -13.01 4.42 10.70
C THR B 109 -13.68 3.18 10.12
N LYS B 110 -14.72 3.41 9.33
CA LYS B 110 -15.44 2.33 8.67
C LYS B 110 -15.73 2.75 7.23
N GLU B 111 -15.60 1.80 6.32
CA GLU B 111 -15.89 2.07 4.92
C GLU B 111 -17.40 2.16 4.71
N TYR B 112 -17.78 2.61 3.52
CA TYR B 112 -19.18 2.67 3.14
C TYR B 112 -19.28 2.68 1.62
N MET B 113 -20.38 2.14 1.11
CA MET B 113 -20.55 2.01 -0.34
C MET B 113 -22.02 1.86 -0.66
N SER B 114 -22.51 2.67 -1.61
CA SER B 114 -23.88 2.62 -2.07
C SER B 114 -23.90 2.24 -3.54
N THR B 115 -24.79 1.32 -3.91
CA THR B 115 -24.88 0.82 -5.27
C THR B 115 -26.29 1.03 -5.80
N LEU B 116 -26.39 1.52 -7.02
CA LEU B 116 -27.65 1.69 -7.73
C LEU B 116 -27.52 1.07 -9.10
N THR B 117 -28.48 0.23 -9.49
CA THR B 117 -28.42 -0.48 -10.76
C THR B 117 -29.76 -0.40 -11.49
N TYR B 118 -29.69 -0.12 -12.78
CA TYR B 118 -30.83 -0.22 -13.69
C TYR B 118 -30.65 -1.43 -14.58
N GLY B 119 -31.76 -1.90 -15.14
CA GLY B 119 -31.72 -3.06 -16.01
C GLY B 119 -32.88 -3.08 -16.98
N PHE B 120 -32.65 -3.71 -18.12
CA PHE B 120 -33.68 -3.89 -19.14
C PHE B 120 -33.51 -5.28 -19.75
N ASN B 121 -34.61 -5.82 -20.27
CA ASN B 121 -34.59 -7.14 -20.86
C ASN B 121 -35.69 -7.26 -21.90
N GLY B 122 -35.38 -7.99 -22.97
CA GLY B 122 -36.36 -8.27 -24.00
C GLY B 122 -36.00 -9.51 -24.80
N ASN B 123 -36.95 -10.44 -24.95
CA ASN B 123 -36.68 -11.69 -25.64
C ASN B 123 -37.86 -12.03 -26.55
N VAL B 124 -37.59 -12.86 -27.54
CA VAL B 124 -38.58 -13.34 -28.48
C VAL B 124 -38.64 -14.86 -28.37
N THR B 125 -39.85 -15.40 -28.17
CA THR B 125 -40.04 -16.83 -28.03
C THR B 125 -40.83 -17.36 -29.22
N GLY B 126 -40.34 -18.44 -29.81
CA GLY B 126 -41.03 -19.07 -30.92
C GLY B 126 -40.80 -20.57 -30.89
N ASP B 127 -41.75 -21.30 -31.48
CA ASP B 127 -41.69 -22.76 -31.46
C ASP B 127 -41.94 -23.35 -32.84
N ASP B 128 -42.05 -24.68 -32.91
CA ASP B 128 -42.24 -25.34 -34.20
C ASP B 128 -43.57 -24.96 -34.82
N THR B 129 -44.63 -24.85 -34.02
CA THR B 129 -45.95 -24.54 -34.55
C THR B 129 -46.07 -23.08 -35.02
N GLY B 130 -45.00 -22.30 -34.93
CA GLY B 130 -45.00 -20.94 -35.43
C GLY B 130 -45.50 -19.89 -34.46
N LYS B 131 -45.86 -20.27 -33.24
CA LYS B 131 -46.24 -19.28 -32.25
C LYS B 131 -45.06 -18.36 -31.95
N ILE B 132 -45.32 -17.06 -31.90
CA ILE B 132 -44.29 -16.06 -31.61
C ILE B 132 -44.73 -15.27 -30.38
N GLY B 133 -43.84 -15.14 -29.42
CA GLY B 133 -44.13 -14.39 -28.21
C GLY B 133 -43.02 -13.42 -27.88
N GLY B 134 -43.38 -12.39 -27.11
CA GLY B 134 -42.45 -11.37 -26.72
C GLY B 134 -42.52 -11.12 -25.22
N LEU B 135 -41.47 -10.48 -24.71
CA LEU B 135 -41.38 -10.17 -23.29
C LEU B 135 -40.43 -9.00 -23.11
N ILE B 136 -40.89 -7.94 -22.44
CA ILE B 136 -40.07 -6.78 -22.14
C ILE B 136 -40.16 -6.52 -20.65
N GLY B 137 -39.00 -6.33 -20.01
CA GLY B 137 -38.98 -6.10 -18.58
C GLY B 137 -37.84 -5.21 -18.17
N ALA B 138 -37.90 -4.76 -16.92
CA ALA B 138 -36.90 -3.87 -16.36
C ALA B 138 -36.84 -4.10 -14.86
N ASN B 139 -35.73 -3.67 -14.26
CA ASN B 139 -35.54 -3.85 -12.83
C ASN B 139 -34.59 -2.79 -12.30
N VAL B 140 -34.69 -2.53 -11.00
CA VAL B 140 -33.83 -1.59 -10.29
C VAL B 140 -33.33 -2.26 -9.02
N SER B 141 -32.18 -1.80 -8.54
CA SER B 141 -31.60 -2.36 -7.33
C SER B 141 -30.80 -1.29 -6.61
N ILE B 142 -30.88 -1.30 -5.29
CA ILE B 142 -30.12 -0.40 -4.42
C ILE B 142 -29.43 -1.24 -3.36
N GLY B 143 -28.16 -0.93 -3.08
CA GLY B 143 -27.40 -1.70 -2.12
C GLY B 143 -26.45 -0.88 -1.29
N HIS B 144 -26.49 -1.08 0.03
CA HIS B 144 -25.57 -0.43 0.96
C HIS B 144 -24.61 -1.46 1.52
N THR B 145 -23.31 -1.16 1.43
CA THR B 145 -22.27 -2.05 1.92
C THR B 145 -21.39 -1.32 2.91
N LEU B 146 -21.17 -1.95 4.06
CA LEU B 146 -20.35 -1.38 5.13
C LEU B 146 -19.42 -2.45 5.67
N LYS B 147 -18.12 -2.13 5.72
CA LYS B 147 -17.10 -3.06 6.21
C LYS B 147 -16.15 -2.32 7.14
N TYR B 148 -15.67 -3.05 8.15
CA TYR B 148 -14.72 -2.49 9.11
C TYR B 148 -13.90 -3.62 9.70
N VAL B 149 -12.83 -3.23 10.39
CA VAL B 149 -11.88 -4.17 10.99
C VAL B 149 -12.07 -4.14 12.49
N GLN B 150 -12.33 -5.30 13.08
CA GLN B 150 -12.55 -5.43 14.52
C GLN B 150 -11.58 -6.44 15.10
N PRO B 151 -10.56 -6.02 15.83
CA PRO B 151 -9.61 -6.98 16.41
C PRO B 151 -10.25 -7.82 17.49
N ASP B 152 -9.66 -9.00 17.71
CA ASP B 152 -10.15 -9.87 18.77
C ASP B 152 -10.02 -9.20 20.13
N PHE B 153 -8.88 -8.59 20.40
CA PHE B 153 -8.63 -7.89 21.66
C PHE B 153 -8.42 -6.41 21.36
N LYS B 154 -9.17 -5.57 22.05
CA LYS B 154 -9.19 -4.13 21.81
C LYS B 154 -8.64 -3.42 23.03
N THR B 155 -7.46 -2.81 22.90
CA THR B 155 -6.87 -2.09 24.00
C THR B 155 -7.62 -0.79 24.27
N ILE B 156 -7.79 -0.47 25.54
CA ILE B 156 -8.50 0.73 25.96
C ILE B 156 -7.69 1.43 27.05
N LEU B 157 -7.88 2.74 27.15
CA LEU B 157 -7.24 3.56 28.17
C LEU B 157 -8.32 4.06 29.12
N GLU B 158 -8.29 3.58 30.36
CA GLU B 158 -9.25 4.05 31.35
C GLU B 158 -8.99 5.53 31.66
N SER B 159 -10.05 6.21 32.11
CA SER B 159 -10.00 7.63 32.41
C SER B 159 -8.77 7.94 33.26
N PRO B 160 -7.75 8.61 32.71
CA PRO B 160 -6.52 8.89 33.47
C PRO B 160 -6.68 10.10 34.36
N THR B 161 -6.78 9.89 35.67
CA THR B 161 -6.72 10.96 36.63
C THR B 161 -5.27 11.29 36.94
N ASP B 162 -5.08 12.41 37.66
CA ASP B 162 -3.72 12.89 37.92
C ASP B 162 -2.91 11.86 38.70
N LYS B 163 -3.49 11.28 39.74
CA LYS B 163 -2.71 10.43 40.63
C LYS B 163 -2.52 9.02 40.07
N LYS B 164 -3.47 8.51 39.31
CA LYS B 164 -3.37 7.17 38.75
C LYS B 164 -3.78 7.17 37.29
N VAL B 165 -3.17 6.27 36.53
CA VAL B 165 -3.52 6.02 35.13
C VAL B 165 -3.54 4.52 34.93
N GLY B 166 -4.53 4.03 34.16
CA GLY B 166 -4.68 2.61 33.97
C GLY B 166 -5.15 2.22 32.58
N TRP B 167 -4.50 1.22 31.99
CA TRP B 167 -4.90 0.70 30.70
C TRP B 167 -5.80 -0.51 30.89
N LYS B 168 -6.21 -1.12 29.78
CA LYS B 168 -7.16 -2.22 29.81
C LYS B 168 -7.12 -2.94 28.48
N VAL B 169 -7.30 -4.25 28.53
CA VAL B 169 -7.43 -5.08 27.33
C VAL B 169 -8.64 -5.99 27.54
N ILE B 170 -9.54 -5.99 26.56
CA ILE B 170 -10.77 -6.76 26.67
C ILE B 170 -10.89 -7.72 25.50
N PHE B 171 -11.94 -8.54 25.50
CA PHE B 171 -12.17 -9.55 24.48
C PHE B 171 -13.32 -9.09 23.60
N ASN B 172 -12.99 -8.50 22.46
CA ASN B 172 -14.01 -8.00 21.55
C ASN B 172 -14.88 -9.14 21.02
N ASN B 173 -14.25 -10.09 20.32
CA ASN B 173 -14.96 -11.25 19.78
C ASN B 173 -13.92 -12.17 19.14
N MET B 174 -14.33 -13.39 18.85
CA MET B 174 -13.46 -14.39 18.26
C MET B 174 -14.19 -15.12 17.14
N VAL B 175 -13.40 -15.66 16.21
CA VAL B 175 -13.90 -16.49 15.11
C VAL B 175 -13.55 -17.93 15.43
N ASN B 176 -14.55 -18.80 15.44
CA ASN B 176 -14.38 -20.20 15.79
C ASN B 176 -14.67 -21.08 14.57
N GLN B 177 -13.72 -21.95 14.24
CA GLN B 177 -13.90 -22.94 13.19
C GLN B 177 -14.41 -22.31 11.90
N ASN B 178 -13.90 -21.12 11.60
CA ASN B 178 -14.24 -20.40 10.38
C ASN B 178 -15.72 -20.06 10.30
N TRP B 179 -16.38 -19.97 11.44
CA TRP B 179 -17.79 -19.58 11.50
C TRP B 179 -17.91 -18.14 11.96
N GLY B 180 -19.16 -17.67 12.05
CA GLY B 180 -19.43 -16.29 12.41
C GLY B 180 -18.77 -15.94 13.74
N PRO B 181 -18.24 -14.72 13.86
CA PRO B 181 -17.54 -14.34 15.08
C PRO B 181 -18.52 -14.28 16.26
N TYR B 182 -18.14 -14.92 17.36
CA TYR B 182 -18.93 -14.92 18.57
C TYR B 182 -18.29 -14.01 19.61
N ASP B 183 -19.03 -13.77 20.70
CA ASP B 183 -18.56 -12.95 21.80
C ASP B 183 -19.22 -13.41 23.07
N ARG B 184 -18.93 -12.71 24.17
CA ARG B 184 -19.40 -13.16 25.48
C ARG B 184 -20.91 -13.19 25.54
N ASP B 185 -21.57 -12.18 24.98
CA ASP B 185 -23.02 -12.07 25.05
C ASP B 185 -23.74 -12.75 23.90
N SER B 186 -23.01 -13.39 22.98
CA SER B 186 -23.66 -14.10 21.90
C SER B 186 -24.46 -15.28 22.44
N TRP B 187 -25.69 -15.42 21.94
CA TRP B 187 -26.60 -16.45 22.41
C TRP B 187 -27.32 -17.08 21.24
N ASN B 188 -27.54 -18.40 21.33
CA ASN B 188 -28.31 -19.14 20.34
C ASN B 188 -29.34 -19.98 21.07
N PRO B 189 -30.63 -19.86 20.73
CA PRO B 189 -31.65 -20.57 21.52
C PRO B 189 -31.45 -22.08 21.55
N VAL B 190 -30.96 -22.66 20.45
CA VAL B 190 -30.81 -24.12 20.40
C VAL B 190 -29.54 -24.55 21.12
N TYR B 191 -28.38 -24.07 20.64
CA TYR B 191 -27.11 -24.47 21.21
C TYR B 191 -26.66 -23.53 22.32
N GLY B 192 -26.94 -22.24 22.21
CA GLY B 192 -26.45 -21.28 23.17
C GLY B 192 -25.18 -20.60 22.71
N ASN B 193 -24.44 -20.10 23.69
CA ASN B 193 -23.15 -19.48 23.41
C ASN B 193 -22.17 -20.52 22.90
N GLN B 194 -21.79 -20.42 21.62
CA GLN B 194 -20.90 -21.39 20.99
C GLN B 194 -19.49 -20.86 20.83
N LEU B 195 -19.04 -20.00 21.75
CA LEU B 195 -17.72 -19.40 21.62
C LEU B 195 -16.63 -20.47 21.63
N PHE B 196 -16.47 -21.15 22.76
CA PHE B 196 -15.48 -22.23 22.89
C PHE B 196 -16.17 -23.60 22.81
N MET B 197 -16.71 -23.90 21.63
CA MET B 197 -17.37 -25.17 21.38
C MET B 197 -16.61 -25.94 20.32
N LYS B 198 -16.29 -27.20 20.62
CA LYS B 198 -15.55 -28.04 19.68
C LYS B 198 -16.47 -28.61 18.61
N THR B 199 -17.48 -29.38 19.02
CA THR B 199 -18.43 -29.99 18.12
C THR B 199 -19.84 -29.68 18.59
N ARG B 200 -20.74 -29.44 17.64
CA ARG B 200 -22.11 -29.11 17.99
C ARG B 200 -22.79 -30.27 18.71
N ASN B 201 -22.63 -31.49 18.20
CA ASN B 201 -23.29 -32.66 18.76
C ASN B 201 -22.32 -33.84 18.85
N GLY B 202 -21.09 -33.57 19.29
CA GLY B 202 -20.12 -34.64 19.43
C GLY B 202 -20.48 -35.58 20.57
N SER B 203 -20.04 -36.83 20.44
CA SER B 203 -20.30 -37.87 21.42
C SER B 203 -19.13 -38.09 22.38
N MET B 204 -18.06 -37.31 22.27
CA MET B 204 -16.91 -37.48 23.13
C MET B 204 -17.24 -37.04 24.55
N LYS B 205 -16.25 -37.14 25.43
CA LYS B 205 -16.45 -36.79 26.83
C LYS B 205 -16.69 -35.29 26.97
N ALA B 206 -17.34 -34.91 28.06
CA ALA B 206 -17.67 -33.50 28.27
C ALA B 206 -16.41 -32.64 28.36
N ALA B 207 -15.40 -33.08 29.11
CA ALA B 207 -14.19 -32.27 29.25
C ALA B 207 -13.43 -32.17 27.93
N ASP B 208 -13.36 -33.26 27.18
CA ASP B 208 -12.62 -33.25 25.92
C ASP B 208 -13.23 -32.29 24.90
N ASN B 209 -14.55 -32.12 24.91
CA ASN B 209 -15.23 -31.30 23.91
C ASN B 209 -15.00 -29.83 24.22
N PHE B 210 -13.81 -29.37 23.90
CA PHE B 210 -13.45 -27.96 23.99
C PHE B 210 -12.57 -27.59 22.82
N LEU B 211 -12.62 -26.32 22.44
CA LEU B 211 -11.79 -25.82 21.36
C LEU B 211 -10.32 -25.94 21.74
N ASP B 212 -9.51 -26.39 20.79
CA ASP B 212 -8.09 -26.54 21.06
C ASP B 212 -7.46 -25.18 21.36
N PRO B 213 -6.59 -25.07 22.36
CA PRO B 213 -5.98 -23.76 22.63
C PRO B 213 -5.20 -23.21 21.46
N ASN B 214 -4.59 -24.07 20.63
CA ASN B 214 -3.84 -23.59 19.48
C ASN B 214 -4.75 -22.89 18.49
N LYS B 215 -5.94 -23.44 18.25
CA LYS B 215 -6.87 -22.82 17.31
C LYS B 215 -7.31 -21.45 17.80
N ALA B 216 -7.56 -21.31 19.09
CA ALA B 216 -8.00 -20.04 19.65
C ALA B 216 -6.87 -19.01 19.56
N SER B 217 -7.19 -17.78 19.96
CA SER B 217 -6.24 -16.70 19.88
C SER B 217 -5.04 -16.95 20.78
N SER B 218 -3.89 -16.37 20.41
CA SER B 218 -2.65 -16.63 21.14
C SER B 218 -2.73 -16.09 22.56
N LEU B 219 -3.44 -14.98 22.77
CA LEU B 219 -3.43 -14.35 24.08
C LEU B 219 -4.07 -15.24 25.13
N LEU B 220 -5.15 -15.94 24.78
CA LEU B 220 -5.92 -16.66 25.78
C LEU B 220 -5.06 -17.69 26.51
N SER B 221 -4.29 -18.48 25.77
CA SER B 221 -3.53 -19.58 26.34
C SER B 221 -2.09 -19.21 26.62
N SER B 222 -1.44 -18.52 25.71
CA SER B 222 -0.02 -18.24 25.80
C SER B 222 0.29 -16.92 26.50
N GLY B 223 -0.73 -16.19 26.94
CA GLY B 223 -0.52 -14.95 27.66
C GLY B 223 -0.42 -13.75 26.74
N PHE B 224 -0.46 -12.58 27.37
CA PHE B 224 -0.38 -11.30 26.67
C PHE B 224 0.76 -10.48 27.25
N SER B 225 1.64 -9.98 26.37
CA SER B 225 2.75 -9.16 26.79
C SER B 225 2.38 -7.69 26.60
N PRO B 226 2.26 -6.90 27.66
CA PRO B 226 1.90 -5.49 27.50
C PRO B 226 3.11 -4.61 27.27
N ASP B 227 2.83 -3.43 26.69
CA ASP B 227 3.85 -2.40 26.49
C ASP B 227 3.15 -1.05 26.63
N PHE B 228 3.18 -0.50 27.83
CA PHE B 228 2.59 0.79 28.11
C PHE B 228 3.63 1.70 28.73
N ALA B 229 3.64 2.96 28.31
CA ALA B 229 4.61 3.94 28.75
C ALA B 229 3.88 5.10 29.42
N THR B 230 4.39 5.52 30.57
CA THR B 230 3.90 6.70 31.28
C THR B 230 5.09 7.54 31.71
N VAL B 231 4.88 8.84 31.84
CA VAL B 231 5.90 9.77 32.30
C VAL B 231 5.40 10.48 33.54
N ILE B 232 6.27 10.56 34.55
CA ILE B 232 5.96 11.20 35.83
C ILE B 232 6.87 12.40 35.99
N THR B 233 6.30 13.55 36.34
CA THR B 233 7.05 14.77 36.57
C THR B 233 6.84 15.25 37.99
N MET B 234 7.93 15.70 38.62
CA MET B 234 7.91 16.22 39.97
C MET B 234 8.74 17.49 40.04
N ASP B 235 8.26 18.48 40.78
CA ASP B 235 8.92 19.77 40.82
C ASP B 235 10.33 19.63 41.39
N ARG B 236 11.26 20.43 40.88
CA ARG B 236 12.65 20.35 41.30
C ARG B 236 12.91 21.04 42.63
N LYS B 237 11.95 21.81 43.15
CA LYS B 237 12.11 22.49 44.43
C LYS B 237 11.33 21.82 45.54
N ALA B 238 10.81 20.62 45.32
CA ALA B 238 10.04 19.93 46.35
C ALA B 238 10.89 19.67 47.58
N SER B 239 10.29 19.84 48.76
CA SER B 239 11.01 19.63 50.00
C SER B 239 11.43 18.16 50.15
N LYS B 240 10.53 17.24 49.82
CA LYS B 240 10.81 15.81 49.92
C LYS B 240 11.05 15.23 48.53
N GLN B 241 12.18 14.55 48.37
CA GLN B 241 12.59 14.02 47.08
C GLN B 241 12.33 12.53 46.95
N GLN B 242 11.57 11.94 47.86
CA GLN B 242 11.22 10.52 47.81
C GLN B 242 9.76 10.37 47.42
N THR B 243 9.50 9.47 46.48
CA THR B 243 8.16 9.22 45.98
C THR B 243 7.89 7.72 45.97
N ASN B 244 6.63 7.35 46.19
CA ASN B 244 6.21 5.96 46.22
C ASN B 244 5.25 5.69 45.07
N ILE B 245 5.43 4.56 44.40
CA ILE B 245 4.59 4.16 43.28
C ILE B 245 4.01 2.78 43.55
N ASP B 246 2.86 2.51 42.95
CA ASP B 246 2.23 1.21 43.03
C ASP B 246 1.93 0.72 41.61
N VAL B 247 2.18 -0.56 41.37
CA VAL B 247 1.98 -1.16 40.06
C VAL B 247 1.04 -2.36 40.23
N ILE B 248 0.01 -2.42 39.39
CA ILE B 248 -0.98 -3.48 39.44
C ILE B 248 -1.01 -4.17 38.09
N TYR B 249 -1.15 -5.49 38.11
CA TYR B 249 -1.22 -6.32 36.92
C TYR B 249 -2.43 -7.24 36.99
N GLU B 250 -3.57 -6.70 37.44
CA GLU B 250 -4.74 -7.54 37.65
C GLU B 250 -5.23 -8.14 36.34
N ARG B 251 -5.71 -9.38 36.43
CA ARG B 251 -6.25 -10.10 35.29
C ARG B 251 -7.59 -10.70 35.69
N VAL B 252 -8.55 -10.63 34.78
CA VAL B 252 -9.91 -11.12 35.02
C VAL B 252 -10.16 -12.32 34.14
N ARG B 253 -10.70 -13.38 34.74
CA ARG B 253 -11.06 -14.60 34.03
C ARG B 253 -12.58 -14.72 33.94
N ASP B 254 -13.03 -15.80 33.33
CA ASP B 254 -14.45 -16.09 33.16
C ASP B 254 -14.66 -17.58 33.31
N ASP B 255 -15.92 -17.96 33.49
CA ASP B 255 -16.31 -19.36 33.59
C ASP B 255 -17.14 -19.74 32.38
N TYR B 256 -16.73 -20.81 31.70
CA TYR B 256 -17.45 -21.32 30.55
C TYR B 256 -17.78 -22.79 30.82
N GLN B 257 -19.07 -23.12 30.75
CA GLN B 257 -19.56 -24.45 31.07
C GLN B 257 -20.38 -24.98 29.90
N LEU B 258 -20.10 -26.22 29.52
CA LEU B 258 -20.89 -26.92 28.51
C LEU B 258 -21.90 -27.82 29.19
N HIS B 259 -23.11 -27.88 28.65
CA HIS B 259 -24.18 -28.69 29.18
C HIS B 259 -24.80 -29.53 28.08
N TRP B 260 -24.87 -30.84 28.28
CA TRP B 260 -25.57 -31.75 27.38
C TRP B 260 -27.01 -31.85 27.85
N THR B 261 -27.94 -31.29 27.08
CA THR B 261 -29.34 -31.29 27.51
C THR B 261 -30.02 -32.62 27.20
N SER B 262 -30.20 -32.93 25.92
CA SER B 262 -30.65 -34.26 25.54
C SER B 262 -29.86 -34.86 24.38
N THR B 263 -29.55 -34.05 23.35
CA THR B 263 -28.85 -34.51 22.17
C THR B 263 -27.59 -33.70 21.89
N ASN B 264 -27.69 -32.38 21.94
CA ASN B 264 -26.61 -31.48 21.55
C ASN B 264 -25.96 -30.85 22.77
N TRP B 265 -24.80 -30.24 22.55
CA TRP B 265 -24.08 -29.55 23.60
C TRP B 265 -24.59 -28.13 23.74
N LYS B 266 -24.74 -27.68 24.99
CA LYS B 266 -25.17 -26.32 25.29
C LYS B 266 -24.07 -25.62 26.09
N GLY B 267 -23.83 -24.36 25.77
CA GLY B 267 -22.78 -23.59 26.43
C GLY B 267 -23.32 -22.33 27.04
N THR B 268 -22.83 -22.04 28.25
CA THR B 268 -23.20 -20.82 28.97
C THR B 268 -21.95 -20.15 29.51
N ASN B 269 -21.98 -18.82 29.55
CA ASN B 269 -20.85 -18.01 29.97
C ASN B 269 -21.24 -17.18 31.19
N THR B 270 -20.37 -17.16 32.19
CA THR B 270 -20.55 -16.37 33.40
C THR B 270 -19.41 -15.36 33.48
N LYS B 271 -19.66 -14.16 32.97
CA LYS B 271 -18.61 -13.15 32.91
C LYS B 271 -18.21 -12.70 34.30
N ASP B 272 -16.93 -12.36 34.45
CA ASP B 272 -16.38 -11.83 35.70
C ASP B 272 -16.60 -12.81 36.85
N LYS B 273 -15.97 -13.98 36.73
CA LYS B 273 -16.06 -15.03 37.75
C LYS B 273 -14.98 -14.84 38.82
N TRP B 274 -13.72 -14.78 38.40
CA TRP B 274 -12.60 -14.61 39.32
C TRP B 274 -11.77 -13.41 38.88
N THR B 275 -11.07 -12.82 39.85
CA THR B 275 -10.15 -11.72 39.58
C THR B 275 -8.89 -11.93 40.38
N ASP B 276 -7.74 -11.78 39.73
CA ASP B 276 -6.44 -11.93 40.38
C ASP B 276 -5.70 -10.61 40.29
N ARG B 277 -5.19 -10.15 41.44
CA ARG B 277 -4.44 -8.90 41.50
C ARG B 277 -3.08 -9.15 42.15
N SER B 278 -2.05 -8.53 41.60
CA SER B 278 -0.68 -8.67 42.09
C SER B 278 -0.05 -7.27 42.09
N SER B 279 -0.11 -6.61 43.24
CA SER B 279 0.34 -5.23 43.38
C SER B 279 1.66 -5.20 44.14
N GLU B 280 2.64 -4.49 43.60
CA GLU B 280 3.90 -4.26 44.28
C GLU B 280 4.19 -2.77 44.33
N ARG B 281 4.75 -2.32 45.45
CA ARG B 281 5.03 -0.92 45.70
C ARG B 281 6.51 -0.64 45.47
N TYR B 282 6.80 0.28 44.57
CA TYR B 282 8.17 0.71 44.31
C TYR B 282 8.43 2.06 44.97
N LYS B 283 9.71 2.36 45.16
CA LYS B 283 10.16 3.59 45.79
C LYS B 283 11.06 4.35 44.83
N ILE B 284 10.84 5.67 44.74
CA ILE B 284 11.57 6.53 43.81
C ILE B 284 12.36 7.54 44.63
N ASP B 285 13.63 7.72 44.26
CA ASP B 285 14.52 8.70 44.89
C ASP B 285 15.00 9.64 43.78
N TRP B 286 14.34 10.80 43.67
CA TRP B 286 14.73 11.75 42.63
C TRP B 286 16.14 12.25 42.83
N GLU B 287 16.54 12.49 44.08
CA GLU B 287 17.88 13.01 44.34
C GLU B 287 18.96 12.06 43.83
N LYS B 288 18.80 10.77 44.10
CA LYS B 288 19.77 9.77 43.66
C LYS B 288 19.49 9.26 42.25
N GLU B 289 18.35 9.60 41.66
CA GLU B 289 17.98 9.15 40.32
C GLU B 289 18.04 7.63 40.23
N GLU B 290 17.21 6.99 41.04
CA GLU B 290 17.18 5.53 41.08
C GLU B 290 15.84 5.06 41.63
N MET B 291 15.33 3.99 41.05
CA MET B 291 14.11 3.34 41.51
C MET B 291 14.48 1.93 41.96
N THR B 292 14.29 1.66 43.26
CA THR B 292 14.70 0.39 43.83
C THR B 292 13.59 -0.18 44.71
N ASN B 293 13.19 -1.41 44.43
CA ASN B 293 12.33 -2.18 45.30
C ASN B 293 12.12 -3.58 44.74
N ALA C 1 5.86 4.58 21.03
CA ALA C 1 6.87 5.42 20.34
C ALA C 1 7.42 6.49 21.28
N ASP C 2 8.74 6.45 21.52
CA ASP C 2 9.36 7.41 22.41
C ASP C 2 9.20 8.83 21.92
N SER C 3 8.95 9.02 20.62
CA SER C 3 8.79 10.36 20.07
C SER C 3 7.38 10.91 20.24
N ASP C 4 6.41 10.08 20.61
CA ASP C 4 5.05 10.55 20.80
C ASP C 4 4.84 11.20 22.16
N ILE C 5 5.84 11.15 23.04
CA ILE C 5 5.78 11.77 24.35
C ILE C 5 6.54 13.09 24.39
N ASN C 6 7.04 13.53 23.24
CA ASN C 6 7.89 14.71 23.08
C ASN C 6 9.33 14.41 23.49
N ILE C 7 9.61 13.21 23.99
CA ILE C 7 10.98 12.82 24.29
C ILE C 7 11.72 12.62 22.98
N LYS C 8 12.91 13.19 22.88
CA LYS C 8 13.69 13.02 21.66
C LYS C 8 13.92 11.54 21.40
N THR C 9 13.76 11.14 20.13
CA THR C 9 13.85 9.74 19.78
C THR C 9 15.20 9.16 20.18
N GLY C 10 15.17 7.97 20.77
CA GLY C 10 16.38 7.28 21.16
C GLY C 10 16.99 7.75 22.46
N THR C 11 16.37 8.71 23.15
CA THR C 11 16.93 9.17 24.42
C THR C 11 16.89 8.07 25.47
N THR C 12 15.81 7.30 25.51
CA THR C 12 15.63 6.28 26.52
C THR C 12 16.36 4.98 26.20
N ASP C 13 16.96 4.87 25.01
CA ASP C 13 17.67 3.65 24.66
C ASP C 13 18.98 3.55 25.44
N ILE C 14 19.51 2.34 25.49
CA ILE C 14 20.70 2.01 26.25
C ILE C 14 21.72 1.38 25.32
N GLY C 15 22.99 1.74 25.48
CA GLY C 15 24.04 1.21 24.64
C GLY C 15 24.91 2.30 24.06
N SER C 16 24.64 3.54 24.42
CA SER C 16 25.42 4.67 23.94
C SER C 16 26.78 4.73 24.63
N ASN C 17 27.78 5.18 23.89
CA ASN C 17 29.12 5.43 24.41
C ASN C 17 29.62 4.27 25.27
N THR C 18 29.49 3.06 24.72
CA THR C 18 29.98 1.87 25.41
C THR C 18 30.49 0.88 24.39
N THR C 19 31.39 0.00 24.85
CA THR C 19 31.97 -1.04 24.02
C THR C 19 31.32 -2.37 24.34
N VAL C 20 30.79 -3.05 23.33
CA VAL C 20 30.11 -4.32 23.48
C VAL C 20 31.01 -5.41 22.93
N LYS C 21 31.28 -6.42 23.75
CA LYS C 21 32.09 -7.57 23.36
C LYS C 21 31.15 -8.68 22.93
N THR C 22 30.93 -8.79 21.62
CA THR C 22 30.04 -9.80 21.08
C THR C 22 30.78 -11.13 20.98
N GLY C 23 30.13 -12.13 20.40
CA GLY C 23 30.75 -13.43 20.24
C GLY C 23 29.87 -14.33 19.40
N ASP C 24 30.22 -15.61 19.39
CA ASP C 24 29.50 -16.58 18.59
C ASP C 24 29.86 -17.98 19.03
N LEU C 25 28.89 -18.88 18.97
CA LEU C 25 29.12 -20.30 19.25
C LEU C 25 28.27 -21.12 18.28
N VAL C 26 28.90 -22.09 17.64
CA VAL C 26 28.23 -22.95 16.67
C VAL C 26 28.50 -24.39 17.04
N THR C 27 27.43 -25.20 17.12
CA THR C 27 27.56 -26.62 17.37
C THR C 27 26.43 -27.33 16.63
N TYR C 28 26.76 -28.48 16.03
CA TYR C 28 25.82 -29.25 15.22
C TYR C 28 25.61 -30.61 15.85
N ASP C 29 24.34 -31.01 15.97
CA ASP C 29 23.96 -32.31 16.51
C ASP C 29 23.61 -33.24 15.35
N LYS C 30 24.60 -34.02 14.89
CA LYS C 30 24.39 -34.90 13.75
C LYS C 30 23.25 -35.88 14.01
N GLU C 31 23.06 -36.29 15.26
CA GLU C 31 22.01 -37.25 15.56
C GLU C 31 20.63 -36.70 15.23
N ASN C 32 20.41 -35.42 15.53
CA ASN C 32 19.11 -34.79 15.32
C ASN C 32 19.11 -33.77 14.20
N GLY C 33 20.28 -33.43 13.64
CA GLY C 33 20.34 -32.49 12.55
C GLY C 33 19.84 -31.11 12.92
N MET C 34 20.28 -30.61 14.07
CA MET C 34 19.87 -29.30 14.59
C MET C 34 21.09 -28.40 14.63
N HIS C 35 21.28 -27.59 13.60
CA HIS C 35 22.42 -26.68 13.51
C HIS C 35 22.16 -25.48 14.41
N LYS C 36 22.21 -25.75 15.72
CA LYS C 36 21.95 -24.70 16.70
C LYS C 36 23.09 -23.69 16.73
N LYS C 37 22.73 -22.44 17.02
CA LYS C 37 23.69 -21.35 17.09
C LYS C 37 23.19 -20.32 18.09
N VAL C 38 24.12 -19.70 18.79
CA VAL C 38 23.81 -18.62 19.72
C VAL C 38 24.74 -17.45 19.42
N PHE C 39 24.17 -16.25 19.32
CA PHE C 39 24.93 -15.03 19.10
C PHE C 39 24.63 -14.08 20.27
N TYR C 40 25.61 -13.86 21.12
CA TYR C 40 25.43 -13.06 22.32
C TYR C 40 26.13 -11.71 22.18
N SER C 41 25.89 -10.84 23.16
CA SER C 41 26.49 -9.51 23.19
C SER C 41 26.43 -8.98 24.61
N PHE C 42 27.59 -8.63 25.17
CA PHE C 42 27.67 -8.10 26.53
C PHE C 42 27.57 -6.59 26.49
N ILE C 43 26.50 -6.05 27.06
CA ILE C 43 26.30 -4.61 27.18
C ILE C 43 26.34 -4.25 28.66
N ASP C 44 27.26 -3.36 29.02
CA ASP C 44 27.40 -2.88 30.40
C ASP C 44 27.56 -1.37 30.34
N ASP C 45 26.43 -0.65 30.35
CA ASP C 45 26.44 0.79 30.33
C ASP C 45 26.48 1.34 31.75
N LYS C 46 27.46 2.19 32.04
N LYS C 46 27.44 2.21 32.02
CA LYS C 46 27.58 2.76 33.37
CA LYS C 46 27.57 2.77 33.37
C LYS C 46 26.32 3.53 33.78
C LYS C 46 26.31 3.51 33.78
N ASN C 47 25.63 4.13 32.82
CA ASN C 47 24.37 4.80 33.13
C ASN C 47 23.25 3.83 33.43
N HIS C 48 23.46 2.53 33.19
CA HIS C 48 22.43 1.54 33.45
C HIS C 48 22.47 1.11 34.92
N ASN C 49 21.59 0.18 35.27
CA ASN C 49 21.47 -0.32 36.63
C ASN C 49 21.96 -1.75 36.80
N LYS C 50 21.84 -2.57 35.77
CA LYS C 50 22.29 -3.95 35.81
C LYS C 50 23.04 -4.28 34.53
N LYS C 51 23.93 -5.26 34.61
CA LYS C 51 24.58 -5.75 33.42
C LYS C 51 23.56 -6.42 32.51
N LEU C 52 23.82 -6.34 31.20
CA LEU C 52 22.90 -6.88 30.20
C LEU C 52 23.60 -7.92 29.34
N LEU C 53 22.80 -8.80 28.74
CA LEU C 53 23.30 -9.83 27.86
C LEU C 53 22.14 -10.31 27.00
N VAL C 54 22.30 -10.25 25.68
CA VAL C 54 21.27 -10.62 24.74
C VAL C 54 21.71 -11.89 24.03
N ILE C 55 20.84 -12.90 24.03
CA ILE C 55 21.11 -14.18 23.39
C ILE C 55 20.18 -14.32 22.20
N ARG C 56 20.75 -14.42 21.01
CA ARG C 56 20.00 -14.59 19.77
C ARG C 56 20.21 -16.02 19.28
N THR C 57 19.24 -16.89 19.59
CA THR C 57 19.34 -18.31 19.25
C THR C 57 18.85 -18.52 17.82
N LYS C 58 19.67 -18.06 16.87
CA LYS C 58 19.33 -18.16 15.45
C LYS C 58 19.22 -19.63 15.05
N GLY C 59 20.34 -20.35 15.11
CA GLY C 59 20.34 -21.78 14.85
C GLY C 59 19.59 -22.19 13.60
N THR C 60 19.23 -23.47 13.53
CA THR C 60 18.40 -23.99 12.44
C THR C 60 18.03 -25.43 12.76
N ILE C 61 16.82 -25.84 12.37
CA ILE C 61 16.29 -27.16 12.67
C ILE C 61 15.89 -27.83 11.37
N ALA C 62 16.26 -29.11 11.22
CA ALA C 62 15.94 -29.84 10.02
C ALA C 62 14.44 -30.18 9.97
N GLY C 63 14.00 -30.66 8.81
CA GLY C 63 12.61 -30.98 8.60
C GLY C 63 12.26 -32.41 8.96
N GLN C 64 13.05 -33.37 8.48
CA GLN C 64 12.81 -34.79 8.72
C GLN C 64 11.43 -35.20 8.21
N TYR C 65 11.25 -35.07 6.90
CA TYR C 65 10.01 -35.42 6.23
C TYR C 65 10.30 -36.59 5.29
N ARG C 66 9.98 -37.80 5.73
CA ARG C 66 10.24 -38.99 4.91
C ARG C 66 9.30 -40.10 5.35
N VAL C 67 9.17 -41.11 4.50
CA VAL C 67 8.33 -42.27 4.79
C VAL C 67 9.14 -43.21 5.66
N TYR C 68 8.83 -43.25 6.96
CA TYR C 68 9.62 -44.06 7.88
C TYR C 68 9.41 -45.54 7.65
N SER C 69 8.18 -45.96 7.36
CA SER C 69 7.88 -47.38 7.17
C SER C 69 6.95 -47.55 5.98
N GLU C 70 7.17 -48.61 5.21
CA GLU C 70 6.32 -49.00 4.10
C GLU C 70 6.07 -50.50 4.20
N GLU C 71 4.80 -50.89 4.06
CA GLU C 71 4.39 -52.29 4.16
C GLU C 71 3.59 -52.65 2.92
N GLY C 72 4.32 -53.04 1.86
CA GLY C 72 3.65 -53.42 0.64
C GLY C 72 2.83 -52.27 0.08
N ALA C 73 1.83 -52.65 -0.72
CA ALA C 73 0.89 -51.68 -1.29
C ALA C 73 -0.35 -51.51 -0.44
N ASN C 74 -0.48 -52.27 0.65
CA ASN C 74 -1.68 -52.17 1.48
C ASN C 74 -1.69 -50.87 2.28
N LYS C 75 -0.56 -50.51 2.87
CA LYS C 75 -0.49 -49.30 3.68
C LYS C 75 0.96 -48.87 3.83
N SER C 76 1.14 -47.60 4.19
CA SER C 76 2.47 -47.06 4.44
C SER C 76 2.33 -45.87 5.38
N GLY C 77 3.43 -45.55 6.06
CA GLY C 77 3.48 -44.47 7.02
C GLY C 77 4.27 -43.27 6.51
N LEU C 78 4.25 -42.22 7.33
CA LEU C 78 4.94 -40.99 7.01
C LEU C 78 5.09 -40.16 8.28
N ALA C 79 6.30 -39.61 8.48
CA ALA C 79 6.61 -38.79 9.64
C ALA C 79 6.95 -37.39 9.19
N TRP C 80 6.30 -36.40 9.78
CA TRP C 80 6.53 -35.00 9.47
C TRP C 80 6.57 -34.19 10.76
N PRO C 81 7.26 -33.05 10.77
CA PRO C 81 7.36 -32.23 11.98
C PRO C 81 6.08 -31.46 12.24
N SER C 82 5.43 -31.77 13.36
CA SER C 82 4.20 -31.06 13.71
C SER C 82 4.50 -29.67 14.28
N ALA C 83 5.56 -29.53 15.05
CA ALA C 83 5.83 -28.28 15.73
C ALA C 83 7.30 -28.20 16.09
N PHE C 84 7.85 -26.99 15.98
CA PHE C 84 9.22 -26.70 16.39
C PHE C 84 9.20 -25.88 17.67
N LYS C 85 10.23 -26.07 18.49
CA LYS C 85 10.31 -25.39 19.77
C LYS C 85 11.76 -25.07 20.11
N VAL C 86 11.94 -23.95 20.80
CA VAL C 86 13.26 -23.55 21.29
C VAL C 86 13.03 -22.73 22.54
N GLN C 87 13.75 -23.05 23.61
CA GLN C 87 13.54 -22.39 24.89
C GLN C 87 14.86 -22.29 25.64
N LEU C 88 14.92 -21.32 26.55
CA LEU C 88 16.10 -21.06 27.36
C LEU C 88 15.72 -21.16 28.83
N GLN C 89 16.56 -21.84 29.61
CA GLN C 89 16.29 -22.07 31.02
C GLN C 89 17.54 -21.79 31.83
N LEU C 90 17.34 -21.42 33.09
CA LEU C 90 18.40 -21.11 34.03
C LEU C 90 18.28 -21.97 35.27
N PRO C 91 19.38 -22.20 35.99
CA PRO C 91 19.29 -22.95 37.24
C PRO C 91 18.37 -22.27 38.24
N ASP C 92 17.66 -23.09 39.01
CA ASP C 92 16.65 -22.55 39.92
C ASP C 92 17.29 -21.67 40.99
N ASN C 93 18.46 -22.06 41.49
CA ASN C 93 19.13 -21.30 42.53
C ASN C 93 19.93 -20.13 41.98
N GLU C 94 19.91 -19.93 40.66
CA GLU C 94 20.70 -18.88 40.05
C GLU C 94 20.14 -17.50 40.42
N VAL C 95 20.92 -16.47 40.12
CA VAL C 95 20.55 -15.10 40.46
C VAL C 95 20.19 -14.28 39.23
N ALA C 96 20.59 -14.69 38.03
CA ALA C 96 20.26 -13.94 36.83
C ALA C 96 18.76 -14.06 36.54
N GLN C 97 18.26 -13.14 35.74
CA GLN C 97 16.83 -13.09 35.43
C GLN C 97 16.62 -12.74 33.97
N ILE C 98 15.50 -13.23 33.42
CA ILE C 98 15.09 -12.92 32.06
C ILE C 98 14.33 -11.60 32.08
N SER C 99 14.71 -10.68 31.21
CA SER C 99 14.08 -9.36 31.16
C SER C 99 13.09 -9.24 30.01
N ASP C 100 13.54 -9.41 28.77
CA ASP C 100 12.70 -9.15 27.60
C ASP C 100 12.94 -10.21 26.53
N TYR C 101 12.11 -10.14 25.50
CA TYR C 101 12.16 -11.08 24.39
C TYR C 101 11.40 -10.47 23.23
N TYR C 102 12.03 -10.40 22.05
CA TYR C 102 11.46 -9.63 20.96
C TYR C 102 10.21 -10.28 20.38
N PRO C 103 10.27 -11.46 19.77
CA PRO C 103 9.05 -12.07 19.22
C PRO C 103 8.06 -12.41 20.31
N ARG C 104 6.93 -11.71 20.32
CA ARG C 104 5.92 -11.86 21.35
C ARG C 104 4.55 -11.96 20.72
N ASN C 105 3.61 -12.50 21.48
CA ASN C 105 2.25 -12.66 20.98
C ASN C 105 1.68 -11.31 20.55
N SER C 106 0.97 -11.32 19.42
CA SER C 106 0.39 -10.10 18.86
C SER C 106 -1.08 -10.33 18.57
N ILE C 107 -1.87 -9.27 18.74
CA ILE C 107 -3.29 -9.35 18.45
C ILE C 107 -3.51 -9.55 16.96
N ASP C 108 -4.57 -10.25 16.60
CA ASP C 108 -4.92 -10.52 15.22
C ASP C 108 -6.23 -9.82 14.87
N THR C 109 -6.31 -9.34 13.64
CA THR C 109 -7.48 -8.60 13.15
C THR C 109 -8.15 -9.38 12.03
N LYS C 110 -9.46 -9.16 11.89
CA LYS C 110 -10.25 -9.79 10.85
C LYS C 110 -11.19 -8.76 10.25
N GLU C 111 -11.35 -8.81 8.93
CA GLU C 111 -12.26 -7.89 8.27
C GLU C 111 -13.70 -8.30 8.51
N TYR C 112 -14.62 -7.43 8.12
CA TYR C 112 -16.04 -7.72 8.23
C TYR C 112 -16.79 -6.83 7.24
N MET C 113 -17.92 -7.34 6.76
CA MET C 113 -18.68 -6.62 5.74
C MET C 113 -20.12 -7.12 5.74
N SER C 114 -21.07 -6.19 5.79
CA SER C 114 -22.49 -6.48 5.76
C SER C 114 -23.09 -5.87 4.51
N THR C 115 -23.92 -6.62 3.81
CA THR C 115 -24.54 -6.20 2.56
C THR C 115 -26.05 -6.29 2.67
N LEU C 116 -26.74 -5.25 2.22
CA LEU C 116 -28.19 -5.22 2.15
C LEU C 116 -28.60 -4.75 0.76
N THR C 117 -29.50 -5.49 0.12
CA THR C 117 -29.91 -5.19 -1.24
C THR C 117 -31.43 -5.24 -1.37
N TYR C 118 -31.97 -4.24 -2.06
CA TYR C 118 -33.37 -4.20 -2.47
C TYR C 118 -33.44 -4.43 -3.97
N GLY C 119 -34.61 -4.86 -4.44
CA GLY C 119 -34.80 -5.12 -5.85
C GLY C 119 -36.25 -5.01 -6.25
N PHE C 120 -36.46 -4.67 -7.52
CA PHE C 120 -37.79 -4.58 -8.10
C PHE C 120 -37.73 -5.12 -9.53
N ASN C 121 -38.87 -5.61 -10.01
CA ASN C 121 -38.92 -6.16 -11.36
C ASN C 121 -40.34 -6.05 -11.90
N GLY C 122 -40.44 -5.78 -13.19
CA GLY C 122 -41.72 -5.75 -13.86
C GLY C 122 -41.59 -5.98 -15.36
N ASN C 123 -42.37 -6.91 -15.91
CA ASN C 123 -42.27 -7.26 -17.32
C ASN C 123 -43.67 -7.41 -17.90
N VAL C 124 -43.75 -7.27 -19.22
CA VAL C 124 -44.98 -7.43 -19.98
C VAL C 124 -44.79 -8.57 -20.96
N THR C 125 -45.69 -9.54 -20.94
CA THR C 125 -45.62 -10.71 -21.82
C THR C 125 -46.77 -10.65 -22.81
N GLY C 126 -46.45 -10.85 -24.09
CA GLY C 126 -47.46 -10.89 -25.13
C GLY C 126 -47.05 -11.86 -26.22
N ASP C 127 -48.04 -12.38 -26.93
CA ASP C 127 -47.80 -13.38 -27.97
C ASP C 127 -48.55 -13.05 -29.25
N ASP C 128 -48.49 -13.97 -30.22
CA ASP C 128 -49.14 -13.74 -31.51
C ASP C 128 -50.65 -13.61 -31.36
N THR C 129 -51.25 -14.45 -30.51
CA THR C 129 -52.70 -14.44 -30.34
C THR C 129 -53.20 -13.20 -29.60
N GLY C 130 -52.31 -12.28 -29.22
CA GLY C 130 -52.72 -11.05 -28.59
C GLY C 130 -52.87 -11.10 -27.09
N LYS C 131 -52.62 -12.24 -26.46
CA LYS C 131 -52.66 -12.31 -25.00
C LYS C 131 -51.60 -11.39 -24.42
N ILE C 132 -51.97 -10.63 -23.41
CA ILE C 132 -51.06 -9.70 -22.73
C ILE C 132 -51.03 -10.07 -21.25
N GLY C 133 -49.83 -10.21 -20.70
CA GLY C 133 -49.66 -10.53 -19.30
C GLY C 133 -48.66 -9.62 -18.64
N GLY C 134 -48.78 -9.52 -17.31
CA GLY C 134 -47.91 -8.68 -16.53
C GLY C 134 -47.35 -9.45 -15.34
N LEU C 135 -46.28 -8.89 -14.78
CA LEU C 135 -45.63 -9.49 -13.62
C LEU C 135 -44.85 -8.41 -12.89
N ILE C 136 -45.11 -8.27 -11.59
CA ILE C 136 -44.41 -7.32 -10.74
C ILE C 136 -43.88 -8.07 -9.54
N GLY C 137 -42.58 -7.88 -9.24
CA GLY C 137 -41.97 -8.58 -8.12
C GLY C 137 -40.89 -7.75 -7.48
N ALA C 138 -40.47 -8.21 -6.30
CA ALA C 138 -39.45 -7.54 -5.51
C ALA C 138 -38.71 -8.58 -4.69
N ASN C 139 -37.51 -8.21 -4.23
CA ASN C 139 -36.70 -9.11 -3.44
C ASN C 139 -35.76 -8.31 -2.55
N VAL C 140 -35.32 -8.97 -1.48
CA VAL C 140 -34.37 -8.40 -0.53
C VAL C 140 -33.29 -9.43 -0.26
N SER C 141 -32.12 -8.94 0.12
CA SER C 141 -31.00 -9.82 0.42
C SER C 141 -30.10 -9.20 1.48
N ILE C 142 -29.58 -10.05 2.37
CA ILE C 142 -28.65 -9.63 3.41
C ILE C 142 -27.48 -10.58 3.38
N GLY C 143 -26.27 -10.03 3.51
CA GLY C 143 -25.07 -10.83 3.42
C GLY C 143 -23.96 -10.39 4.36
N HIS C 144 -23.40 -11.34 5.10
CA HIS C 144 -22.27 -11.09 5.99
C HIS C 144 -21.03 -11.75 5.41
N THR C 145 -19.95 -10.98 5.29
CA THR C 145 -18.70 -11.47 4.73
C THR C 145 -17.57 -11.22 5.73
N LEU C 146 -16.78 -12.25 6.00
CA LEU C 146 -15.68 -12.18 6.94
C LEU C 146 -14.47 -12.87 6.33
N LYS C 147 -13.33 -12.17 6.30
CA LYS C 147 -12.10 -12.69 5.74
C LYS C 147 -10.93 -12.37 6.67
N TYR C 148 -9.96 -13.28 6.72
CA TYR C 148 -8.79 -13.10 7.56
C TYR C 148 -7.63 -13.90 6.97
N VAL C 149 -6.43 -13.63 7.46
CA VAL C 149 -5.21 -14.25 6.99
C VAL C 149 -4.73 -15.22 8.06
N GLN C 150 -4.54 -16.48 7.68
CA GLN C 150 -4.10 -17.53 8.60
C GLN C 150 -2.84 -18.19 8.04
N PRO C 151 -1.67 -17.93 8.62
CA PRO C 151 -0.45 -18.56 8.10
C PRO C 151 -0.42 -20.06 8.38
N ASP C 152 0.35 -20.77 7.55
CA ASP C 152 0.49 -22.21 7.75
C ASP C 152 1.10 -22.51 9.10
N PHE C 153 2.17 -21.79 9.46
CA PHE C 153 2.83 -21.97 10.74
C PHE C 153 2.71 -20.69 11.54
N LYS C 154 2.22 -20.82 12.78
CA LYS C 154 1.91 -19.68 13.64
C LYS C 154 2.83 -19.72 14.84
N THR C 155 3.74 -18.75 14.92
CA THR C 155 4.67 -18.68 16.04
C THR C 155 3.93 -18.24 17.30
N ILE C 156 4.30 -18.85 18.43
CA ILE C 156 3.69 -18.55 19.72
C ILE C 156 4.79 -18.41 20.76
N LEU C 157 4.50 -17.64 21.79
CA LEU C 157 5.40 -17.44 22.92
C LEU C 157 4.79 -18.09 24.16
N GLU C 158 5.41 -19.16 24.63
CA GLU C 158 4.93 -19.82 25.84
C GLU C 158 5.09 -18.88 27.04
N SER C 159 4.25 -19.11 28.06
CA SER C 159 4.26 -18.28 29.26
C SER C 159 5.68 -18.09 29.78
N PRO C 160 6.25 -16.89 29.65
CA PRO C 160 7.64 -16.68 30.09
C PRO C 160 7.73 -16.43 31.58
N THR C 161 8.24 -17.41 32.31
CA THR C 161 8.57 -17.22 33.72
C THR C 161 9.96 -16.60 33.84
N ASP C 162 10.29 -16.19 35.07
CA ASP C 162 11.55 -15.48 35.29
C ASP C 162 12.75 -16.33 34.89
N LYS C 163 12.76 -17.60 35.30
CA LYS C 163 13.95 -18.41 35.13
C LYS C 163 14.07 -18.96 33.71
N LYS C 164 12.95 -19.24 33.04
CA LYS C 164 12.98 -19.78 31.70
C LYS C 164 11.97 -19.07 30.81
N VAL C 165 12.30 -18.99 29.53
CA VAL C 165 11.42 -18.46 28.50
C VAL C 165 11.51 -19.39 27.29
N GLY C 166 10.37 -19.64 26.66
CA GLY C 166 10.33 -20.57 25.55
C GLY C 166 9.36 -20.18 24.46
N TRP C 167 9.81 -20.27 23.21
CA TRP C 167 8.96 -20.01 22.06
C TRP C 167 8.39 -21.32 21.52
N LYS C 168 7.63 -21.22 20.43
CA LYS C 168 6.96 -22.39 19.89
C LYS C 168 6.49 -22.06 18.48
N VAL C 169 6.54 -23.08 17.62
CA VAL C 169 6.00 -22.98 16.26
C VAL C 169 5.14 -24.20 16.02
N ILE C 170 3.91 -23.98 15.56
CA ILE C 170 2.97 -25.08 15.37
C ILE C 170 2.48 -25.07 13.92
N PHE C 171 1.66 -26.06 13.58
CA PHE C 171 1.14 -26.24 12.24
C PHE C 171 -0.33 -25.84 12.23
N ASN C 172 -0.60 -24.61 11.80
CA ASN C 172 -1.99 -24.13 11.78
C ASN C 172 -2.83 -24.94 10.80
N ASN C 173 -2.46 -24.92 9.52
CA ASN C 173 -3.17 -25.68 8.50
C ASN C 173 -2.40 -25.52 7.19
N MET C 174 -2.74 -26.35 6.21
CA MET C 174 -2.07 -26.33 4.92
C MET C 174 -3.12 -26.46 3.81
N VAL C 175 -2.75 -25.96 2.64
CA VAL C 175 -3.57 -26.06 1.43
C VAL C 175 -2.92 -27.10 0.54
N ASN C 176 -3.70 -28.11 0.14
CA ASN C 176 -3.21 -29.22 -0.66
C ASN C 176 -3.87 -29.21 -2.03
N GLN C 177 -3.07 -29.23 -3.08
CA GLN C 177 -3.55 -29.35 -4.45
C GLN C 177 -4.65 -28.34 -4.74
N ASN C 178 -4.48 -27.13 -4.21
CA ASN C 178 -5.42 -26.05 -4.45
C ASN C 178 -6.81 -26.35 -3.93
N TRP C 179 -6.92 -27.24 -2.95
CA TRP C 179 -8.19 -27.57 -2.32
C TRP C 179 -8.30 -26.90 -0.97
N GLY C 180 -9.43 -27.12 -0.29
CA GLY C 180 -9.68 -26.50 0.98
C GLY C 180 -8.58 -26.80 1.98
N PRO C 181 -8.22 -25.81 2.80
CA PRO C 181 -7.11 -26.02 3.74
C PRO C 181 -7.47 -27.07 4.78
N TYR C 182 -6.57 -28.02 4.98
CA TYR C 182 -6.75 -29.07 5.97
C TYR C 182 -5.84 -28.82 7.16
N ASP C 183 -6.06 -29.61 8.22
CA ASP C 183 -5.26 -29.50 9.43
C ASP C 183 -5.23 -30.86 10.11
N ARG C 184 -4.59 -30.92 11.27
CA ARG C 184 -4.38 -32.21 11.93
C ARG C 184 -5.70 -32.87 12.29
N ASP C 185 -6.66 -32.10 12.77
CA ASP C 185 -7.93 -32.64 13.22
C ASP C 185 -8.99 -32.71 12.12
N SER C 186 -8.65 -32.30 10.89
CA SER C 186 -9.61 -32.40 9.81
C SER C 186 -9.94 -33.86 9.52
N TRP C 187 -11.23 -34.15 9.35
CA TRP C 187 -11.68 -35.51 9.13
C TRP C 187 -12.76 -35.53 8.05
N ASN C 188 -12.73 -36.58 7.24
CA ASN C 188 -13.75 -36.79 6.22
C ASN C 188 -14.24 -38.23 6.34
N PRO C 189 -15.56 -38.46 6.49
CA PRO C 189 -16.02 -39.83 6.73
C PRO C 189 -15.64 -40.81 5.62
N VAL C 190 -15.60 -40.36 4.37
CA VAL C 190 -15.30 -41.26 3.27
C VAL C 190 -13.80 -41.49 3.15
N TYR C 191 -13.04 -40.42 2.93
CA TYR C 191 -11.60 -40.52 2.75
C TYR C 191 -10.83 -40.37 4.05
N GLY C 192 -11.30 -39.52 4.95
CA GLY C 192 -10.58 -39.24 6.18
C GLY C 192 -9.74 -37.99 6.07
N ASN C 193 -8.72 -37.93 6.92
CA ASN C 193 -7.78 -36.82 6.89
C ASN C 193 -6.99 -36.83 5.59
N GLN C 194 -7.23 -35.85 4.72
CA GLN C 194 -6.59 -35.79 3.41
C GLN C 194 -5.46 -34.76 3.37
N LEU C 195 -4.78 -34.54 4.50
CA LEU C 195 -3.73 -33.52 4.54
C LEU C 195 -2.62 -33.83 3.54
N PHE C 196 -1.89 -34.92 3.78
CA PHE C 196 -0.82 -35.35 2.88
C PHE C 196 -1.28 -36.52 2.01
N MET C 197 -2.23 -36.23 1.12
CA MET C 197 -2.76 -37.22 0.20
C MET C 197 -2.45 -36.81 -1.22
N LYS C 198 -1.86 -37.73 -1.99
CA LYS C 198 -1.50 -37.45 -3.37
C LYS C 198 -2.72 -37.57 -4.29
N THR C 199 -3.32 -38.75 -4.34
CA THR C 199 -4.49 -39.00 -5.16
C THR C 199 -5.57 -39.64 -4.33
N ARG C 200 -6.82 -39.26 -4.59
CA ARG C 200 -7.93 -39.78 -3.81
C ARG C 200 -8.09 -41.29 -4.01
N ASN C 201 -7.99 -41.76 -5.25
CA ASN C 201 -8.18 -43.17 -5.56
C ASN C 201 -7.13 -43.64 -6.55
N GLY C 202 -5.88 -43.25 -6.34
CA GLY C 202 -4.81 -43.67 -7.22
C GLY C 202 -4.50 -45.16 -7.05
N SER C 203 -4.00 -45.76 -8.13
CA SER C 203 -3.67 -47.18 -8.15
C SER C 203 -2.18 -47.45 -7.93
N MET C 204 -1.39 -46.41 -7.68
CA MET C 204 0.04 -46.59 -7.49
C MET C 204 0.31 -47.29 -6.15
N LYS C 205 1.59 -47.47 -5.85
CA LYS C 205 1.97 -48.16 -4.63
C LYS C 205 1.63 -47.31 -3.41
N ALA C 206 1.47 -47.96 -2.27
CA ALA C 206 1.09 -47.25 -1.05
C ALA C 206 2.13 -46.20 -0.67
N ALA C 207 3.41 -46.56 -0.69
CA ALA C 207 4.45 -45.60 -0.30
C ALA C 207 4.53 -44.44 -1.27
N ASP C 208 4.40 -44.70 -2.57
CA ASP C 208 4.52 -43.64 -3.57
C ASP C 208 3.41 -42.61 -3.42
N ASN C 209 2.21 -43.03 -3.01
CA ASN C 209 1.05 -42.14 -2.95
C ASN C 209 1.19 -41.20 -1.74
N PHE C 210 2.07 -40.22 -1.90
CA PHE C 210 2.23 -39.16 -0.91
C PHE C 210 2.46 -37.84 -1.62
N LEU C 211 2.06 -36.76 -0.95
CA LEU C 211 2.27 -35.43 -1.50
C LEU C 211 3.77 -35.15 -1.66
N ASP C 212 4.14 -34.58 -2.79
CA ASP C 212 5.54 -34.27 -3.04
C ASP C 212 6.03 -33.26 -2.02
N PRO C 213 7.24 -33.44 -1.46
CA PRO C 213 7.73 -32.45 -0.48
C PRO C 213 7.84 -31.05 -1.05
N ASN C 214 8.14 -30.91 -2.34
CA ASN C 214 8.23 -29.59 -2.94
C ASN C 214 6.89 -28.87 -2.90
N LYS C 215 5.80 -29.58 -3.18
CA LYS C 215 4.48 -28.95 -3.17
C LYS C 215 4.13 -28.47 -1.77
N ALA C 216 4.46 -29.26 -0.75
CA ALA C 216 4.13 -28.89 0.62
C ALA C 216 4.95 -27.68 1.03
N SER C 217 4.69 -27.20 2.25
CA SER C 217 5.36 -26.02 2.77
C SER C 217 6.86 -26.26 2.92
N SER C 218 7.63 -25.18 2.83
CA SER C 218 9.09 -25.31 2.86
C SER C 218 9.57 -25.82 4.21
N LEU C 219 8.88 -25.46 5.30
CA LEU C 219 9.38 -25.81 6.62
C LEU C 219 9.39 -27.32 6.82
N LEU C 220 8.37 -28.01 6.33
CA LEU C 220 8.22 -29.43 6.66
C LEU C 220 9.43 -30.24 6.22
N SER C 221 9.90 -30.02 4.99
CA SER C 221 10.97 -30.83 4.43
C SER C 221 12.33 -30.17 4.55
N SER C 222 12.41 -28.88 4.28
CA SER C 222 13.68 -28.18 4.24
C SER C 222 14.08 -27.57 5.58
N GLY C 223 13.27 -27.73 6.61
CA GLY C 223 13.61 -27.23 7.93
C GLY C 223 13.14 -25.80 8.16
N PHE C 224 13.22 -25.38 9.41
CA PHE C 224 12.82 -24.05 9.84
C PHE C 224 13.98 -23.37 10.56
N SER C 225 14.31 -22.16 10.13
CA SER C 225 15.37 -21.39 10.75
C SER C 225 14.76 -20.43 11.75
N PRO C 226 15.01 -20.57 13.04
CA PRO C 226 14.43 -19.64 14.02
C PRO C 226 15.30 -18.40 14.23
N ASP C 227 14.64 -17.36 14.74
CA ASP C 227 15.32 -16.12 15.11
C ASP C 227 14.57 -15.55 16.31
N PHE C 228 15.06 -15.88 17.50
CA PHE C 228 14.47 -15.39 18.74
C PHE C 228 15.56 -14.72 19.57
N ALA C 229 15.21 -13.60 20.18
CA ALA C 229 16.15 -12.80 20.96
C ALA C 229 15.63 -12.70 22.39
N THR C 230 16.54 -12.90 23.35
CA THR C 230 16.25 -12.70 24.76
C THR C 230 17.38 -11.91 25.38
N VAL C 231 17.08 -11.19 26.45
CA VAL C 231 18.07 -10.40 27.18
C VAL C 231 18.08 -10.85 28.63
N ILE C 232 19.27 -11.07 29.17
CA ILE C 232 19.46 -11.52 30.54
C ILE C 232 20.20 -10.43 31.31
N THR C 233 19.68 -10.07 32.48
CA THR C 233 20.28 -9.07 33.33
C THR C 233 20.66 -9.67 34.68
N MET C 234 21.84 -9.31 35.17
CA MET C 234 22.34 -9.78 36.45
C MET C 234 22.94 -8.61 37.22
N ASP C 235 22.70 -8.56 38.52
CA ASP C 235 23.15 -7.43 39.32
C ASP C 235 24.67 -7.31 39.29
N ARG C 236 25.16 -6.08 39.30
CA ARG C 236 26.59 -5.83 39.22
C ARG C 236 27.31 -6.06 40.54
N LYS C 237 26.59 -6.21 41.64
CA LYS C 237 27.20 -6.45 42.95
C LYS C 237 27.08 -7.90 43.40
N ALA C 238 26.68 -8.81 42.51
CA ALA C 238 26.53 -10.21 42.87
C ALA C 238 27.86 -10.79 43.32
N SER C 239 27.81 -11.62 44.36
CA SER C 239 29.03 -12.23 44.87
C SER C 239 29.67 -13.17 43.84
N LYS C 240 28.84 -13.96 43.17
CA LYS C 240 29.32 -14.91 42.17
C LYS C 240 29.01 -14.37 40.77
N GLN C 241 30.03 -14.29 39.92
CA GLN C 241 29.91 -13.71 38.60
C GLN C 241 29.81 -14.77 37.50
N GLN C 242 29.61 -16.03 37.86
CA GLN C 242 29.47 -17.12 36.89
C GLN C 242 28.03 -17.57 36.85
N THR C 243 27.49 -17.73 35.64
CA THR C 243 26.12 -18.14 35.43
C THR C 243 26.07 -19.27 34.40
N ASN C 244 25.11 -20.16 34.58
CA ASN C 244 24.91 -21.30 33.70
C ASN C 244 23.60 -21.18 32.96
N ILE C 245 23.62 -21.48 31.66
CA ILE C 245 22.44 -21.41 30.82
C ILE C 245 22.23 -22.76 30.15
N ASP C 246 20.98 -23.05 29.81
CA ASP C 246 20.61 -24.24 29.07
C ASP C 246 19.80 -23.85 27.85
N VAL C 247 20.09 -24.48 26.72
CA VAL C 247 19.42 -24.19 25.45
C VAL C 247 18.82 -25.49 24.94
N ILE C 248 17.55 -25.44 24.55
CA ILE C 248 16.82 -26.61 24.05
C ILE C 248 16.29 -26.28 22.66
N TYR C 249 16.36 -27.26 21.78
CA TYR C 249 15.89 -27.14 20.40
C TYR C 249 14.96 -28.30 20.07
N GLU C 250 14.07 -28.64 21.00
CA GLU C 250 13.24 -29.82 20.81
C GLU C 250 12.31 -29.64 19.61
N ARG C 251 12.08 -30.74 18.90
CA ARG C 251 11.20 -30.77 17.74
C ARG C 251 10.26 -31.96 17.87
N VAL C 252 8.99 -31.75 17.53
CA VAL C 252 7.96 -32.77 17.65
C VAL C 252 7.51 -33.17 16.26
N ARG C 253 7.44 -34.48 16.02
CA ARG C 253 6.97 -35.03 14.77
C ARG C 253 5.59 -35.67 14.96
N ASP C 254 5.07 -36.23 13.88
CA ASP C 254 3.77 -36.89 13.88
C ASP C 254 3.83 -38.10 12.96
N ASP C 255 2.85 -38.97 13.09
CA ASP C 255 2.74 -40.15 12.25
C ASP C 255 1.52 -40.01 11.35
N TYR C 256 1.73 -40.18 10.04
CA TYR C 256 0.65 -40.13 9.07
C TYR C 256 0.66 -41.44 8.29
N GLN C 257 -0.46 -42.14 8.29
CA GLN C 257 -0.58 -43.44 7.67
C GLN C 257 -1.75 -43.43 6.70
N LEU C 258 -1.51 -43.96 5.49
CA LEU C 258 -2.56 -44.13 4.50
C LEU C 258 -3.03 -45.58 4.53
N HIS C 259 -4.34 -45.76 4.40
CA HIS C 259 -4.95 -47.09 4.41
C HIS C 259 -5.87 -47.23 3.21
N TRP C 260 -5.67 -48.29 2.44
CA TRP C 260 -6.57 -48.66 1.35
C TRP C 260 -7.63 -49.59 1.91
N THR C 261 -8.87 -49.10 1.99
CA THR C 261 -9.92 -49.93 2.60
C THR C 261 -10.49 -50.92 1.58
N SER C 262 -11.17 -50.44 0.55
CA SER C 262 -11.57 -51.31 -0.55
C SER C 262 -11.29 -50.70 -1.92
N THR C 263 -11.56 -49.41 -2.10
CA THR C 263 -11.39 -48.73 -3.37
C THR C 263 -10.51 -47.49 -3.26
N ASN C 264 -10.75 -46.65 -2.26
CA ASN C 264 -10.07 -45.37 -2.13
C ASN C 264 -9.05 -45.41 -1.00
N TRP C 265 -8.20 -44.40 -0.98
CA TRP C 265 -7.18 -44.27 0.06
C TRP C 265 -7.76 -43.57 1.27
N LYS C 266 -7.41 -44.06 2.45
CA LYS C 266 -7.84 -43.49 3.72
C LYS C 266 -6.62 -43.05 4.51
N GLY C 267 -6.71 -41.89 5.14
CA GLY C 267 -5.59 -41.34 5.88
C GLY C 267 -5.96 -41.05 7.32
N THR C 268 -5.04 -41.37 8.23
CA THR C 268 -5.22 -41.12 9.65
C THR C 268 -3.96 -40.48 10.20
N ASN C 269 -4.15 -39.60 11.19
CA ASN C 269 -3.06 -38.85 11.80
C ASN C 269 -2.99 -39.17 13.28
N THR C 270 -1.78 -39.41 13.77
CA THR C 270 -1.52 -39.67 15.18
C THR C 270 -0.61 -38.56 15.70
N LYS C 271 -1.21 -37.53 16.28
CA LYS C 271 -0.44 -36.37 16.71
C LYS C 271 0.47 -36.74 17.89
N ASP C 272 1.64 -36.08 17.93
CA ASP C 272 2.60 -36.26 19.02
C ASP C 272 3.03 -37.71 19.15
N LYS C 273 3.69 -38.19 18.10
CA LYS C 273 4.20 -39.57 18.05
C LYS C 273 5.61 -39.66 18.66
N TRP C 274 6.53 -38.86 18.14
CA TRP C 274 7.91 -38.84 18.63
C TRP C 274 8.29 -37.43 19.01
N THR C 275 9.27 -37.32 19.91
CA THR C 275 9.82 -36.03 20.31
C THR C 275 11.32 -36.16 20.43
N ASP C 276 12.04 -35.20 19.84
CA ASP C 276 13.50 -35.18 19.87
C ASP C 276 13.95 -33.92 20.60
N ARG C 277 14.84 -34.09 21.57
CA ARG C 277 15.37 -32.97 22.34
C ARG C 277 16.89 -32.99 22.29
N SER C 278 17.48 -31.82 22.14
CA SER C 278 18.94 -31.66 22.07
C SER C 278 19.31 -30.45 22.92
N SER C 279 19.66 -30.70 24.18
CA SER C 279 19.95 -29.66 25.15
C SER C 279 21.45 -29.57 25.38
N GLU C 280 21.99 -28.36 25.31
CA GLU C 280 23.38 -28.10 25.64
C GLU C 280 23.47 -27.00 26.68
N ARG C 281 24.40 -27.14 27.62
CA ARG C 281 24.56 -26.21 28.73
C ARG C 281 25.75 -25.29 28.43
N TYR C 282 25.49 -23.99 28.43
CA TYR C 282 26.53 -22.99 28.26
C TYR C 282 26.87 -22.35 29.60
N LYS C 283 28.06 -21.75 29.66
CA LYS C 283 28.57 -21.09 30.85
C LYS C 283 28.84 -19.64 30.55
N ILE C 284 28.43 -18.76 31.48
CA ILE C 284 28.57 -17.32 31.32
C ILE C 284 29.50 -16.80 32.40
N ASP C 285 30.44 -15.95 32.00
CA ASP C 285 31.37 -15.29 32.91
C ASP C 285 31.19 -13.78 32.75
N TRP C 286 30.41 -13.18 33.64
CA TRP C 286 30.16 -11.74 33.54
C TRP C 286 31.45 -10.95 33.72
N GLU C 287 32.32 -11.38 34.62
CA GLU C 287 33.55 -10.65 34.88
C GLU C 287 34.41 -10.56 33.62
N LYS C 288 34.56 -11.68 32.92
CA LYS C 288 35.37 -11.71 31.71
C LYS C 288 34.58 -11.33 30.45
N GLU C 289 33.25 -11.20 30.57
CA GLU C 289 32.40 -10.84 29.44
C GLU C 289 32.61 -11.82 28.28
N GLU C 290 32.31 -13.09 28.53
CA GLU C 290 32.50 -14.12 27.54
C GLU C 290 31.61 -15.31 27.86
N MET C 291 31.04 -15.91 26.82
CA MET C 291 30.24 -17.12 26.94
C MET C 291 30.96 -18.23 26.17
N THR C 292 31.39 -19.27 26.87
CA THR C 292 32.18 -20.33 26.26
C THR C 292 31.65 -21.68 26.69
N ASN C 293 31.34 -22.52 25.71
CA ASN C 293 31.05 -23.93 25.94
C ASN C 293 30.80 -24.63 24.62
N ALA D 1 13.80 -7.20 16.00
CA ALA D 1 14.29 -5.80 15.92
C ALA D 1 15.04 -5.41 17.18
N ASP D 2 16.32 -5.06 17.01
CA ASP D 2 17.14 -4.69 18.15
C ASP D 2 16.58 -3.47 18.88
N SER D 3 15.78 -2.65 18.21
CA SER D 3 15.21 -1.47 18.82
C SER D 3 13.96 -1.75 19.64
N ASP D 4 13.36 -2.93 19.51
CA ASP D 4 12.18 -3.27 20.28
C ASP D 4 12.50 -3.73 21.69
N ILE D 5 13.78 -3.89 22.01
CA ILE D 5 14.23 -4.29 23.34
C ILE D 5 14.74 -3.09 24.13
N ASN D 6 14.62 -1.88 23.58
CA ASN D 6 15.15 -0.64 24.13
C ASN D 6 16.65 -0.53 23.87
N ILE D 7 17.29 -1.54 23.29
CA ILE D 7 18.69 -1.44 22.91
C ILE D 7 18.80 -0.49 21.72
N LYS D 8 19.74 0.44 21.80
CA LYS D 8 19.92 1.37 20.70
C LYS D 8 20.21 0.60 19.42
N THR D 9 19.56 1.03 18.33
CA THR D 9 19.66 0.30 17.06
C THR D 9 21.13 0.20 16.63
N GLY D 10 21.52 -0.99 16.18
CA GLY D 10 22.86 -1.21 15.69
C GLY D 10 23.90 -1.45 16.75
N THR D 11 23.53 -1.44 18.03
CA THR D 11 24.51 -1.66 19.08
C THR D 11 25.07 -3.07 19.01
N THR D 12 24.24 -4.06 18.72
CA THR D 12 24.66 -5.45 18.70
C THR D 12 25.35 -5.85 17.40
N ASP D 13 25.37 -4.97 16.41
CA ASP D 13 26.01 -5.31 15.14
C ASP D 13 27.53 -5.34 15.31
N ILE D 14 28.19 -6.00 14.35
CA ILE D 14 29.62 -6.20 14.38
C ILE D 14 30.20 -5.67 13.07
N GLY D 15 31.36 -5.02 13.15
CA GLY D 15 31.99 -4.44 11.98
C GLY D 15 32.36 -2.99 12.18
N SER D 16 32.12 -2.47 13.37
CA SER D 16 32.46 -1.08 13.67
C SER D 16 33.96 -0.93 13.87
N ASN D 17 34.46 0.24 13.48
CA ASN D 17 35.86 0.63 13.72
C ASN D 17 36.82 -0.49 13.35
N THR D 18 36.64 -1.05 12.15
CA THR D 18 37.52 -2.09 11.65
C THR D 18 37.67 -1.95 10.15
N THR D 19 38.78 -2.47 9.63
CA THR D 19 39.08 -2.46 8.21
C THR D 19 38.81 -3.84 7.63
N VAL D 20 38.00 -3.88 6.58
CA VAL D 20 37.61 -5.13 5.93
C VAL D 20 38.33 -5.20 4.58
N LYS D 21 39.06 -6.29 4.36
CA LYS D 21 39.76 -6.51 3.10
C LYS D 21 38.88 -7.40 2.24
N THR D 22 38.13 -6.77 1.33
CA THR D 22 37.23 -7.49 0.44
C THR D 22 38.03 -8.06 -0.73
N GLY D 23 37.33 -8.66 -1.69
CA GLY D 23 37.98 -9.21 -2.85
C GLY D 23 36.95 -9.67 -3.86
N ASP D 24 37.43 -10.42 -4.85
CA ASP D 24 36.56 -10.89 -5.92
C ASP D 24 37.27 -11.98 -6.71
N LEU D 25 36.49 -12.95 -7.17
CA LEU D 25 37.01 -14.01 -8.04
C LEU D 25 35.95 -14.31 -9.08
N VAL D 26 36.35 -14.35 -10.34
CA VAL D 26 35.43 -14.63 -11.44
C VAL D 26 36.03 -15.74 -12.29
N THR D 27 35.23 -16.77 -12.57
CA THR D 27 35.63 -17.85 -13.45
C THR D 27 34.40 -18.35 -14.20
N TYR D 28 34.58 -18.64 -15.49
CA TYR D 28 33.50 -19.05 -16.36
C TYR D 28 33.76 -20.47 -16.87
N ASP D 29 32.74 -21.32 -16.80
CA ASP D 29 32.82 -22.70 -17.28
C ASP D 29 32.12 -22.76 -18.64
N LYS D 30 32.90 -22.64 -19.71
CA LYS D 30 32.33 -22.64 -21.05
C LYS D 30 31.56 -23.93 -21.32
N GLU D 31 31.99 -25.05 -20.74
CA GLU D 31 31.32 -26.32 -21.00
C GLU D 31 29.87 -26.26 -20.52
N ASN D 32 29.63 -25.66 -19.35
CA ASN D 32 28.31 -25.62 -18.77
C ASN D 32 27.68 -24.24 -18.78
N GLY D 33 28.43 -23.20 -19.18
CA GLY D 33 27.88 -21.86 -19.25
C GLY D 33 27.42 -21.34 -17.90
N MET D 34 28.25 -21.52 -16.87
CA MET D 34 27.94 -21.09 -15.52
C MET D 34 28.93 -20.01 -15.11
N HIS D 35 28.53 -18.75 -15.27
CA HIS D 35 29.39 -17.62 -14.93
C HIS D 35 29.40 -17.44 -13.41
N LYS D 36 30.04 -18.38 -12.75
CA LYS D 36 30.11 -18.36 -11.29
C LYS D 36 30.99 -17.23 -10.80
N LYS D 37 30.63 -16.68 -9.64
CA LYS D 37 31.37 -15.59 -9.03
C LYS D 37 31.23 -15.69 -7.52
N VAL D 38 32.28 -15.30 -6.81
CA VAL D 38 32.27 -15.24 -5.36
C VAL D 38 32.81 -13.88 -4.94
N PHE D 39 32.10 -13.23 -4.02
CA PHE D 39 32.52 -11.94 -3.46
C PHE D 39 32.63 -12.12 -1.95
N TYR D 40 33.85 -12.09 -1.44
CA TYR D 40 34.10 -12.34 -0.02
C TYR D 40 34.49 -11.04 0.69
N SER D 41 34.59 -11.14 2.02
CA SER D 41 34.95 -9.99 2.85
C SER D 41 35.46 -10.50 4.18
N PHE D 42 36.68 -10.14 4.55
CA PHE D 42 37.28 -10.57 5.81
C PHE D 42 36.97 -9.54 6.88
N ILE D 43 36.19 -9.93 7.88
CA ILE D 43 35.88 -9.09 9.04
C ILE D 43 36.52 -9.72 10.26
N ASP D 44 37.38 -8.96 10.93
CA ASP D 44 38.04 -9.40 12.16
C ASP D 44 37.96 -8.25 13.16
N ASP D 45 36.87 -8.23 13.93
CA ASP D 45 36.67 -7.21 14.95
C ASP D 45 37.25 -7.68 16.28
N LYS D 46 38.13 -6.87 16.85
N LYS D 46 38.12 -6.86 16.86
CA LYS D 46 38.75 -7.24 18.12
CA LYS D 46 38.74 -7.24 18.13
C LYS D 46 37.72 -7.45 19.22
C LYS D 46 37.70 -7.47 19.21
N ASN D 47 36.59 -6.74 19.16
CA ASN D 47 35.51 -6.96 20.12
C ASN D 47 34.78 -8.27 19.88
N HIS D 48 35.03 -8.93 18.75
CA HIS D 48 34.37 -10.18 18.45
C HIS D 48 35.10 -11.34 19.11
N ASN D 49 34.59 -12.56 18.89
CA ASN D 49 35.16 -13.77 19.46
C ASN D 49 35.84 -14.65 18.44
N LYS D 50 35.40 -14.65 17.19
CA LYS D 50 36.00 -15.46 16.15
C LYS D 50 36.15 -14.61 14.90
N LYS D 51 37.12 -14.98 14.05
CA LYS D 51 37.23 -14.33 12.75
C LYS D 51 36.01 -14.65 11.90
N LEU D 52 35.66 -13.71 11.03
CA LEU D 52 34.49 -13.84 10.18
C LEU D 52 34.88 -13.76 8.71
N LEU D 53 34.01 -14.32 7.88
CA LEU D 53 34.21 -14.30 6.44
C LEU D 53 32.87 -14.58 5.78
N VAL D 54 32.43 -13.67 4.91
CA VAL D 54 31.14 -13.78 4.24
C VAL D 54 31.39 -14.05 2.77
N ILE D 55 30.76 -15.09 2.24
CA ILE D 55 30.89 -15.48 0.84
C ILE D 55 29.54 -15.23 0.16
N ARG D 56 29.55 -14.35 -0.84
CA ARG D 56 28.37 -14.01 -1.62
C ARG D 56 28.52 -14.63 -3.00
N THR D 57 27.92 -15.80 -3.21
CA THR D 57 28.05 -16.53 -4.47
C THR D 57 27.01 -16.01 -5.46
N LYS D 58 27.26 -14.79 -5.94
CA LYS D 58 26.36 -14.15 -6.89
C LYS D 58 26.27 -14.96 -8.18
N GLY D 59 27.39 -15.04 -8.90
CA GLY D 59 27.47 -15.87 -10.09
C GLY D 59 26.31 -15.71 -11.04
N THR D 60 26.12 -16.69 -11.92
CA THR D 60 24.99 -16.72 -12.83
C THR D 60 24.99 -18.05 -13.57
N ILE D 61 23.80 -18.57 -13.86
CA ILE D 61 23.63 -19.88 -14.47
C ILE D 61 22.79 -19.71 -15.73
N ALA D 62 23.22 -20.37 -16.82
CA ALA D 62 22.51 -20.28 -18.08
C ALA D 62 21.21 -21.08 -18.01
N GLY D 63 20.37 -20.88 -19.03
CA GLY D 63 19.08 -21.54 -19.09
C GLY D 63 19.12 -22.88 -19.79
N GLN D 64 19.74 -22.93 -20.97
CA GLN D 64 19.82 -24.15 -21.76
C GLN D 64 18.43 -24.68 -22.08
N TYR D 65 17.67 -23.87 -22.84
CA TYR D 65 16.32 -24.20 -23.26
C TYR D 65 16.32 -24.32 -24.78
N ARG D 66 16.39 -25.55 -25.29
CA ARG D 66 16.43 -25.78 -26.72
C ARG D 66 15.93 -27.18 -27.01
N VAL D 67 15.57 -27.42 -28.27
CA VAL D 67 15.10 -28.73 -28.72
C VAL D 67 16.34 -29.58 -28.99
N TYR D 68 16.63 -30.52 -28.08
CA TYR D 68 17.84 -31.31 -28.21
C TYR D 68 17.75 -32.28 -29.39
N SER D 69 16.58 -32.88 -29.60
CA SER D 69 16.42 -33.86 -30.67
C SER D 69 15.10 -33.64 -31.37
N GLU D 70 15.11 -33.82 -32.69
CA GLU D 70 13.91 -33.76 -33.52
C GLU D 70 13.92 -34.95 -34.46
N GLU D 71 12.79 -35.64 -34.55
CA GLU D 71 12.66 -36.84 -35.40
C GLU D 71 11.45 -36.64 -36.30
N GLY D 72 11.68 -35.99 -37.45
CA GLY D 72 10.61 -35.79 -38.38
C GLY D 72 9.48 -34.98 -37.76
N ALA D 73 8.29 -35.15 -38.34
CA ALA D 73 7.08 -34.52 -37.83
C ALA D 73 6.32 -35.41 -36.86
N ASN D 74 6.78 -36.64 -36.64
CA ASN D 74 6.07 -37.55 -35.75
C ASN D 74 6.23 -37.13 -34.30
N LYS D 75 7.45 -36.81 -33.90
CA LYS D 75 7.70 -36.43 -32.51
C LYS D 75 9.00 -35.64 -32.43
N SER D 76 9.15 -34.92 -31.33
CA SER D 76 10.37 -34.16 -31.06
C SER D 76 10.51 -33.96 -29.56
N GLY D 77 11.74 -33.71 -29.13
CA GLY D 77 12.06 -33.53 -27.72
C GLY D 77 12.37 -32.08 -27.38
N LEU D 78 12.58 -31.86 -26.09
CA LEU D 78 12.89 -30.54 -25.57
C LEU D 78 13.47 -30.67 -24.17
N ALA D 79 14.56 -29.94 -23.91
CA ALA D 79 15.23 -29.95 -22.63
C ALA D 79 15.15 -28.56 -22.00
N TRP D 80 14.71 -28.51 -20.76
CA TRP D 80 14.59 -27.25 -20.03
C TRP D 80 15.08 -27.46 -18.60
N PRO D 81 15.55 -26.41 -17.94
CA PRO D 81 16.05 -26.53 -16.57
C PRO D 81 14.93 -26.66 -15.56
N SER D 82 14.88 -27.82 -14.89
CA SER D 82 13.85 -28.03 -13.88
C SER D 82 14.17 -27.29 -12.59
N ALA D 83 15.44 -27.24 -12.20
CA ALA D 83 15.81 -26.68 -10.92
C ALA D 83 17.26 -26.26 -10.94
N PHE D 84 17.55 -25.14 -10.28
CA PHE D 84 18.90 -24.64 -10.10
C PHE D 84 19.34 -24.85 -8.66
N LYS D 85 20.63 -25.07 -8.47
CA LYS D 85 21.17 -25.34 -7.15
C LYS D 85 22.57 -24.74 -7.03
N VAL D 86 22.89 -24.31 -5.81
CA VAL D 86 24.21 -23.81 -5.48
C VAL D 86 24.45 -24.09 -4.01
N GLN D 87 25.61 -24.67 -3.69
CA GLN D 87 25.89 -25.07 -2.32
C GLN D 87 27.38 -24.92 -2.04
N LEU D 88 27.70 -24.78 -0.76
CA LEU D 88 29.06 -24.62 -0.30
C LEU D 88 29.38 -25.73 0.70
N GLN D 89 30.57 -26.34 0.55
CA GLN D 89 30.96 -27.45 1.39
C GLN D 89 32.40 -27.25 1.85
N LEU D 90 32.72 -27.84 2.99
CA LEU D 90 34.03 -27.77 3.61
C LEU D 90 34.59 -29.17 3.85
N PRO D 91 35.90 -29.31 3.92
CA PRO D 91 36.48 -30.63 4.24
C PRO D 91 36.00 -31.12 5.59
N ASP D 92 35.81 -32.44 5.69
CA ASP D 92 35.24 -33.02 6.90
C ASP D 92 36.16 -32.80 8.10
N ASN D 93 37.46 -32.91 7.89
CA ASN D 93 38.43 -32.74 8.98
C ASN D 93 38.73 -31.29 9.26
N GLU D 94 38.12 -30.36 8.54
CA GLU D 94 38.42 -28.95 8.70
C GLU D 94 37.90 -28.44 10.05
N VAL D 95 38.32 -27.24 10.42
CA VAL D 95 37.96 -26.64 11.69
C VAL D 95 36.99 -25.48 11.54
N ALA D 96 36.88 -24.87 10.35
CA ALA D 96 35.96 -23.77 10.17
C ALA D 96 34.52 -24.28 10.22
N GLN D 97 33.60 -23.35 10.45
CA GLN D 97 32.19 -23.70 10.60
C GLN D 97 31.31 -22.66 9.91
N ILE D 98 30.16 -23.11 9.45
CA ILE D 98 29.14 -22.25 8.86
C ILE D 98 28.30 -21.66 9.97
N SER D 99 28.13 -20.34 9.96
CA SER D 99 27.38 -19.64 11.00
C SER D 99 25.98 -19.27 10.56
N ASP D 100 25.86 -18.46 9.50
CA ASP D 100 24.57 -17.91 9.09
C ASP D 100 24.45 -17.90 7.58
N TYR D 101 23.26 -17.56 7.12
CA TYR D 101 22.94 -17.52 5.70
C TYR D 101 21.67 -16.70 5.53
N TYR D 102 21.71 -15.68 4.65
CA TYR D 102 20.62 -14.72 4.60
C TYR D 102 19.35 -15.33 4.03
N PRO D 103 19.30 -15.75 2.76
CA PRO D 103 18.05 -16.31 2.24
C PRO D 103 17.68 -17.61 2.94
N ARG D 104 16.59 -17.58 3.70
CA ARG D 104 16.17 -18.71 4.50
C ARG D 104 14.68 -18.94 4.30
N ASN D 105 14.24 -20.15 4.65
CA ASN D 105 12.84 -20.51 4.50
C ASN D 105 11.97 -19.55 5.29
N SER D 106 10.85 -19.14 4.70
CA SER D 106 9.93 -18.21 5.32
C SER D 106 8.52 -18.77 5.27
N ILE D 107 7.75 -18.46 6.32
CA ILE D 107 6.37 -18.91 6.39
C ILE D 107 5.56 -18.23 5.30
N ASP D 108 4.54 -18.93 4.81
CA ASP D 108 3.66 -18.41 3.77
C ASP D 108 2.26 -18.24 4.32
N THR D 109 1.57 -17.19 3.86
CA THR D 109 0.24 -16.86 4.31
C THR D 109 -0.76 -17.00 3.17
N LYS D 110 -2.00 -17.28 3.52
CA LYS D 110 -3.09 -17.40 2.55
C LYS D 110 -4.31 -16.70 3.10
N GLU D 111 -5.03 -16.00 2.21
CA GLU D 111 -6.25 -15.33 2.62
C GLU D 111 -7.37 -16.35 2.82
N TYR D 112 -8.48 -15.87 3.38
CA TYR D 112 -9.66 -16.70 3.56
C TYR D 112 -10.87 -15.80 3.69
N MET D 113 -12.02 -16.30 3.26
CA MET D 113 -13.24 -15.50 3.27
C MET D 113 -14.45 -16.42 3.23
N SER D 114 -15.39 -16.17 4.14
CA SER D 114 -16.63 -16.93 4.22
C SER D 114 -17.80 -16.00 3.96
N THR D 115 -18.74 -16.43 3.13
CA THR D 115 -19.88 -15.62 2.74
C THR D 115 -21.17 -16.36 3.08
N LEU D 116 -22.12 -15.63 3.68
CA LEU D 116 -23.44 -16.16 3.98
C LEU D 116 -24.48 -15.16 3.48
N THR D 117 -25.46 -15.64 2.72
CA THR D 117 -26.47 -14.78 2.11
C THR D 117 -27.86 -15.34 2.34
N TYR D 118 -28.78 -14.45 2.71
CA TYR D 118 -30.21 -14.73 2.76
C TYR D 118 -30.90 -14.01 1.61
N GLY D 119 -32.08 -14.49 1.25
CA GLY D 119 -32.83 -13.90 0.17
C GLY D 119 -34.31 -14.16 0.31
N PHE D 120 -35.11 -13.23 -0.25
CA PHE D 120 -36.55 -13.36 -0.29
C PHE D 120 -37.05 -12.84 -1.63
N ASN D 121 -38.21 -13.34 -2.05
CA ASN D 121 -38.77 -12.94 -3.33
C ASN D 121 -40.29 -13.10 -3.29
N GLY D 122 -40.98 -12.17 -3.95
CA GLY D 122 -42.42 -12.26 -4.08
C GLY D 122 -42.92 -11.46 -5.27
N ASN D 123 -43.73 -12.08 -6.13
CA ASN D 123 -44.22 -11.43 -7.33
C ASN D 123 -45.69 -11.74 -7.52
N VAL D 124 -46.36 -10.88 -8.29
CA VAL D 124 -47.76 -11.03 -8.64
C VAL D 124 -47.86 -11.14 -10.15
N THR D 125 -48.54 -12.19 -10.62
CA THR D 125 -48.71 -12.43 -12.06
C THR D 125 -50.17 -12.25 -12.43
N GLY D 126 -50.41 -11.48 -13.48
CA GLY D 126 -51.76 -11.30 -13.99
C GLY D 126 -51.74 -11.13 -15.49
N ASP D 127 -52.88 -11.46 -16.12
CA ASP D 127 -52.97 -11.43 -17.57
C ASP D 127 -54.24 -10.72 -18.03
N ASP D 128 -54.50 -10.75 -19.34
CA ASP D 128 -55.67 -10.08 -19.89
C ASP D 128 -56.95 -10.69 -19.36
N THR D 129 -57.01 -12.01 -19.27
CA THR D 129 -58.23 -12.68 -18.83
C THR D 129 -58.51 -12.48 -17.35
N GLY D 130 -57.69 -11.72 -16.63
CA GLY D 130 -57.93 -11.41 -15.24
C GLY D 130 -57.40 -12.42 -14.24
N LYS D 131 -56.75 -13.48 -14.69
CA LYS D 131 -56.14 -14.42 -13.77
C LYS D 131 -55.07 -13.72 -12.95
N ILE D 132 -55.06 -13.95 -11.64
CA ILE D 132 -54.07 -13.36 -10.75
C ILE D 132 -53.35 -14.49 -10.03
N GLY D 133 -52.02 -14.44 -10.03
CA GLY D 133 -51.23 -15.44 -9.36
C GLY D 133 -50.16 -14.80 -8.49
N GLY D 134 -49.70 -15.59 -7.51
CA GLY D 134 -48.70 -15.14 -6.57
C GLY D 134 -47.58 -16.16 -6.45
N LEU D 135 -46.45 -15.69 -5.91
CA LEU D 135 -45.29 -16.54 -5.72
C LEU D 135 -44.42 -15.93 -4.64
N ILE D 136 -44.11 -16.72 -3.62
CA ILE D 136 -43.24 -16.30 -2.52
C ILE D 136 -42.13 -17.33 -2.38
N GLY D 137 -40.88 -16.87 -2.33
CA GLY D 137 -39.76 -17.77 -2.21
C GLY D 137 -38.62 -17.16 -1.43
N ALA D 138 -37.67 -18.03 -1.07
CA ALA D 138 -36.51 -17.62 -0.29
C ALA D 138 -35.35 -18.54 -0.64
N ASN D 139 -34.14 -18.09 -0.35
CA ASN D 139 -32.95 -18.86 -0.65
C ASN D 139 -31.83 -18.48 0.31
N VAL D 140 -30.88 -19.40 0.47
CA VAL D 140 -29.70 -19.19 1.30
C VAL D 140 -28.48 -19.64 0.50
N SER D 141 -27.33 -19.08 0.85
CA SER D 141 -26.09 -19.40 0.16
C SER D 141 -24.92 -19.26 1.12
N ILE D 142 -23.96 -20.17 1.00
CA ILE D 142 -22.73 -20.15 1.78
C ILE D 142 -21.56 -20.31 0.82
N GLY D 143 -20.51 -19.53 1.03
CA GLY D 143 -19.38 -19.55 0.13
C GLY D 143 -18.04 -19.37 0.82
N HIS D 144 -17.09 -20.25 0.52
CA HIS D 144 -15.73 -20.16 1.04
C HIS D 144 -14.79 -19.77 -0.09
N THR D 145 -13.99 -18.73 0.14
CA THR D 145 -13.04 -18.23 -0.85
C THR D 145 -11.65 -18.22 -0.26
N LEU D 146 -10.69 -18.78 -0.99
CA LEU D 146 -9.30 -18.86 -0.56
C LEU D 146 -8.40 -18.48 -1.73
N LYS D 147 -7.50 -17.53 -1.50
CA LYS D 147 -6.57 -17.06 -2.52
C LYS D 147 -5.18 -16.93 -1.92
N TYR D 148 -4.17 -17.21 -2.75
CA TYR D 148 -2.78 -17.11 -2.33
C TYR D 148 -1.91 -16.85 -3.54
N VAL D 149 -0.66 -16.47 -3.28
CA VAL D 149 0.31 -16.14 -4.32
C VAL D 149 1.34 -17.25 -4.40
N GLN D 150 1.50 -17.82 -5.60
CA GLN D 150 2.43 -18.92 -5.83
C GLN D 150 3.39 -18.54 -6.94
N PRO D 151 4.66 -18.25 -6.64
CA PRO D 151 5.60 -17.87 -7.69
C PRO D 151 5.93 -19.06 -8.58
N ASP D 152 6.36 -18.75 -9.81
CA ASP D 152 6.76 -19.80 -10.73
C ASP D 152 7.94 -20.59 -10.18
N PHE D 153 8.95 -19.89 -9.66
CA PHE D 153 10.13 -20.51 -9.08
C PHE D 153 10.19 -20.16 -7.61
N LYS D 154 10.32 -21.19 -6.77
CA LYS D 154 10.26 -21.05 -5.33
C LYS D 154 11.62 -21.43 -4.75
N THR D 155 12.33 -20.45 -4.21
CA THR D 155 13.64 -20.72 -3.61
C THR D 155 13.48 -21.46 -2.30
N ILE D 156 14.37 -22.42 -2.07
CA ILE D 156 14.35 -23.24 -0.85
C ILE D 156 15.77 -23.32 -0.31
N LEU D 157 15.86 -23.54 1.00
CA LEU D 157 17.13 -23.72 1.68
C LEU D 157 17.21 -25.16 2.18
N GLU D 158 18.11 -25.94 1.60
CA GLU D 158 18.31 -27.31 2.05
C GLU D 158 18.84 -27.32 3.47
N SER D 159 18.57 -28.42 4.18
CA SER D 159 19.00 -28.59 5.57
C SER D 159 20.46 -28.19 5.73
N PRO D 160 20.76 -27.06 6.38
CA PRO D 160 22.15 -26.63 6.52
C PRO D 160 22.85 -27.32 7.67
N THR D 161 23.75 -28.24 7.35
CA THR D 161 24.64 -28.82 8.34
C THR D 161 25.85 -27.92 8.56
N ASP D 162 26.62 -28.23 9.59
CA ASP D 162 27.74 -27.37 9.97
C ASP D 162 28.75 -27.24 8.84
N LYS D 163 29.11 -28.37 8.21
CA LYS D 163 30.20 -28.34 7.24
C LYS D 163 29.76 -27.82 5.88
N LYS D 164 28.51 -28.06 5.48
CA LYS D 164 28.02 -27.61 4.19
C LYS D 164 26.64 -26.98 4.34
N VAL D 165 26.36 -26.01 3.46
CA VAL D 165 25.06 -25.39 3.35
C VAL D 165 24.73 -25.26 1.87
N GLY D 166 23.47 -25.51 1.52
CA GLY D 166 23.08 -25.50 0.12
C GLY D 166 21.69 -24.96 -0.12
N TRP D 167 21.56 -24.08 -1.10
CA TRP D 167 20.26 -23.54 -1.50
C TRP D 167 19.71 -24.35 -2.66
N LYS D 168 18.53 -23.94 -3.15
CA LYS D 168 17.85 -24.67 -4.19
C LYS D 168 16.77 -23.79 -4.80
N VAL D 169 16.58 -23.94 -6.10
CA VAL D 169 15.50 -23.28 -6.83
C VAL D 169 14.79 -24.32 -7.67
N ILE D 170 13.46 -24.38 -7.54
CA ILE D 170 12.68 -25.39 -8.24
C ILE D 170 11.61 -24.72 -9.10
N PHE D 171 10.86 -25.52 -9.84
CA PHE D 171 9.83 -25.02 -10.76
C PHE D 171 8.48 -25.35 -10.15
N ASN D 172 7.88 -24.35 -9.49
CA ASN D 172 6.57 -24.55 -8.87
C ASN D 172 5.51 -24.86 -9.90
N ASN D 173 5.27 -23.93 -10.82
CA ASN D 173 4.30 -24.12 -11.89
C ASN D 173 4.40 -22.90 -12.82
N MET D 174 3.77 -23.02 -13.99
CA MET D 174 3.79 -21.96 -14.98
C MET D 174 2.40 -21.80 -15.58
N VAL D 175 2.14 -20.60 -16.09
CA VAL D 175 0.90 -20.27 -16.79
C VAL D 175 1.23 -20.19 -18.28
N ASN D 176 0.50 -20.96 -19.08
CA ASN D 176 0.74 -21.04 -20.51
C ASN D 176 -0.46 -20.48 -21.28
N GLN D 177 -0.20 -19.52 -22.17
CA GLN D 177 -1.22 -18.98 -23.05
C GLN D 177 -2.46 -18.55 -22.28
N ASN D 178 -2.23 -17.96 -21.12
CA ASN D 178 -3.31 -17.44 -20.28
C ASN D 178 -4.28 -18.53 -19.84
N TRP D 179 -3.84 -19.78 -19.81
CA TRP D 179 -4.65 -20.89 -19.34
C TRP D 179 -4.25 -21.28 -17.93
N GLY D 180 -4.92 -22.30 -17.40
CA GLY D 180 -4.68 -22.74 -16.05
C GLY D 180 -3.22 -23.11 -15.84
N PRO D 181 -2.67 -22.78 -14.67
CA PRO D 181 -1.24 -23.05 -14.43
C PRO D 181 -0.98 -24.54 -14.41
N TYR D 182 0.05 -24.96 -15.15
CA TYR D 182 0.45 -26.35 -15.20
C TYR D 182 1.75 -26.54 -14.42
N ASP D 183 2.12 -27.81 -14.24
CA ASP D 183 3.35 -28.15 -13.53
C ASP D 183 3.85 -29.49 -14.05
N ARG D 184 4.95 -29.97 -13.46
CA ARG D 184 5.58 -31.17 -13.99
C ARG D 184 4.65 -32.38 -13.93
N ASP D 185 3.91 -32.51 -12.84
CA ASP D 185 3.05 -33.67 -12.65
C ASP D 185 1.64 -33.47 -13.19
N SER D 186 1.35 -32.33 -13.79
CA SER D 186 0.03 -32.12 -14.38
C SER D 186 -0.19 -33.07 -15.54
N TRP D 187 -1.38 -33.69 -15.57
CA TRP D 187 -1.70 -34.68 -16.58
C TRP D 187 -3.12 -34.47 -17.08
N ASN D 188 -3.32 -34.69 -18.37
CA ASN D 188 -4.64 -34.63 -18.97
C ASN D 188 -4.84 -35.89 -19.82
N PRO D 189 -5.90 -36.66 -19.58
CA PRO D 189 -6.04 -37.94 -20.30
C PRO D 189 -6.04 -37.79 -21.81
N VAL D 190 -6.62 -36.71 -22.34
CA VAL D 190 -6.72 -36.55 -23.79
C VAL D 190 -5.39 -36.03 -24.36
N TYR D 191 -4.97 -34.86 -23.90
CA TYR D 191 -3.75 -34.24 -24.43
C TYR D 191 -2.52 -34.62 -23.62
N GLY D 192 -2.65 -34.77 -22.31
CA GLY D 192 -1.51 -35.03 -21.45
C GLY D 192 -0.98 -33.76 -20.82
N ASN D 193 0.29 -33.82 -20.43
CA ASN D 193 0.97 -32.67 -19.87
C ASN D 193 1.10 -31.58 -20.93
N GLN D 194 0.39 -30.47 -20.76
CA GLN D 194 0.38 -29.37 -21.72
C GLN D 194 1.23 -28.20 -21.27
N LEU D 195 2.30 -28.45 -20.52
CA LEU D 195 3.11 -27.36 -19.99
C LEU D 195 3.70 -26.53 -21.12
N PHE D 196 4.60 -27.13 -21.90
CA PHE D 196 5.21 -26.46 -23.05
C PHE D 196 4.58 -26.92 -24.35
N MET D 197 3.31 -26.56 -24.53
CA MET D 197 2.56 -26.91 -25.73
C MET D 197 2.17 -25.63 -26.46
N LYS D 198 2.48 -25.57 -27.76
CA LYS D 198 2.15 -24.40 -28.55
C LYS D 198 0.69 -24.41 -28.97
N THR D 199 0.28 -25.44 -29.72
CA THR D 199 -1.08 -25.59 -30.20
C THR D 199 -1.60 -26.96 -29.84
N ARG D 200 -2.88 -27.04 -29.47
CA ARG D 200 -3.45 -28.32 -29.08
C ARG D 200 -3.47 -29.30 -30.26
N ASN D 201 -3.87 -28.83 -31.43
CA ASN D 201 -3.99 -29.69 -32.61
C ASN D 201 -3.42 -29.00 -33.84
N GLY D 202 -2.26 -28.35 -33.69
CA GLY D 202 -1.64 -27.70 -34.82
C GLY D 202 -1.10 -28.69 -35.83
N SER D 203 -1.05 -28.26 -37.09
CA SER D 203 -0.57 -29.09 -38.18
C SER D 203 0.89 -28.82 -38.55
N MET D 204 1.57 -27.93 -37.83
CA MET D 204 2.95 -27.60 -38.14
C MET D 204 3.86 -28.79 -37.81
N LYS D 205 5.15 -28.59 -38.03
CA LYS D 205 6.12 -29.65 -37.78
C LYS D 205 6.22 -29.92 -36.28
N ALA D 206 6.67 -31.13 -35.95
CA ALA D 206 6.77 -31.53 -34.56
C ALA D 206 7.72 -30.62 -33.79
N ALA D 207 8.90 -30.34 -34.34
CA ALA D 207 9.87 -29.51 -33.62
C ALA D 207 9.37 -28.08 -33.47
N ASP D 208 8.71 -27.53 -34.49
CA ASP D 208 8.24 -26.15 -34.42
C ASP D 208 7.18 -25.97 -33.34
N ASN D 209 6.36 -26.99 -33.10
CA ASN D 209 5.24 -26.86 -32.16
C ASN D 209 5.76 -26.90 -30.73
N PHE D 210 6.34 -25.78 -30.33
CA PHE D 210 6.78 -25.58 -28.95
C PHE D 210 6.49 -24.14 -28.54
N LEU D 211 6.30 -23.95 -27.24
CA LEU D 211 6.06 -22.62 -26.71
C LEU D 211 7.28 -21.75 -26.94
N ASP D 212 7.04 -20.51 -27.36
CA ASP D 212 8.14 -19.60 -27.62
C ASP D 212 8.90 -19.32 -26.33
N PRO D 213 10.23 -19.30 -26.35
CA PRO D 213 10.97 -19.01 -25.11
C PRO D 213 10.63 -17.65 -24.52
N ASN D 214 10.31 -16.67 -25.34
CA ASN D 214 9.96 -15.35 -24.82
C ASN D 214 8.69 -15.40 -23.99
N LYS D 215 7.69 -16.16 -24.45
CA LYS D 215 6.45 -16.26 -23.70
C LYS D 215 6.67 -16.92 -22.34
N ALA D 216 7.51 -17.95 -22.30
CA ALA D 216 7.78 -18.66 -21.05
C ALA D 216 8.52 -17.74 -20.09
N SER D 217 8.76 -18.26 -18.89
CA SER D 217 9.42 -17.48 -17.85
C SER D 217 10.86 -17.15 -18.24
N SER D 218 11.36 -16.03 -17.71
CA SER D 218 12.68 -15.56 -18.10
C SER D 218 13.78 -16.53 -17.67
N LEU D 219 13.59 -17.22 -16.54
CA LEU D 219 14.66 -18.05 -16.02
C LEU D 219 14.96 -19.22 -16.96
N LEU D 220 13.92 -19.80 -17.56
CA LEU D 220 14.12 -21.04 -18.31
C LEU D 220 15.11 -20.85 -19.45
N SER D 221 14.96 -19.77 -20.21
CA SER D 221 15.78 -19.56 -21.40
C SER D 221 16.95 -18.64 -21.15
N SER D 222 16.75 -17.56 -20.42
CA SER D 222 17.77 -16.54 -20.24
C SER D 222 18.63 -16.76 -19.00
N GLY D 223 18.38 -17.82 -18.25
CA GLY D 223 19.19 -18.14 -17.09
C GLY D 223 18.68 -17.47 -15.82
N PHE D 224 19.24 -17.92 -14.70
CA PHE D 224 18.89 -17.41 -13.38
C PHE D 224 20.15 -16.93 -12.67
N SER D 225 20.09 -15.70 -12.18
CA SER D 225 21.20 -15.11 -11.44
C SER D 225 20.96 -15.29 -9.96
N PRO D 226 21.77 -16.07 -9.25
CA PRO D 226 21.58 -16.25 -7.82
C PRO D 226 22.26 -15.18 -6.98
N ASP D 227 21.76 -15.03 -5.76
CA ASP D 227 22.37 -14.12 -4.77
C ASP D 227 22.15 -14.76 -3.40
N PHE D 228 23.15 -15.51 -2.95
CA PHE D 228 23.11 -16.16 -1.65
C PHE D 228 24.34 -15.76 -0.86
N ALA D 229 24.15 -15.49 0.42
CA ALA D 229 25.22 -15.04 1.31
C ALA D 229 25.38 -16.04 2.45
N THR D 230 26.62 -16.40 2.74
CA THR D 230 26.95 -17.23 3.89
C THR D 230 28.13 -16.59 4.61
N VAL D 231 28.23 -16.87 5.91
CA VAL D 231 29.32 -16.37 6.74
C VAL D 231 30.03 -17.56 7.38
N ILE D 232 31.35 -17.56 7.32
CA ILE D 232 32.18 -18.61 7.88
C ILE D 232 33.03 -18.03 9.00
N THR D 233 33.03 -18.70 10.14
CA THR D 233 33.81 -18.28 11.31
C THR D 233 34.81 -19.36 11.68
N MET D 234 36.03 -18.94 12.01
CA MET D 234 37.10 -19.84 12.41
C MET D 234 37.81 -19.25 13.62
N ASP D 235 38.16 -20.10 14.58
CA ASP D 235 38.76 -19.61 15.82
C ASP D 235 40.08 -18.92 15.54
N ARG D 236 40.36 -17.88 16.33
CA ARG D 236 41.57 -17.09 16.13
C ARG D 236 42.82 -17.76 16.68
N LYS D 237 42.67 -18.82 17.48
CA LYS D 237 43.82 -19.53 18.04
C LYS D 237 44.10 -20.85 17.33
N ALA D 238 43.47 -21.09 16.18
CA ALA D 238 43.69 -22.34 15.46
C ALA D 238 45.14 -22.48 15.05
N SER D 239 45.67 -23.70 15.17
CA SER D 239 47.06 -23.95 14.80
C SER D 239 47.29 -23.72 13.31
N LYS D 240 46.37 -24.18 12.47
CA LYS D 240 46.48 -24.04 11.02
C LYS D 240 45.53 -22.95 10.55
N GLN D 241 46.05 -21.97 9.81
CA GLN D 241 45.29 -20.82 9.36
C GLN D 241 44.86 -20.92 7.91
N GLN D 242 45.01 -22.10 7.29
CA GLN D 242 44.61 -22.32 5.90
C GLN D 242 43.36 -23.18 5.88
N THR D 243 42.38 -22.78 5.08
CA THR D 243 41.12 -23.48 4.95
C THR D 243 40.78 -23.66 3.47
N ASN D 244 40.12 -24.77 3.16
CA ASN D 244 39.71 -25.10 1.81
C ASN D 244 38.20 -25.09 1.69
N ILE D 245 37.70 -24.51 0.60
CA ILE D 245 36.26 -24.42 0.35
C ILE D 245 35.96 -25.03 -1.00
N ASP D 246 34.75 -25.53 -1.16
CA ASP D 246 34.25 -26.05 -2.43
C ASP D 246 32.95 -25.37 -2.78
N VAL D 247 32.79 -25.00 -4.04
CA VAL D 247 31.61 -24.31 -4.53
C VAL D 247 31.01 -25.13 -5.67
N ILE D 248 29.71 -25.37 -5.61
CA ILE D 248 29.00 -26.16 -6.61
C ILE D 248 27.88 -25.31 -7.19
N TYR D 249 27.68 -25.43 -8.49
CA TYR D 249 26.65 -24.70 -9.22
C TYR D 249 25.83 -25.67 -10.05
N GLU D 250 25.49 -26.82 -9.49
CA GLU D 250 24.82 -27.86 -10.27
C GLU D 250 23.45 -27.37 -10.73
N ARG D 251 23.07 -27.79 -11.94
CA ARG D 251 21.79 -27.47 -12.54
C ARG D 251 21.17 -28.74 -13.08
N VAL D 252 19.87 -28.89 -12.89
CA VAL D 252 19.14 -30.08 -13.30
C VAL D 252 18.18 -29.71 -14.41
N ARG D 253 18.19 -30.48 -15.49
CA ARG D 253 17.29 -30.30 -16.61
C ARG D 253 16.24 -31.42 -16.63
N ASP D 254 15.38 -31.35 -17.64
CA ASP D 254 14.31 -32.33 -17.82
C ASP D 254 14.12 -32.58 -19.31
N ASP D 255 13.42 -33.65 -19.63
CA ASP D 255 13.11 -34.01 -21.00
C ASP D 255 11.62 -33.86 -21.23
N TYR D 256 11.25 -33.09 -22.27
CA TYR D 256 9.86 -32.90 -22.64
C TYR D 256 9.71 -33.32 -24.09
N GLN D 257 8.80 -34.26 -24.35
CA GLN D 257 8.60 -34.84 -25.66
C GLN D 257 7.13 -34.70 -26.05
N LEU D 258 6.88 -34.25 -27.27
CA LEU D 258 5.54 -34.18 -27.83
C LEU D 258 5.32 -35.39 -28.73
N HIS D 259 4.13 -35.96 -28.66
CA HIS D 259 3.76 -37.13 -29.46
C HIS D 259 2.44 -36.87 -30.15
N TRP D 260 2.42 -37.05 -31.48
CA TRP D 260 1.19 -37.00 -32.26
C TRP D 260 0.61 -38.41 -32.32
N THR D 261 -0.52 -38.62 -31.64
CA THR D 261 -1.08 -39.97 -31.59
C THR D 261 -1.89 -40.27 -32.85
N SER D 262 -3.01 -39.59 -33.04
CA SER D 262 -3.73 -39.68 -34.30
C SER D 262 -4.16 -38.32 -34.85
N THR D 263 -4.66 -37.44 -33.98
CA THR D 263 -5.15 -36.13 -34.39
C THR D 263 -4.48 -34.99 -33.63
N ASN D 264 -4.37 -35.10 -32.32
CA ASN D 264 -3.88 -34.04 -31.47
C ASN D 264 -2.47 -34.34 -30.97
N TRP D 265 -1.83 -33.31 -30.42
CA TRP D 265 -0.50 -33.44 -29.86
C TRP D 265 -0.58 -33.93 -28.42
N LYS D 266 0.32 -34.84 -28.07
CA LYS D 266 0.41 -35.38 -26.72
C LYS D 266 1.79 -35.06 -26.16
N GLY D 267 1.83 -34.67 -24.89
CA GLY D 267 3.08 -34.30 -24.24
C GLY D 267 3.33 -35.12 -22.99
N THR D 268 4.59 -35.53 -22.82
CA THR D 268 5.03 -36.28 -21.67
C THR D 268 6.30 -35.67 -21.11
N ASN D 269 6.45 -35.74 -19.80
CA ASN D 269 7.58 -35.15 -19.09
C ASN D 269 8.34 -36.24 -18.34
N THR D 270 9.66 -36.22 -18.46
CA THR D 270 10.54 -37.15 -17.77
C THR D 270 11.43 -36.33 -16.83
N LYS D 271 11.01 -36.19 -15.58
CA LYS D 271 11.73 -35.36 -14.63
C LYS D 271 13.10 -35.96 -14.31
N ASP D 272 14.07 -35.07 -14.07
CA ASP D 272 15.43 -35.46 -13.68
C ASP D 272 16.06 -36.37 -14.74
N LYS D 273 16.26 -35.81 -15.92
CA LYS D 273 16.87 -36.52 -17.04
C LYS D 273 18.40 -36.39 -17.02
N TRP D 274 18.89 -35.16 -17.00
CA TRP D 274 20.32 -34.89 -16.96
C TRP D 274 20.64 -33.98 -15.78
N THR D 275 21.89 -34.07 -15.32
CA THR D 275 22.38 -33.21 -14.26
C THR D 275 23.79 -32.76 -14.61
N ASP D 276 24.05 -31.47 -14.47
CA ASP D 276 25.35 -30.88 -14.75
C ASP D 276 25.90 -30.27 -13.48
N ARG D 277 27.14 -30.62 -13.14
CA ARG D 277 27.80 -30.10 -11.95
C ARG D 277 29.14 -29.48 -12.34
N SER D 278 29.44 -28.34 -11.74
CA SER D 278 30.69 -27.61 -12.00
C SER D 278 31.23 -27.14 -10.65
N SER D 279 32.13 -27.93 -10.07
CA SER D 279 32.67 -27.68 -8.74
C SER D 279 34.09 -27.17 -8.86
N GLU D 280 34.39 -26.07 -8.16
CA GLU D 280 35.73 -25.54 -8.07
C GLU D 280 36.11 -25.37 -6.60
N ARG D 281 37.37 -25.66 -6.29
CA ARG D 281 37.88 -25.62 -4.93
C ARG D 281 38.68 -24.34 -4.73
N TYR D 282 38.28 -23.54 -3.75
CA TYR D 282 39.00 -22.33 -3.37
C TYR D 282 39.81 -22.57 -2.10
N LYS D 283 40.80 -21.71 -1.90
CA LYS D 283 41.69 -21.78 -0.75
C LYS D 283 41.61 -20.48 0.03
N ILE D 284 41.53 -20.60 1.36
CA ILE D 284 41.40 -19.45 2.24
C ILE D 284 42.63 -19.37 3.14
N ASP D 285 43.17 -18.17 3.26
CA ASP D 285 44.32 -17.90 4.14
C ASP D 285 43.89 -16.82 5.13
N TRP D 286 43.50 -17.26 6.33
CA TRP D 286 43.04 -16.31 7.34
C TRP D 286 44.16 -15.35 7.75
N GLU D 287 45.40 -15.86 7.85
CA GLU D 287 46.50 -15.01 8.27
C GLU D 287 46.70 -13.85 7.30
N LYS D 288 46.68 -14.13 6.00
CA LYS D 288 46.87 -13.10 5.00
C LYS D 288 45.57 -12.41 4.60
N GLU D 289 44.42 -12.90 5.07
CA GLU D 289 43.12 -12.31 4.75
C GLU D 289 42.93 -12.21 3.24
N GLU D 290 42.95 -13.36 2.57
CA GLU D 290 42.82 -13.40 1.13
C GLU D 290 42.33 -14.76 0.70
N MET D 291 41.44 -14.78 -0.30
CA MET D 291 40.95 -16.01 -0.91
C MET D 291 41.39 -16.02 -2.36
N THR D 292 42.23 -16.98 -2.72
CA THR D 292 42.80 -17.04 -4.06
C THR D 292 42.69 -18.44 -4.62
N ASN D 293 42.10 -18.56 -5.81
CA ASN D 293 42.13 -19.78 -6.59
C ASN D 293 41.43 -19.56 -7.93
N ALA E 1 13.96 13.91 -10.50
CA ALA E 1 14.84 13.51 -9.37
C ALA E 1 16.30 13.80 -9.71
N ASP E 2 16.93 14.66 -8.91
CA ASP E 2 18.32 15.02 -9.16
C ASP E 2 19.25 13.81 -9.08
N SER E 3 18.83 12.75 -8.39
CA SER E 3 19.65 11.56 -8.26
C SER E 3 19.53 10.61 -9.44
N ASP E 4 18.56 10.81 -10.33
CA ASP E 4 18.41 9.96 -11.50
C ASP E 4 19.34 10.35 -12.63
N ILE E 5 20.05 11.46 -12.49
CA ILE E 5 21.01 11.92 -13.49
C ILE E 5 22.44 11.59 -13.08
N ASN E 6 22.63 10.87 -11.98
CA ASN E 6 23.91 10.55 -11.36
C ASN E 6 24.44 11.74 -10.58
N ILE E 7 23.77 12.87 -10.60
CA ILE E 7 24.17 14.01 -9.77
C ILE E 7 23.85 13.68 -8.33
N LYS E 8 24.81 13.92 -7.44
CA LYS E 8 24.58 13.65 -6.03
C LYS E 8 23.37 14.43 -5.55
N THR E 9 22.52 13.76 -4.77
CA THR E 9 21.27 14.38 -4.32
C THR E 9 21.54 15.67 -3.56
N GLY E 10 20.77 16.71 -3.87
CA GLY E 10 20.89 17.98 -3.20
C GLY E 10 22.00 18.87 -3.69
N THR E 11 22.77 18.44 -4.70
CA THR E 11 23.85 19.27 -5.21
C THR E 11 23.31 20.55 -5.84
N THR E 12 22.21 20.44 -6.58
CA THR E 12 21.66 21.57 -7.30
C THR E 12 20.80 22.47 -6.42
N ASP E 13 20.55 22.10 -5.18
CA ASP E 13 19.74 22.93 -4.31
C ASP E 13 20.52 24.17 -3.88
N ILE E 14 19.77 25.18 -3.42
CA ILE E 14 20.32 26.47 -3.04
C ILE E 14 19.90 26.75 -1.60
N GLY E 15 20.82 27.33 -0.83
CA GLY E 15 20.55 27.64 0.56
C GLY E 15 21.62 27.11 1.49
N SER E 16 22.66 26.50 0.93
CA SER E 16 23.75 25.98 1.72
C SER E 16 24.64 27.10 2.24
N ASN E 17 25.20 26.89 3.42
CA ASN E 17 26.19 27.78 4.01
C ASN E 17 25.76 29.24 3.90
N THR E 18 24.52 29.52 4.29
CA THR E 18 24.00 30.88 4.29
C THR E 18 23.05 31.07 5.45
N THR E 19 22.90 32.32 5.87
CA THR E 19 22.00 32.68 6.96
C THR E 19 20.73 33.30 6.38
N VAL E 20 19.58 32.76 6.76
CA VAL E 20 18.29 33.21 6.27
C VAL E 20 17.59 33.95 7.41
N LYS E 21 17.18 35.18 7.13
CA LYS E 21 16.46 36.01 8.10
C LYS E 21 14.97 35.86 7.80
N THR E 22 14.31 34.97 8.54
CA THR E 22 12.90 34.74 8.37
C THR E 22 12.09 35.82 9.10
N GLY E 23 10.78 35.67 9.10
CA GLY E 23 9.93 36.62 9.79
C GLY E 23 8.50 36.14 9.81
N ASP E 24 7.60 37.04 10.18
CA ASP E 24 6.18 36.69 10.29
C ASP E 24 5.36 37.96 10.40
N LEU E 25 4.17 37.92 9.81
CA LEU E 25 3.21 39.01 9.92
C LEU E 25 1.82 38.41 10.04
N VAL E 26 1.06 38.88 11.02
CA VAL E 26 -0.29 38.39 11.28
C VAL E 26 -1.23 39.59 11.35
N THR E 27 -2.32 39.53 10.60
CA THR E 27 -3.36 40.56 10.65
C THR E 27 -4.70 39.90 10.40
N TYR E 28 -5.70 40.33 11.16
CA TYR E 28 -7.05 39.76 11.09
C TYR E 28 -8.04 40.81 10.64
N ASP E 29 -8.89 40.45 9.68
CA ASP E 29 -9.92 41.34 9.16
C ASP E 29 -11.25 40.93 9.78
N LYS E 30 -11.61 41.60 10.88
CA LYS E 30 -12.84 41.26 11.58
C LYS E 30 -14.06 41.38 10.67
N GLU E 31 -14.04 42.31 9.72
CA GLU E 31 -15.19 42.49 8.84
C GLU E 31 -15.45 41.24 8.03
N ASN E 32 -14.40 40.59 7.52
CA ASN E 32 -14.53 39.43 6.68
C ASN E 32 -14.10 38.13 7.34
N GLY E 33 -13.51 38.20 8.54
CA GLY E 33 -13.10 37.00 9.25
C GLY E 33 -12.06 36.20 8.49
N MET E 34 -11.03 36.88 7.98
CA MET E 34 -9.96 36.26 7.21
C MET E 34 -8.67 36.43 7.99
N HIS E 35 -8.29 35.40 8.75
CA HIS E 35 -7.06 35.43 9.56
C HIS E 35 -5.87 35.20 8.64
N LYS E 36 -5.59 36.21 7.81
CA LYS E 36 -4.50 36.11 6.86
C LYS E 36 -3.15 36.16 7.57
N LYS E 37 -2.18 35.44 7.00
CA LYS E 37 -0.84 35.38 7.55
C LYS E 37 0.14 35.17 6.41
N VAL E 38 1.33 35.75 6.55
CA VAL E 38 2.41 35.57 5.59
C VAL E 38 3.67 35.21 6.36
N PHE E 39 4.37 34.17 5.90
CA PHE E 39 5.63 33.74 6.49
C PHE E 39 6.69 33.79 5.40
N TYR E 40 7.62 34.72 5.50
CA TYR E 40 8.62 34.95 4.47
C TYR E 40 9.99 34.46 4.95
N SER E 41 10.96 34.47 4.02
CA SER E 41 12.32 34.04 4.31
C SER E 41 13.24 34.62 3.25
N PHE E 42 14.24 35.39 3.68
CA PHE E 42 15.20 36.01 2.77
C PHE E 42 16.38 35.07 2.59
N ILE E 43 16.55 34.57 1.37
CA ILE E 43 17.69 33.73 1.02
C ILE E 43 18.54 34.49 0.01
N ASP E 44 19.81 34.71 0.35
CA ASP E 44 20.77 35.38 -0.54
C ASP E 44 22.05 34.57 -0.51
N ASP E 45 22.14 33.60 -1.42
CA ASP E 45 23.32 32.76 -1.53
C ASP E 45 24.30 33.39 -2.53
N LYS E 46 25.54 33.60 -2.08
N LYS E 46 25.54 33.58 -2.09
CA LYS E 46 26.55 34.19 -2.96
CA LYS E 46 26.54 34.19 -2.96
C LYS E 46 26.76 33.36 -4.22
C LYS E 46 26.74 33.36 -4.22
N ASN E 47 26.60 32.04 -4.13
CA ASN E 47 26.71 31.19 -5.31
C ASN E 47 25.52 31.35 -6.24
N HIS E 48 24.46 32.04 -5.81
CA HIS E 48 23.29 32.23 -6.64
C HIS E 48 23.48 33.42 -7.57
N ASN E 49 22.46 33.72 -8.36
CA ASN E 49 22.48 34.80 -9.33
C ASN E 49 21.59 35.97 -8.95
N LYS E 50 20.49 35.71 -8.26
CA LYS E 50 19.57 36.75 -7.84
C LYS E 50 19.17 36.52 -6.39
N LYS E 51 18.79 37.59 -5.71
CA LYS E 51 18.24 37.46 -4.37
C LYS E 51 16.92 36.71 -4.43
N LEU E 52 16.62 35.97 -3.37
CA LEU E 52 15.42 35.15 -3.29
C LEU E 52 14.56 35.57 -2.10
N LEU E 53 13.28 35.25 -2.21
CA LEU E 53 12.33 35.53 -1.14
C LEU E 53 11.11 34.65 -1.35
N VAL E 54 10.76 33.86 -0.35
CA VAL E 54 9.65 32.92 -0.41
C VAL E 54 8.55 33.43 0.50
N ILE E 55 7.33 33.55 -0.04
CA ILE E 55 6.17 33.99 0.72
C ILE E 55 5.21 32.82 0.86
N ARG E 56 4.95 32.42 2.09
CA ARG E 56 4.04 31.33 2.41
C ARG E 56 2.78 31.94 3.03
N THR E 57 1.76 32.12 2.20
CA THR E 57 0.51 32.75 2.63
C THR E 57 -0.40 31.70 3.27
N LYS E 58 0.00 31.27 4.47
CA LYS E 58 -0.75 30.25 5.20
C LYS E 58 -2.14 30.75 5.53
N GLY E 59 -2.23 31.78 6.37
CA GLY E 59 -3.49 32.43 6.69
C GLY E 59 -4.62 31.47 7.02
N THR E 60 -5.86 31.96 6.92
CA THR E 60 -7.03 31.12 7.11
C THR E 60 -8.26 31.95 6.77
N ILE E 61 -9.27 31.30 6.20
CA ILE E 61 -10.49 31.94 5.72
C ILE E 61 -11.69 31.28 6.39
N ALA E 62 -12.61 32.11 6.86
CA ALA E 62 -13.81 31.59 7.52
C ALA E 62 -14.75 30.97 6.50
N GLY E 63 -15.76 30.26 7.02
CA GLY E 63 -16.72 29.58 6.17
C GLY E 63 -17.91 30.43 5.80
N GLN E 64 -18.52 31.08 6.80
CA GLN E 64 -19.70 31.91 6.58
C GLN E 64 -20.84 31.09 5.97
N TYR E 65 -21.29 30.10 6.73
CA TYR E 65 -22.37 29.20 6.32
C TYR E 65 -23.54 29.42 7.27
N ARG E 66 -24.52 30.22 6.86
CA ARG E 66 -25.67 30.50 7.70
C ARG E 66 -26.84 30.92 6.83
N VAL E 67 -28.03 30.87 7.41
CA VAL E 67 -29.26 31.28 6.71
C VAL E 67 -29.36 32.78 6.79
N TYR E 68 -29.06 33.47 5.68
CA TYR E 68 -29.03 34.93 5.71
C TYR E 68 -30.42 35.51 5.85
N SER E 69 -31.42 34.92 5.19
CA SER E 69 -32.78 35.42 5.24
C SER E 69 -33.77 34.29 5.38
N GLU E 70 -34.81 34.52 6.17
CA GLU E 70 -35.91 33.58 6.34
C GLU E 70 -37.22 34.34 6.23
N GLU E 71 -38.15 33.82 5.44
CA GLU E 71 -39.44 34.46 5.20
C GLU E 71 -40.54 33.45 5.51
N GLY E 72 -40.92 33.38 6.78
CA GLY E 72 -41.98 32.46 7.17
C GLY E 72 -41.60 31.02 6.85
N ALA E 73 -42.63 30.20 6.71
CA ALA E 73 -42.47 28.81 6.32
C ALA E 73 -42.56 28.60 4.82
N ASN E 74 -42.86 29.65 4.05
CA ASN E 74 -43.01 29.49 2.61
C ASN E 74 -41.66 29.26 1.94
N LYS E 75 -40.65 30.04 2.32
CA LYS E 75 -39.33 29.90 1.71
C LYS E 75 -38.28 30.52 2.62
N SER E 76 -37.03 30.12 2.39
CA SER E 76 -35.90 30.67 3.13
C SER E 76 -34.65 30.54 2.29
N GLY E 77 -33.65 31.36 2.59
CA GLY E 77 -32.41 31.38 1.87
C GLY E 77 -31.25 30.80 2.68
N LEU E 78 -30.10 30.73 2.01
CA LEU E 78 -28.89 30.18 2.61
C LEU E 78 -27.70 30.61 1.79
N ALA E 79 -26.65 31.05 2.46
CA ALA E 79 -25.41 31.50 1.83
C ALA E 79 -24.27 30.61 2.26
N TRP E 80 -23.53 30.07 1.29
CA TRP E 80 -22.39 29.21 1.54
C TRP E 80 -21.26 29.59 0.62
N PRO E 81 -20.01 29.32 1.01
CA PRO E 81 -18.85 29.68 0.18
C PRO E 81 -18.70 28.74 -1.00
N SER E 82 -18.83 29.27 -2.21
CA SER E 82 -18.67 28.46 -3.41
C SER E 82 -17.20 28.19 -3.71
N ALA E 83 -16.32 29.18 -3.47
CA ALA E 83 -14.93 29.04 -3.86
C ALA E 83 -14.08 29.99 -3.04
N PHE E 84 -12.89 29.54 -2.68
CA PHE E 84 -11.90 30.35 -1.99
C PHE E 84 -10.77 30.69 -2.95
N LYS E 85 -10.17 31.86 -2.75
CA LYS E 85 -9.12 32.34 -3.62
C LYS E 85 -8.10 33.13 -2.83
N VAL E 86 -6.84 33.04 -3.27
CA VAL E 86 -5.75 33.82 -2.69
C VAL E 86 -4.73 34.03 -3.79
N GLN E 87 -4.28 35.27 -3.95
CA GLN E 87 -3.38 35.61 -5.04
C GLN E 87 -2.44 36.72 -4.60
N LEU E 88 -1.29 36.79 -5.26
CA LEU E 88 -0.26 37.77 -4.99
C LEU E 88 0.02 38.56 -6.26
N GLN E 89 0.12 39.89 -6.11
CA GLN E 89 0.32 40.76 -7.25
C GLN E 89 1.39 41.78 -6.92
N LEU E 90 2.05 42.28 -7.97
CA LEU E 90 3.12 43.25 -7.85
C LEU E 90 2.81 44.48 -8.71
N PRO E 91 3.37 45.63 -8.38
CA PRO E 91 3.17 46.81 -9.22
C PRO E 91 3.68 46.58 -10.64
N ASP E 92 2.97 47.16 -11.60
CA ASP E 92 3.30 46.90 -13.00
C ASP E 92 4.69 47.43 -13.35
N ASN E 93 5.06 48.58 -12.81
CA ASN E 93 6.36 49.17 -13.10
C ASN E 93 7.47 48.57 -12.25
N GLU E 94 7.16 47.61 -11.38
CA GLU E 94 8.16 47.05 -10.49
C GLU E 94 9.16 46.21 -11.27
N VAL E 95 10.25 45.84 -10.60
CA VAL E 95 11.34 45.08 -11.22
C VAL E 95 11.40 43.65 -10.73
N ALA E 96 10.81 43.33 -9.58
CA ALA E 96 10.84 41.97 -9.08
C ALA E 96 9.98 41.07 -9.95
N GLN E 97 10.23 39.76 -9.87
CA GLN E 97 9.52 38.80 -10.69
C GLN E 97 9.19 37.56 -9.89
N ILE E 98 8.09 36.90 -10.28
CA ILE E 98 7.67 35.64 -9.68
C ILE E 98 8.41 34.51 -10.37
N SER E 99 9.03 33.63 -9.58
CA SER E 99 9.82 32.53 -10.12
C SER E 99 9.06 31.20 -10.08
N ASP E 100 8.67 30.75 -8.89
CA ASP E 100 8.09 29.42 -8.73
C ASP E 100 6.95 29.46 -7.73
N TYR E 101 6.26 28.33 -7.63
CA TYR E 101 5.11 28.18 -6.75
C TYR E 101 4.86 26.69 -6.57
N TYR E 102 4.77 26.23 -5.32
CA TYR E 102 4.75 24.80 -5.07
C TYR E 102 3.44 24.15 -5.53
N PRO E 103 2.29 24.46 -4.94
CA PRO E 103 1.06 23.80 -5.40
C PRO E 103 0.72 24.18 -6.83
N ARG E 104 0.80 23.20 -7.72
CA ARG E 104 0.61 23.41 -9.15
C ARG E 104 -0.31 22.34 -9.70
N ASN E 105 -0.90 22.64 -10.86
CA ASN E 105 -1.81 21.69 -11.49
C ASN E 105 -1.11 20.36 -11.74
N SER E 106 -1.84 19.27 -11.48
CA SER E 106 -1.31 17.93 -11.64
C SER E 106 -2.25 17.09 -12.47
N ILE E 107 -1.67 16.20 -13.27
CA ILE E 107 -2.47 15.30 -14.10
C ILE E 107 -3.26 14.35 -13.22
N ASP E 108 -4.44 13.97 -13.69
CA ASP E 108 -5.32 13.05 -12.97
C ASP E 108 -5.44 11.75 -13.75
N THR E 109 -5.53 10.64 -13.02
CA THR E 109 -5.63 9.31 -13.60
C THR E 109 -6.96 8.68 -13.26
N LYS E 110 -7.42 7.78 -14.13
CA LYS E 110 -8.65 7.05 -13.93
C LYS E 110 -8.44 5.59 -14.30
N GLU E 111 -9.03 4.70 -13.51
CA GLU E 111 -8.92 3.28 -13.81
C GLU E 111 -9.81 2.92 -14.99
N TYR E 112 -9.64 1.69 -15.47
CA TYR E 112 -10.47 1.18 -16.55
C TYR E 112 -10.43 -0.34 -16.50
N MET E 113 -11.52 -0.96 -16.96
CA MET E 113 -11.63 -2.42 -16.88
C MET E 113 -12.68 -2.89 -17.87
N SER E 114 -12.32 -3.88 -18.69
CA SER E 114 -13.21 -4.48 -19.67
C SER E 114 -13.42 -5.94 -19.31
N THR E 115 -14.67 -6.39 -19.37
CA THR E 115 -15.03 -7.76 -19.01
C THR E 115 -15.74 -8.42 -20.17
N LEU E 116 -15.35 -9.66 -20.46
CA LEU E 116 -16.00 -10.48 -21.47
C LEU E 116 -16.29 -11.84 -20.86
N THR E 117 -17.54 -12.31 -21.02
CA THR E 117 -17.96 -13.57 -20.42
C THR E 117 -18.72 -14.42 -21.43
N TYR E 118 -18.39 -15.71 -21.44
CA TYR E 118 -19.12 -16.72 -22.18
C TYR E 118 -19.90 -17.59 -21.18
N GLY E 119 -20.93 -18.25 -21.67
CA GLY E 119 -21.74 -19.10 -20.83
C GLY E 119 -22.43 -20.19 -21.62
N PHE E 120 -22.70 -21.30 -20.95
CA PHE E 120 -23.44 -22.41 -21.52
C PHE E 120 -24.36 -23.00 -20.46
N ASN E 121 -25.44 -23.62 -20.89
CA ASN E 121 -26.41 -24.20 -19.98
C ASN E 121 -27.13 -25.35 -20.65
N GLY E 122 -27.43 -26.38 -19.87
CA GLY E 122 -28.22 -27.50 -20.34
C GLY E 122 -28.88 -28.24 -19.21
N ASN E 123 -30.19 -28.49 -19.32
CA ASN E 123 -30.94 -29.14 -18.26
C ASN E 123 -31.90 -30.15 -18.85
N VAL E 124 -32.29 -31.11 -18.02
CA VAL E 124 -33.25 -32.15 -18.40
C VAL E 124 -34.46 -32.03 -17.47
N THR E 125 -35.64 -31.95 -18.05
CA THR E 125 -36.88 -31.82 -17.30
C THR E 125 -37.71 -33.08 -17.46
N GLY E 126 -38.19 -33.62 -16.34
CA GLY E 126 -39.05 -34.78 -16.36
C GLY E 126 -40.05 -34.72 -15.23
N ASP E 127 -41.17 -35.41 -15.43
CA ASP E 127 -42.26 -35.37 -14.45
C ASP E 127 -42.79 -36.76 -14.14
N ASP E 128 -43.87 -36.83 -13.36
CA ASP E 128 -44.43 -38.13 -12.98
C ASP E 128 -44.94 -38.89 -14.20
N THR E 129 -45.59 -38.20 -15.13
CA THR E 129 -46.15 -38.86 -16.29
C THR E 129 -45.10 -39.34 -17.28
N GLY E 130 -43.81 -39.16 -16.98
CA GLY E 130 -42.76 -39.67 -17.82
C GLY E 130 -42.33 -38.75 -18.94
N LYS E 131 -42.93 -37.57 -19.08
CA LYS E 131 -42.48 -36.63 -20.09
C LYS E 131 -41.04 -36.22 -19.80
N ILE E 132 -40.20 -36.20 -20.84
CA ILE E 132 -38.80 -35.82 -20.73
C ILE E 132 -38.56 -34.65 -21.67
N GLY E 133 -37.94 -33.60 -21.16
CA GLY E 133 -37.62 -32.43 -21.97
C GLY E 133 -36.18 -32.00 -21.77
N GLY E 134 -35.69 -31.27 -22.77
CA GLY E 134 -34.33 -30.78 -22.75
C GLY E 134 -34.28 -29.30 -23.09
N LEU E 135 -33.14 -28.70 -22.74
CA LEU E 135 -32.93 -27.28 -23.00
C LEU E 135 -31.44 -27.01 -23.04
N ILE E 136 -30.97 -26.41 -24.12
CA ILE E 136 -29.57 -26.04 -24.28
C ILE E 136 -29.52 -24.56 -24.64
N GLY E 137 -28.67 -23.80 -23.93
CA GLY E 137 -28.57 -22.38 -24.18
C GLY E 137 -27.19 -21.85 -23.91
N ALA E 138 -26.95 -20.63 -24.36
CA ALA E 138 -25.66 -19.97 -24.21
C ALA E 138 -25.89 -18.47 -24.14
N ASN E 139 -24.89 -17.76 -23.62
CA ASN E 139 -24.99 -16.32 -23.48
C ASN E 139 -23.59 -15.71 -23.49
N VAL E 140 -23.55 -14.43 -23.83
CA VAL E 140 -22.32 -13.65 -23.84
C VAL E 140 -22.59 -12.33 -23.13
N SER E 141 -21.52 -11.74 -22.59
CA SER E 141 -21.64 -10.47 -21.89
C SER E 141 -20.35 -9.67 -22.04
N ILE E 142 -20.50 -8.36 -22.19
CA ILE E 142 -19.37 -7.43 -22.25
C ILE E 142 -19.64 -6.30 -21.29
N GLY E 143 -18.61 -5.89 -20.55
CA GLY E 143 -18.77 -4.87 -19.55
C GLY E 143 -17.57 -3.94 -19.41
N HIS E 144 -17.83 -2.64 -19.42
CA HIS E 144 -16.81 -1.62 -19.23
C HIS E 144 -17.01 -0.97 -17.88
N THR E 145 -15.94 -0.91 -17.09
CA THR E 145 -15.99 -0.33 -15.75
C THR E 145 -14.92 0.75 -15.64
N LEU E 146 -15.32 1.93 -15.15
CA LEU E 146 -14.44 3.07 -14.99
C LEU E 146 -14.69 3.70 -13.63
N LYS E 147 -13.62 3.88 -12.85
CA LYS E 147 -13.70 4.47 -11.53
C LYS E 147 -12.58 5.49 -11.35
N TYR E 148 -12.88 6.55 -10.59
CA TYR E 148 -11.91 7.60 -10.32
C TYR E 148 -12.27 8.27 -9.01
N VAL E 149 -11.34 9.07 -8.50
CA VAL E 149 -11.48 9.75 -7.23
C VAL E 149 -11.67 11.24 -7.52
N GLN E 150 -12.75 11.81 -7.01
CA GLN E 150 -13.09 13.21 -7.21
C GLN E 150 -13.28 13.90 -5.86
N PRO E 151 -12.34 14.73 -5.43
CA PRO E 151 -12.49 15.40 -4.13
C PRO E 151 -13.61 16.42 -4.16
N ASP E 152 -14.15 16.71 -2.97
CA ASP E 152 -15.20 17.72 -2.86
C ASP E 152 -14.69 19.08 -3.31
N PHE E 153 -13.50 19.46 -2.86
CA PHE E 153 -12.89 20.73 -3.22
C PHE E 153 -11.60 20.45 -3.98
N LYS E 154 -11.48 21.06 -5.17
CA LYS E 154 -10.37 20.79 -6.08
C LYS E 154 -9.56 22.07 -6.23
N THR E 155 -8.33 22.05 -5.71
CA THR E 155 -7.46 23.21 -5.81
C THR E 155 -6.97 23.38 -7.24
N ILE E 156 -6.91 24.64 -7.69
CA ILE E 156 -6.46 24.97 -9.04
C ILE E 156 -5.49 26.13 -8.96
N LEU E 157 -4.61 26.21 -9.95
CA LEU E 157 -3.64 27.29 -10.08
C LEU E 157 -4.00 28.12 -11.30
N GLU E 158 -4.43 29.35 -11.07
CA GLU E 158 -4.74 30.24 -12.19
C GLU E 158 -3.47 30.55 -12.97
N SER E 159 -3.66 30.89 -14.24
CA SER E 159 -2.54 31.20 -15.14
C SER E 159 -1.57 32.16 -14.48
N PRO E 160 -0.38 31.71 -14.09
CA PRO E 160 0.57 32.59 -13.41
C PRO E 160 1.35 33.45 -14.38
N THR E 161 1.03 34.75 -14.42
CA THR E 161 1.85 35.70 -15.14
C THR E 161 3.02 36.16 -14.28
N ASP E 162 3.94 36.89 -14.91
CA ASP E 162 5.16 37.28 -14.21
C ASP E 162 4.86 38.15 -12.99
N LYS E 163 3.97 39.12 -13.15
CA LYS E 163 3.77 40.09 -12.08
C LYS E 163 2.85 39.56 -10.98
N LYS E 164 1.89 38.71 -11.32
CA LYS E 164 0.97 38.18 -10.32
C LYS E 164 0.79 36.68 -10.52
N VAL E 165 0.54 35.99 -9.41
CA VAL E 165 0.21 34.58 -9.40
C VAL E 165 -0.95 34.36 -8.43
N GLY E 166 -1.89 33.52 -8.81
CA GLY E 166 -3.07 33.31 -8.00
C GLY E 166 -3.58 31.89 -7.99
N TRP E 167 -3.89 31.38 -6.80
CA TRP E 167 -4.47 30.05 -6.66
C TRP E 167 -5.99 30.15 -6.59
N LYS E 168 -6.64 29.00 -6.41
CA LYS E 168 -8.09 28.96 -6.41
C LYS E 168 -8.55 27.63 -5.82
N VAL E 169 -9.67 27.68 -5.11
CA VAL E 169 -10.32 26.49 -4.59
C VAL E 169 -11.79 26.56 -4.94
N ILE E 170 -12.32 25.50 -5.53
CA ILE E 170 -13.70 25.50 -5.98
C ILE E 170 -14.44 24.32 -5.36
N PHE E 171 -15.73 24.23 -5.64
CA PHE E 171 -16.60 23.20 -5.07
C PHE E 171 -16.93 22.20 -6.17
N ASN E 172 -16.19 21.09 -6.20
CA ASN E 172 -16.42 20.08 -7.24
C ASN E 172 -17.81 19.47 -7.11
N ASN E 173 -18.10 18.84 -5.97
CA ASN E 173 -19.40 18.25 -5.71
C ASN E 173 -19.40 17.72 -4.28
N MET E 174 -20.59 17.39 -3.78
CA MET E 174 -20.74 16.90 -2.41
C MET E 174 -21.71 15.72 -2.42
N VAL E 175 -21.56 14.88 -1.39
CA VAL E 175 -22.44 13.74 -1.15
C VAL E 175 -23.33 14.11 0.02
N ASN E 176 -24.65 14.02 -0.18
CA ASN E 176 -25.63 14.37 0.83
C ASN E 176 -26.41 13.16 1.28
N GLN E 177 -26.45 12.92 2.58
CA GLN E 177 -27.26 11.85 3.17
C GLN E 177 -27.03 10.53 2.46
N ASN E 178 -25.77 10.26 2.12
CA ASN E 178 -25.37 9.01 1.50
C ASN E 178 -26.06 8.79 0.16
N TRP E 179 -26.48 9.86 -0.50
CA TRP E 179 -27.09 9.77 -1.82
C TRP E 179 -26.09 10.19 -2.89
N GLY E 180 -26.53 10.16 -4.14
CA GLY E 180 -25.67 10.50 -5.25
C GLY E 180 -25.07 11.87 -5.09
N PRO E 181 -23.81 12.03 -5.48
CA PRO E 181 -23.14 13.33 -5.31
C PRO E 181 -23.79 14.40 -6.18
N TYR E 182 -24.10 15.53 -5.57
CA TYR E 182 -24.68 16.66 -6.27
C TYR E 182 -23.64 17.76 -6.45
N ASP E 183 -24.00 18.76 -7.26
CA ASP E 183 -23.12 19.89 -7.51
C ASP E 183 -23.99 21.11 -7.82
N ARG E 184 -23.33 22.22 -8.14
CA ARG E 184 -24.06 23.47 -8.32
C ARG E 184 -25.06 23.38 -9.46
N ASP E 185 -24.67 22.74 -10.57
CA ASP E 185 -25.52 22.68 -11.74
C ASP E 185 -26.44 21.46 -11.75
N SER E 186 -26.39 20.63 -10.71
CA SER E 186 -27.30 19.48 -10.65
C SER E 186 -28.74 19.95 -10.56
N TRP E 187 -29.62 19.34 -11.35
CA TRP E 187 -31.01 19.72 -11.42
C TRP E 187 -31.89 18.48 -11.46
N ASN E 188 -33.03 18.56 -10.79
CA ASN E 188 -34.04 17.49 -10.82
C ASN E 188 -35.39 18.13 -11.12
N PRO E 189 -36.10 17.67 -12.16
CA PRO E 189 -37.35 18.35 -12.53
C PRO E 189 -38.38 18.40 -11.41
N VAL E 190 -38.45 17.37 -10.57
CA VAL E 190 -39.45 17.33 -9.51
C VAL E 190 -39.01 18.18 -8.32
N TYR E 191 -37.88 17.82 -7.72
CA TYR E 191 -37.39 18.52 -6.54
C TYR E 191 -36.45 19.67 -6.89
N GLY E 192 -35.64 19.52 -7.92
CA GLY E 192 -34.65 20.52 -8.25
C GLY E 192 -33.30 20.18 -7.69
N ASN E 193 -32.48 21.23 -7.53
CA ASN E 193 -31.16 21.08 -6.93
C ASN E 193 -31.30 20.67 -5.47
N GLN E 194 -30.91 19.44 -5.14
CA GLN E 194 -31.04 18.90 -3.79
C GLN E 194 -29.72 18.90 -3.04
N LEU E 195 -28.83 19.84 -3.33
CA LEU E 195 -27.52 19.84 -2.70
C LEU E 195 -27.64 19.97 -1.19
N PHE E 196 -28.12 21.12 -0.71
CA PHE E 196 -28.32 21.35 0.72
C PHE E 196 -29.80 21.21 1.09
N MET E 197 -30.30 19.99 0.97
CA MET E 197 -31.69 19.67 1.30
C MET E 197 -31.73 18.70 2.47
N LYS E 198 -32.50 19.05 3.50
CA LYS E 198 -32.61 18.18 4.68
C LYS E 198 -33.57 17.03 4.43
N THR E 199 -34.82 17.35 4.13
CA THR E 199 -35.85 16.35 3.88
C THR E 199 -36.56 16.68 2.56
N ARG E 200 -36.88 15.64 1.81
CA ARG E 200 -37.54 15.86 0.51
C ARG E 200 -38.90 16.50 0.68
N ASN E 201 -39.70 16.03 1.64
CA ASN E 201 -41.05 16.52 1.85
C ASN E 201 -41.33 16.71 3.34
N GLY E 202 -40.37 17.27 4.06
CA GLY E 202 -40.57 17.52 5.47
C GLY E 202 -41.58 18.61 5.72
N SER E 203 -42.25 18.53 6.88
CA SER E 203 -43.27 19.50 7.26
C SER E 203 -42.75 20.57 8.21
N MET E 204 -41.46 20.56 8.53
CA MET E 204 -40.90 21.54 9.45
C MET E 204 -40.87 22.92 8.81
N LYS E 205 -40.35 23.89 9.54
CA LYS E 205 -40.30 25.26 9.05
C LYS E 205 -39.32 25.37 7.89
N ALA E 206 -39.52 26.38 7.06
CA ALA E 206 -38.66 26.56 5.90
C ALA E 206 -37.20 26.76 6.29
N ALA E 207 -36.93 27.62 7.27
CA ALA E 207 -35.55 27.87 7.66
C ALA E 207 -34.90 26.64 8.28
N ASP E 208 -35.65 25.90 9.09
CA ASP E 208 -35.09 24.72 9.75
C ASP E 208 -34.67 23.65 8.75
N ASN E 209 -35.40 23.52 7.64
CA ASN E 209 -35.16 22.45 6.68
C ASN E 209 -33.90 22.77 5.87
N PHE E 210 -32.76 22.57 6.52
CA PHE E 210 -31.46 22.69 5.87
C PHE E 210 -30.53 21.61 6.40
N LEU E 211 -29.58 21.21 5.56
CA LEU E 211 -28.60 20.22 5.96
C LEU E 211 -27.76 20.75 7.12
N ASP E 212 -27.53 19.90 8.10
CA ASP E 212 -26.75 20.31 9.27
C ASP E 212 -25.33 20.65 8.83
N PRO E 213 -24.75 21.74 9.34
CA PRO E 213 -23.37 22.06 8.95
C PRO E 213 -22.37 20.97 9.28
N ASN E 214 -22.60 20.22 10.36
CA ASN E 214 -21.68 19.14 10.72
C ASN E 214 -21.67 18.06 9.65
N LYS E 215 -22.84 17.71 9.13
CA LYS E 215 -22.90 16.67 8.09
C LYS E 215 -22.16 17.10 6.84
N ALA E 216 -22.30 18.38 6.46
CA ALA E 216 -21.64 18.86 5.26
C ALA E 216 -20.13 18.88 5.45
N SER E 217 -19.42 19.25 4.39
CA SER E 217 -17.97 19.25 4.42
C SER E 217 -17.45 20.28 5.42
N SER E 218 -16.25 20.01 5.95
CA SER E 218 -15.70 20.87 6.99
C SER E 218 -15.41 22.27 6.48
N LEU E 219 -15.04 22.40 5.20
CA LEU E 219 -14.62 23.70 4.70
C LEU E 219 -15.78 24.69 4.71
N LEU E 220 -16.99 24.23 4.36
CA LEU E 220 -18.10 25.15 4.16
C LEU E 220 -18.37 25.97 5.41
N SER E 221 -18.44 25.31 6.57
CA SER E 221 -18.83 25.98 7.80
C SER E 221 -17.64 26.40 8.64
N SER E 222 -16.64 25.54 8.77
CA SER E 222 -15.51 25.78 9.66
C SER E 222 -14.35 26.50 8.99
N GLY E 223 -14.48 26.84 7.71
CA GLY E 223 -13.44 27.56 7.01
C GLY E 223 -12.40 26.65 6.39
N PHE E 224 -11.56 27.26 5.55
CA PHE E 224 -10.49 26.57 4.84
C PHE E 224 -9.16 27.25 5.13
N SER E 225 -8.18 26.47 5.55
CA SER E 225 -6.85 26.99 5.82
C SER E 225 -5.97 26.76 4.61
N PRO E 226 -5.51 27.80 3.92
CA PRO E 226 -4.65 27.59 2.76
C PRO E 226 -3.17 27.48 3.13
N ASP E 227 -2.42 26.87 2.20
CA ASP E 227 -0.97 26.77 2.33
C ASP E 227 -0.40 26.81 0.92
N PHE E 228 -0.03 28.02 0.48
CA PHE E 228 0.56 28.23 -0.82
C PHE E 228 1.89 28.94 -0.66
N ALA E 229 2.87 28.52 -1.44
CA ALA E 229 4.23 29.06 -1.37
C ALA E 229 4.61 29.64 -2.72
N THR E 230 5.18 30.84 -2.70
CA THR E 230 5.73 31.47 -3.89
C THR E 230 7.11 32.02 -3.56
N VAL E 231 7.95 32.13 -4.57
CA VAL E 231 9.29 32.67 -4.43
C VAL E 231 9.45 33.86 -5.37
N ILE E 232 10.00 34.95 -4.85
CA ILE E 232 10.21 36.18 -5.61
C ILE E 232 11.71 36.43 -5.68
N THR E 233 12.19 36.71 -6.89
CA THR E 233 13.59 37.01 -7.13
C THR E 233 13.75 38.40 -7.72
N MET E 234 14.75 39.13 -7.23
CA MET E 234 15.04 40.48 -7.69
C MET E 234 16.55 40.61 -7.88
N ASP E 235 16.95 41.30 -8.95
CA ASP E 235 18.37 41.40 -9.27
C ASP E 235 19.12 42.12 -8.16
N ARG E 236 20.36 41.68 -7.93
CA ARG E 236 21.17 42.25 -6.86
C ARG E 236 21.78 43.60 -7.21
N LYS E 237 21.73 44.00 -8.48
CA LYS E 237 22.28 45.29 -8.90
C LYS E 237 21.20 46.34 -9.16
N ALA E 238 19.95 46.07 -8.75
CA ALA E 238 18.87 47.01 -8.98
C ALA E 238 19.13 48.33 -8.26
N SER E 239 18.82 49.43 -8.94
CA SER E 239 19.04 50.74 -8.34
C SER E 239 18.18 50.95 -7.09
N LYS E 240 16.92 50.53 -7.15
CA LYS E 240 15.99 50.67 -6.03
C LYS E 240 15.80 49.32 -5.37
N GLN E 241 16.01 49.27 -4.05
CA GLN E 241 15.95 48.03 -3.29
C GLN E 241 14.65 47.88 -2.52
N GLN E 242 13.65 48.72 -2.79
CA GLN E 242 12.35 48.64 -2.13
C GLN E 242 11.32 48.11 -3.11
N THR E 243 10.51 47.15 -2.66
CA THR E 243 9.49 46.53 -3.48
C THR E 243 8.18 46.49 -2.71
N ASN E 244 7.08 46.60 -3.45
CA ASN E 244 5.74 46.58 -2.88
C ASN E 244 4.99 45.34 -3.34
N ILE E 245 4.28 44.70 -2.41
CA ILE E 245 3.51 43.50 -2.70
C ILE E 245 2.07 43.73 -2.27
N ASP E 246 1.15 43.02 -2.93
CA ASP E 246 -0.25 43.02 -2.57
C ASP E 246 -0.73 41.60 -2.37
N VAL E 247 -1.53 41.39 -1.33
CA VAL E 247 -2.05 40.07 -0.99
C VAL E 247 -3.56 40.15 -0.95
N ILE E 248 -4.22 39.21 -1.62
CA ILE E 248 -5.68 39.17 -1.70
C ILE E 248 -6.15 37.83 -1.17
N TYR E 249 -7.25 37.85 -0.42
CA TYR E 249 -7.86 36.66 0.15
C TYR E 249 -9.34 36.61 -0.18
N GLU E 250 -9.68 36.93 -1.43
CA GLU E 250 -11.09 37.04 -1.79
C GLU E 250 -11.78 35.68 -1.66
N ARG E 251 -13.04 35.73 -1.24
CA ARG E 251 -13.87 34.54 -1.09
C ARG E 251 -15.21 34.81 -1.75
N VAL E 252 -15.73 33.80 -2.45
CA VAL E 252 -16.98 33.91 -3.20
C VAL E 252 -18.01 33.02 -2.55
N ARG E 253 -19.20 33.57 -2.32
CA ARG E 253 -20.32 32.83 -1.75
C ARG E 253 -21.38 32.60 -2.82
N ASP E 254 -22.47 31.95 -2.41
CA ASP E 254 -23.57 31.64 -3.29
C ASP E 254 -24.87 31.77 -2.50
N ASP E 255 -25.98 31.83 -3.24
CA ASP E 255 -27.30 31.90 -2.62
C ASP E 255 -28.06 30.61 -2.92
N TYR E 256 -28.56 29.98 -1.87
CA TYR E 256 -29.36 28.76 -1.98
C TYR E 256 -30.70 29.01 -1.32
N GLN E 257 -31.78 28.82 -2.08
CA GLN E 257 -33.13 29.09 -1.62
C GLN E 257 -33.99 27.85 -1.79
N LEU E 258 -34.74 27.51 -0.77
CA LEU E 258 -35.71 26.43 -0.83
C LEU E 258 -37.10 27.01 -1.07
N HIS E 259 -37.88 26.34 -1.91
CA HIS E 259 -39.22 26.77 -2.24
C HIS E 259 -40.18 25.61 -2.07
N TRP E 260 -41.25 25.83 -1.30
CA TRP E 260 -42.34 24.86 -1.18
C TRP E 260 -43.37 25.18 -2.24
N THR E 261 -43.49 24.31 -3.25
CA THR E 261 -44.41 24.61 -4.34
C THR E 261 -45.85 24.23 -3.98
N SER E 262 -46.13 22.94 -3.81
CA SER E 262 -47.42 22.52 -3.27
C SER E 262 -47.28 21.45 -2.19
N THR E 263 -46.42 20.48 -2.39
CA THR E 263 -46.24 19.37 -1.46
C THR E 263 -44.79 19.20 -1.01
N ASN E 264 -43.85 19.23 -1.94
CA ASN E 264 -42.45 18.95 -1.66
C ASN E 264 -41.64 20.23 -1.68
N TRP E 265 -40.41 20.12 -1.17
CA TRP E 265 -39.48 21.24 -1.15
C TRP E 265 -38.72 21.31 -2.47
N LYS E 266 -38.54 22.53 -2.97
CA LYS E 266 -37.80 22.79 -4.20
C LYS E 266 -36.62 23.68 -3.88
N GLY E 267 -35.48 23.39 -4.49
CA GLY E 267 -34.26 24.13 -4.24
C GLY E 267 -33.67 24.70 -5.51
N THR E 268 -33.21 25.94 -5.44
CA THR E 268 -32.56 26.62 -6.55
C THR E 268 -31.27 27.27 -6.07
N ASN E 269 -30.29 27.30 -6.96
CA ASN E 269 -28.97 27.83 -6.65
C ASN E 269 -28.66 28.99 -7.58
N THR E 270 -28.15 30.08 -7.02
CA THR E 270 -27.73 31.26 -7.77
C THR E 270 -26.24 31.44 -7.56
N LYS E 271 -25.44 30.91 -8.48
CA LYS E 271 -24.00 30.94 -8.32
C LYS E 271 -23.47 32.37 -8.43
N ASP E 272 -22.40 32.64 -7.68
CA ASP E 272 -21.72 33.94 -7.71
C ASP E 272 -22.68 35.07 -7.34
N LYS E 273 -23.17 35.02 -6.10
CA LYS E 273 -24.08 36.03 -5.57
C LYS E 273 -23.32 37.20 -4.96
N TRP E 274 -22.43 36.92 -4.00
CA TRP E 274 -21.64 37.94 -3.35
C TRP E 274 -20.16 37.59 -3.45
N THR E 275 -19.32 38.61 -3.36
CA THR E 275 -17.87 38.43 -3.37
C THR E 275 -17.27 39.36 -2.33
N ASP E 276 -16.37 38.83 -1.50
CA ASP E 276 -15.70 39.60 -0.46
C ASP E 276 -14.21 39.59 -0.75
N ARG E 277 -13.59 40.77 -0.75
CA ARG E 277 -12.16 40.91 -0.99
C ARG E 277 -11.54 41.69 0.14
N SER E 278 -10.35 41.24 0.57
CA SER E 278 -9.62 41.87 1.66
C SER E 278 -8.15 41.93 1.23
N SER E 279 -7.74 43.05 0.67
CA SER E 279 -6.41 43.23 0.11
C SER E 279 -5.59 44.12 1.03
N GLU E 280 -4.38 43.67 1.36
CA GLU E 280 -3.43 44.48 2.13
C GLU E 280 -2.10 44.55 1.38
N ARG E 281 -1.48 45.72 1.44
CA ARG E 281 -0.24 46.00 0.71
C ARG E 281 0.93 45.90 1.68
N TYR E 282 1.88 45.02 1.37
CA TYR E 282 3.10 44.90 2.15
C TYR E 282 4.27 45.59 1.43
N LYS E 283 5.31 45.91 2.20
CA LYS E 283 6.49 46.56 1.69
C LYS E 283 7.71 45.69 1.96
N ILE E 284 8.58 45.58 0.96
CA ILE E 284 9.77 44.73 1.03
C ILE E 284 11.00 45.62 0.92
N ASP E 285 11.97 45.37 1.79
CA ASP E 285 13.25 46.08 1.78
C ASP E 285 14.35 45.03 1.63
N TRP E 286 14.82 44.84 0.40
CA TRP E 286 15.85 43.83 0.16
C TRP E 286 17.14 44.18 0.89
N GLU E 287 17.49 45.45 0.94
CA GLU E 287 18.74 45.85 1.60
C GLU E 287 18.74 45.45 3.07
N LYS E 288 17.63 45.72 3.77
CA LYS E 288 17.53 45.38 5.18
C LYS E 288 17.03 43.96 5.42
N GLU E 289 16.60 43.25 4.38
CA GLU E 289 16.09 41.89 4.49
C GLU E 289 14.97 41.81 5.53
N GLU E 290 13.89 42.54 5.25
CA GLU E 290 12.77 42.58 6.16
C GLU E 290 11.52 42.99 5.40
N MET E 291 10.40 42.37 5.75
CA MET E 291 9.09 42.70 5.21
C MET E 291 8.23 43.22 6.35
N THR E 292 7.82 44.47 6.28
CA THR E 292 7.08 45.10 7.36
C THR E 292 5.89 45.86 6.81
N ASN E 293 4.70 45.55 7.34
CA ASN E 293 3.50 46.34 7.10
C ASN E 293 2.33 45.75 7.89
N ALA F 1 20.22 -9.11 2.49
CA ALA F 1 20.43 -7.90 3.33
C ALA F 1 21.59 -8.09 4.28
N ASP F 2 22.62 -7.24 4.14
CA ASP F 2 23.80 -7.34 4.98
C ASP F 2 23.46 -7.16 6.45
N SER F 3 22.34 -6.51 6.76
CA SER F 3 21.95 -6.29 8.15
C SER F 3 21.22 -7.49 8.77
N ASP F 4 20.80 -8.46 7.97
CA ASP F 4 20.12 -9.63 8.50
C ASP F 4 21.09 -10.67 9.05
N ILE F 5 22.39 -10.47 8.87
CA ILE F 5 23.42 -11.36 9.37
C ILE F 5 24.06 -10.81 10.64
N ASN F 6 23.56 -9.70 11.16
CA ASN F 6 24.10 -8.95 12.29
C ASN F 6 25.30 -8.12 11.87
N ILE F 7 25.74 -8.21 10.61
CA ILE F 7 26.81 -7.35 10.12
C ILE F 7 26.27 -5.95 9.98
N LYS F 8 27.01 -4.97 10.49
CA LYS F 8 26.58 -3.58 10.37
C LYS F 8 26.37 -3.24 8.91
N THR F 9 25.27 -2.54 8.62
CA THR F 9 24.91 -2.23 7.25
C THR F 9 26.03 -1.45 6.56
N GLY F 10 26.34 -1.86 5.33
CA GLY F 10 27.35 -1.17 4.54
C GLY F 10 28.77 -1.56 4.85
N THR F 11 28.99 -2.48 5.79
CA THR F 11 30.36 -2.88 6.12
C THR F 11 31.02 -3.58 4.94
N THR F 12 30.27 -4.41 4.23
CA THR F 12 30.83 -5.20 3.14
C THR F 12 30.92 -4.42 1.84
N ASP F 13 30.39 -3.20 1.79
CA ASP F 13 30.46 -2.42 0.56
C ASP F 13 31.88 -1.93 0.32
N ILE F 14 32.14 -1.55 -0.93
CA ILE F 14 33.46 -1.13 -1.38
C ILE F 14 33.33 0.26 -2.00
N GLY F 15 34.30 1.12 -1.73
CA GLY F 15 34.29 2.47 -2.25
C GLY F 15 34.51 3.51 -1.17
N SER F 16 34.74 3.05 0.06
CA SER F 16 34.99 3.96 1.16
C SER F 16 36.40 4.55 1.07
N ASN F 17 36.52 5.79 1.54
CA ASN F 17 37.81 6.48 1.67
C ASN F 17 38.65 6.31 0.40
N THR F 18 38.04 6.57 -0.74
CA THR F 18 38.75 6.51 -2.02
C THR F 18 38.20 7.57 -2.96
N THR F 19 39.04 7.96 -3.91
CA THR F 19 38.68 8.95 -4.92
C THR F 19 38.37 8.24 -6.23
N VAL F 20 37.20 8.51 -6.78
CA VAL F 20 36.74 7.90 -8.02
C VAL F 20 36.79 8.95 -9.13
N LYS F 21 37.49 8.63 -10.22
CA LYS F 21 37.60 9.50 -11.37
C LYS F 21 36.55 9.06 -12.38
N THR F 22 35.40 9.75 -12.36
CA THR F 22 34.32 9.43 -13.28
C THR F 22 34.59 10.06 -14.65
N GLY F 23 33.63 9.94 -15.55
CA GLY F 23 33.77 10.52 -16.87
C GLY F 23 32.47 10.41 -17.64
N ASP F 24 32.57 10.68 -18.94
CA ASP F 24 31.39 10.65 -19.79
C ASP F 24 31.82 10.66 -21.25
N LEU F 25 31.06 9.95 -22.08
CA LEU F 25 31.27 9.96 -23.52
C LEU F 25 29.91 9.94 -24.19
N VAL F 26 29.73 10.84 -25.16
CA VAL F 26 28.47 10.96 -25.89
C VAL F 26 28.79 10.93 -27.38
N THR F 27 28.08 10.08 -28.11
CA THR F 27 28.20 10.02 -29.56
C THR F 27 26.85 9.64 -30.15
N TYR F 28 26.48 10.28 -31.25
CA TYR F 28 25.19 10.08 -31.89
C TYR F 28 25.39 9.54 -33.29
N ASP F 29 24.63 8.49 -33.62
CA ASP F 29 24.67 7.86 -34.94
C ASP F 29 23.46 8.35 -35.74
N LYS F 30 23.68 9.40 -36.53
CA LYS F 30 22.58 9.98 -37.31
C LYS F 30 21.95 8.95 -38.24
N GLU F 31 22.74 7.99 -38.74
CA GLU F 31 22.19 7.01 -39.65
C GLU F 31 21.11 6.18 -38.99
N ASN F 32 21.33 5.79 -37.73
CA ASN F 32 20.40 4.93 -37.01
C ASN F 32 19.65 5.65 -35.90
N GLY F 33 20.01 6.90 -35.60
CA GLY F 33 19.31 7.65 -34.57
C GLY F 33 19.42 7.02 -33.20
N MET F 34 20.62 6.60 -32.82
CA MET F 34 20.88 5.95 -31.53
C MET F 34 21.79 6.85 -30.73
N HIS F 35 21.21 7.66 -29.84
CA HIS F 35 21.96 8.58 -29.00
C HIS F 35 22.61 7.79 -27.86
N LYS F 36 23.60 6.99 -28.24
CA LYS F 36 24.29 6.15 -27.27
C LYS F 36 25.15 7.00 -26.32
N LYS F 37 25.26 6.53 -25.08
CA LYS F 37 26.04 7.21 -24.06
C LYS F 37 26.58 6.18 -23.09
N VAL F 38 27.78 6.43 -22.57
CA VAL F 38 28.39 5.59 -21.56
C VAL F 38 28.88 6.49 -20.43
N PHE F 39 28.56 6.11 -19.20
CA PHE F 39 29.00 6.83 -18.01
C PHE F 39 29.79 5.84 -17.15
N TYR F 40 31.09 6.04 -17.05
CA TYR F 40 31.97 5.11 -16.34
C TYR F 40 32.45 5.73 -15.03
N SER F 41 33.13 4.91 -14.23
CA SER F 41 33.67 5.34 -12.94
C SER F 41 34.76 4.38 -12.53
N PHE F 42 35.97 4.90 -12.30
CA PHE F 42 37.11 4.09 -11.90
C PHE F 42 37.16 4.03 -10.37
N ILE F 43 36.97 2.83 -9.81
CA ILE F 43 37.07 2.60 -8.38
C ILE F 43 38.26 1.68 -8.15
N ASP F 44 39.22 2.14 -7.35
CA ASP F 44 40.40 1.35 -6.99
C ASP F 44 40.62 1.52 -5.49
N ASP F 45 39.99 0.63 -4.72
CA ASP F 45 40.11 0.65 -3.27
C ASP F 45 41.27 -0.26 -2.85
N LYS F 46 42.20 0.31 -2.08
N LYS F 46 42.19 0.31 -2.06
CA LYS F 46 43.35 -0.46 -1.63
CA LYS F 46 43.35 -0.47 -1.63
C LYS F 46 42.94 -1.68 -0.82
C LYS F 46 42.92 -1.70 -0.85
N ASN F 47 41.81 -1.61 -0.11
CA ASN F 47 41.31 -2.76 0.62
C ASN F 47 40.72 -3.81 -0.32
N HIS F 48 40.54 -3.50 -1.59
CA HIS F 48 39.98 -4.44 -2.54
C HIS F 48 41.08 -5.36 -3.09
N ASN F 49 40.69 -6.25 -3.99
CA ASN F 49 41.60 -7.21 -4.59
C ASN F 49 41.89 -6.94 -6.05
N LYS F 50 40.94 -6.36 -6.78
CA LYS F 50 41.13 -6.04 -8.19
C LYS F 50 40.60 -4.63 -8.46
N LYS F 51 41.15 -4.00 -9.49
CA LYS F 51 40.60 -2.73 -9.93
C LYS F 51 39.18 -2.92 -10.45
N LEU F 52 38.36 -1.88 -10.29
CA LEU F 52 36.96 -1.93 -10.68
C LEU F 52 36.66 -0.84 -11.69
N LEU F 53 35.60 -1.07 -12.46
CA LEU F 53 35.15 -0.10 -13.45
C LEU F 53 33.70 -0.43 -13.79
N VAL F 54 32.81 0.55 -13.63
CA VAL F 54 31.38 0.36 -13.86
C VAL F 54 31.01 1.16 -15.10
N ILE F 55 30.35 0.51 -16.05
CA ILE F 55 29.91 1.13 -17.28
C ILE F 55 28.38 1.18 -17.27
N ARG F 56 27.84 2.39 -17.31
CA ARG F 56 26.38 2.62 -17.33
C ARG F 56 26.01 3.10 -18.72
N THR F 57 25.54 2.17 -19.55
CA THR F 57 25.20 2.48 -20.94
C THR F 57 23.77 3.03 -21.01
N LYS F 58 23.63 4.26 -20.53
CA LYS F 58 22.32 4.91 -20.50
C LYS F 58 21.79 5.10 -21.91
N GLY F 59 22.49 5.92 -22.71
CA GLY F 59 22.14 6.10 -24.10
C GLY F 59 20.67 6.33 -24.37
N THR F 60 20.25 6.11 -25.61
CA THR F 60 18.84 6.17 -26.00
C THR F 60 18.71 5.70 -27.44
N ILE F 61 17.59 5.04 -27.73
CA ILE F 61 17.35 4.44 -29.03
C ILE F 61 16.03 4.98 -29.57
N ALA F 62 16.03 5.36 -30.85
CA ALA F 62 14.83 5.89 -31.47
C ALA F 62 13.81 4.79 -31.71
N GLY F 63 12.59 5.20 -32.06
CA GLY F 63 11.50 4.27 -32.28
C GLY F 63 11.41 3.78 -33.71
N GLN F 64 11.46 4.70 -34.67
CA GLN F 64 11.34 4.37 -36.09
C GLN F 64 10.02 3.65 -36.38
N TYR F 65 8.93 4.36 -36.14
CA TYR F 65 7.58 3.84 -36.34
C TYR F 65 6.93 4.67 -37.45
N ARG F 66 6.94 4.16 -38.68
CA ARG F 66 6.37 4.88 -39.81
C ARG F 66 5.99 3.89 -40.89
N VAL F 67 5.15 4.35 -41.82
CA VAL F 67 4.71 3.53 -42.94
C VAL F 67 5.81 3.59 -44.00
N TYR F 68 6.58 2.51 -44.13
CA TYR F 68 7.71 2.53 -45.04
C TYR F 68 7.25 2.53 -46.50
N SER F 69 6.20 1.78 -46.82
CA SER F 69 5.72 1.68 -48.19
C SER F 69 4.20 1.73 -48.21
N GLU F 70 3.66 2.42 -49.22
CA GLU F 70 2.23 2.47 -49.46
C GLU F 70 1.98 2.22 -50.94
N GLU F 71 1.02 1.35 -51.24
CA GLU F 71 0.70 0.97 -52.62
C GLU F 71 -0.80 1.18 -52.83
N GLY F 72 -1.18 2.42 -53.18
CA GLY F 72 -2.57 2.69 -53.41
C GLY F 72 -3.42 2.42 -52.18
N ALA F 73 -4.69 2.17 -52.42
CA ALA F 73 -5.63 1.82 -51.36
C ALA F 73 -5.76 0.31 -51.18
N ASN F 74 -5.10 -0.48 -52.03
CA ASN F 74 -5.23 -1.93 -51.92
C ASN F 74 -4.49 -2.46 -50.68
N LYS F 75 -3.28 -1.98 -50.45
CA LYS F 75 -2.50 -2.46 -49.32
C LYS F 75 -1.42 -1.45 -48.99
N SER F 76 -0.89 -1.55 -47.77
CA SER F 76 0.20 -0.70 -47.32
C SER F 76 0.95 -1.42 -46.21
N GLY F 77 2.21 -1.01 -46.02
CA GLY F 77 3.08 -1.60 -45.03
C GLY F 77 3.31 -0.69 -43.83
N LEU F 78 4.04 -1.23 -42.86
CA LEU F 78 4.36 -0.51 -41.64
C LEU F 78 5.51 -1.21 -40.94
N ALA F 79 6.48 -0.42 -40.47
CA ALA F 79 7.65 -0.94 -39.78
C ALA F 79 7.67 -0.39 -38.36
N TRP F 80 7.81 -1.28 -37.39
CA TRP F 80 7.86 -0.91 -35.98
C TRP F 80 8.95 -1.72 -35.28
N PRO F 81 9.50 -1.20 -34.19
CA PRO F 81 10.57 -1.90 -33.49
C PRO F 81 10.03 -3.05 -32.67
N SER F 82 10.43 -4.28 -33.01
CA SER F 82 9.98 -5.44 -32.27
C SER F 82 10.73 -5.59 -30.95
N ALA F 83 12.03 -5.28 -30.94
CA ALA F 83 12.84 -5.53 -29.76
C ALA F 83 14.07 -4.63 -29.79
N PHE F 84 14.46 -4.15 -28.62
CA PHE F 84 15.68 -3.37 -28.45
C PHE F 84 16.73 -4.21 -27.74
N LYS F 85 17.99 -3.96 -28.06
CA LYS F 85 19.08 -4.72 -27.49
C LYS F 85 20.30 -3.83 -27.28
N VAL F 86 21.06 -4.14 -26.25
CA VAL F 86 22.32 -3.47 -25.95
C VAL F 86 23.21 -4.45 -25.23
N GLN F 87 24.45 -4.58 -25.68
CA GLN F 87 25.35 -5.56 -25.11
C GLN F 87 26.78 -5.04 -25.15
N LEU F 88 27.61 -5.59 -24.27
CA LEU F 88 29.00 -5.21 -24.15
C LEU F 88 29.87 -6.45 -24.34
N GLN F 89 30.93 -6.31 -25.14
CA GLN F 89 31.80 -7.43 -25.46
C GLN F 89 33.25 -6.99 -25.32
N LEU F 90 34.12 -7.97 -25.05
CA LEU F 90 35.55 -7.76 -24.87
C LEU F 90 36.33 -8.65 -25.84
N PRO F 91 37.56 -8.27 -26.18
CA PRO F 91 38.37 -9.14 -27.03
C PRO F 91 38.61 -10.49 -26.37
N ASP F 92 38.65 -11.53 -27.20
CA ASP F 92 38.75 -12.89 -26.68
C ASP F 92 40.06 -13.10 -25.93
N ASN F 93 41.16 -12.52 -26.44
CA ASN F 93 42.45 -12.68 -25.80
C ASN F 93 42.67 -11.72 -24.64
N GLU F 94 41.68 -10.89 -24.33
CA GLU F 94 41.84 -9.89 -23.29
C GLU F 94 41.89 -10.56 -21.91
N VAL F 95 42.27 -9.78 -20.90
CA VAL F 95 42.42 -10.29 -19.55
C VAL F 95 41.33 -9.79 -18.61
N ALA F 96 40.65 -8.69 -18.94
CA ALA F 96 39.59 -8.19 -18.08
C ALA F 96 38.40 -9.14 -18.09
N GLN F 97 37.57 -9.02 -17.07
CA GLN F 97 36.41 -9.91 -16.92
C GLN F 97 35.20 -9.13 -16.43
N ILE F 98 34.03 -9.63 -16.80
CA ILE F 98 32.76 -9.06 -16.36
C ILE F 98 32.41 -9.67 -15.02
N SER F 99 32.08 -8.82 -14.05
CA SER F 99 31.78 -9.28 -12.69
C SER F 99 30.28 -9.30 -12.41
N ASP F 100 29.61 -8.15 -12.52
CA ASP F 100 28.22 -8.03 -12.11
C ASP F 100 27.45 -7.16 -13.08
N TYR F 101 26.13 -7.13 -12.90
CA TYR F 101 25.22 -6.37 -13.73
C TYR F 101 23.91 -6.21 -12.98
N TYR F 102 23.43 -4.96 -12.87
CA TYR F 102 22.31 -4.71 -11.97
C TYR F 102 21.01 -5.29 -12.50
N PRO F 103 20.46 -4.84 -13.63
CA PRO F 103 19.20 -5.40 -14.10
C PRO F 103 19.35 -6.87 -14.48
N ARG F 104 18.71 -7.74 -13.71
CA ARG F 104 18.84 -9.18 -13.89
C ARG F 104 17.46 -9.81 -13.85
N ASN F 105 17.38 -11.03 -14.39
CA ASN F 105 16.11 -11.74 -14.43
C ASN F 105 15.55 -11.90 -13.02
N SER F 106 14.25 -11.72 -12.88
CA SER F 106 13.57 -11.81 -11.61
C SER F 106 12.38 -12.74 -11.72
N ILE F 107 12.11 -13.47 -10.63
CA ILE F 107 10.97 -14.37 -10.60
C ILE F 107 9.68 -13.56 -10.66
N ASP F 108 8.65 -14.15 -11.26
CA ASP F 108 7.34 -13.52 -11.40
C ASP F 108 6.31 -14.30 -10.59
N THR F 109 5.37 -13.57 -10.01
CA THR F 109 4.32 -14.16 -9.17
C THR F 109 2.97 -13.95 -9.81
N LYS F 110 2.05 -14.86 -9.50
CA LYS F 110 0.67 -14.77 -10.00
C LYS F 110 -0.28 -15.11 -8.86
N GLU F 111 -1.38 -14.38 -8.80
CA GLU F 111 -2.39 -14.66 -7.78
C GLU F 111 -3.16 -15.93 -8.12
N TYR F 112 -3.96 -16.38 -7.17
CA TYR F 112 -4.82 -17.53 -7.38
C TYR F 112 -5.96 -17.47 -6.37
N MET F 113 -7.11 -18.03 -6.76
CA MET F 113 -8.29 -17.95 -5.92
C MET F 113 -9.27 -19.05 -6.33
N SER F 114 -9.74 -19.80 -5.34
CA SER F 114 -10.71 -20.87 -5.55
C SER F 114 -11.99 -20.53 -4.80
N THR F 115 -13.12 -20.71 -5.46
CA THR F 115 -14.43 -20.38 -4.88
C THR F 115 -15.32 -21.60 -4.90
N LEU F 116 -16.00 -21.84 -3.78
CA LEU F 116 -16.98 -22.91 -3.66
C LEU F 116 -18.25 -22.33 -3.06
N THR F 117 -19.39 -22.60 -3.68
CA THR F 117 -20.66 -22.05 -3.25
C THR F 117 -21.75 -23.12 -3.19
N TYR F 118 -22.51 -23.10 -2.11
CA TYR F 118 -23.71 -23.89 -1.96
C TYR F 118 -24.93 -22.98 -2.06
N GLY F 119 -26.07 -23.57 -2.38
CA GLY F 119 -27.30 -22.80 -2.52
C GLY F 119 -28.52 -23.65 -2.28
N PHE F 120 -29.59 -23.00 -1.82
CA PHE F 120 -30.87 -23.64 -1.62
C PHE F 120 -31.97 -22.67 -2.03
N ASN F 121 -33.12 -23.22 -2.40
CA ASN F 121 -34.24 -22.41 -2.85
C ASN F 121 -35.54 -23.14 -2.60
N GLY F 122 -36.57 -22.38 -2.23
CA GLY F 122 -37.90 -22.92 -2.06
C GLY F 122 -38.97 -21.86 -2.18
N ASN F 123 -39.98 -22.10 -3.01
CA ASN F 123 -41.02 -21.11 -3.25
C ASN F 123 -42.38 -21.80 -3.28
N VAL F 124 -43.42 -21.01 -3.02
CA VAL F 124 -44.81 -21.47 -3.05
C VAL F 124 -45.55 -20.68 -4.11
N THR F 125 -46.21 -21.37 -5.02
CA THR F 125 -46.95 -20.75 -6.11
C THR F 125 -48.43 -20.98 -5.91
N GLY F 126 -49.22 -19.91 -6.02
CA GLY F 126 -50.66 -20.02 -5.93
C GLY F 126 -51.32 -18.99 -6.82
N ASP F 127 -52.56 -19.29 -7.21
CA ASP F 127 -53.29 -18.44 -8.14
C ASP F 127 -54.72 -18.18 -7.67
N ASP F 128 -55.51 -17.50 -8.50
CA ASP F 128 -56.87 -17.17 -8.13
C ASP F 128 -57.72 -18.43 -7.93
N THR F 129 -57.55 -19.42 -8.80
CA THR F 129 -58.34 -20.64 -8.70
C THR F 129 -57.98 -21.51 -7.51
N GLY F 130 -57.03 -21.08 -6.68
CA GLY F 130 -56.68 -21.81 -5.48
C GLY F 130 -55.65 -22.89 -5.64
N LYS F 131 -55.12 -23.09 -6.84
CA LYS F 131 -54.05 -24.06 -7.03
C LYS F 131 -52.83 -23.63 -6.22
N ILE F 132 -52.22 -24.58 -5.51
CA ILE F 132 -51.03 -24.33 -4.71
C ILE F 132 -49.93 -25.25 -5.20
N GLY F 133 -48.75 -24.69 -5.46
CA GLY F 133 -47.61 -25.46 -5.91
C GLY F 133 -46.37 -25.12 -5.10
N GLY F 134 -45.44 -26.07 -5.11
CA GLY F 134 -44.19 -25.92 -4.39
C GLY F 134 -43.01 -26.26 -5.28
N LEU F 135 -41.83 -25.80 -4.84
CA LEU F 135 -40.60 -26.04 -5.58
C LEU F 135 -39.44 -25.92 -4.61
N ILE F 136 -38.60 -26.97 -4.56
CA ILE F 136 -37.41 -26.99 -3.71
C ILE F 136 -36.23 -27.34 -4.60
N GLY F 137 -35.15 -26.55 -4.50
CA GLY F 137 -33.99 -26.80 -5.32
C GLY F 137 -32.71 -26.40 -4.62
N ALA F 138 -31.59 -26.83 -5.21
CA ALA F 138 -30.27 -26.56 -4.66
C ALA F 138 -29.27 -26.52 -5.80
N ASN F 139 -28.12 -25.91 -5.55
CA ASN F 139 -27.09 -25.79 -6.57
C ASN F 139 -25.73 -25.65 -5.89
N VAL F 140 -24.70 -26.01 -6.66
CA VAL F 140 -23.32 -25.89 -6.22
C VAL F 140 -22.52 -25.23 -7.34
N SER F 141 -21.41 -24.58 -6.96
CA SER F 141 -20.56 -23.90 -7.93
C SER F 141 -19.13 -23.91 -7.44
N ILE F 142 -18.20 -24.09 -8.39
CA ILE F 142 -16.77 -24.06 -8.12
C ILE F 142 -16.13 -23.12 -9.14
N GLY F 143 -15.21 -22.29 -8.67
CA GLY F 143 -14.59 -21.31 -9.54
C GLY F 143 -13.12 -21.07 -9.24
N HIS F 144 -12.28 -21.11 -10.28
CA HIS F 144 -10.87 -20.83 -10.17
C HIS F 144 -10.58 -19.50 -10.86
N THR F 145 -9.90 -18.60 -10.14
CA THR F 145 -9.56 -17.28 -10.66
C THR F 145 -8.06 -17.07 -10.56
N LEU F 146 -7.45 -16.63 -11.65
CA LEU F 146 -6.02 -16.39 -11.73
C LEU F 146 -5.78 -15.07 -12.44
N LYS F 147 -5.00 -14.19 -11.81
CA LYS F 147 -4.68 -12.88 -12.36
C LYS F 147 -3.20 -12.59 -12.19
N TYR F 148 -2.62 -11.88 -13.16
CA TYR F 148 -1.21 -11.52 -13.12
C TYR F 148 -1.01 -10.26 -13.93
N VAL F 149 0.16 -9.66 -13.77
CA VAL F 149 0.53 -8.41 -14.43
C VAL F 149 1.56 -8.72 -15.51
N GLN F 150 1.26 -8.33 -16.74
CA GLN F 150 2.13 -8.58 -17.88
C GLN F 150 2.45 -7.26 -18.58
N PRO F 151 3.67 -6.73 -18.44
CA PRO F 151 4.00 -5.46 -19.10
C PRO F 151 4.07 -5.61 -20.61
N ASP F 152 3.87 -4.49 -21.29
CA ASP F 152 3.96 -4.49 -22.75
C ASP F 152 5.35 -4.89 -23.20
N PHE F 153 6.38 -4.32 -22.58
CA PHE F 153 7.77 -4.64 -22.90
C PHE F 153 8.43 -5.26 -21.68
N LYS F 154 9.03 -6.43 -21.88
CA LYS F 154 9.60 -7.22 -20.80
C LYS F 154 11.12 -7.30 -20.99
N THR F 155 11.85 -6.66 -20.08
CA THR F 155 13.30 -6.68 -20.17
C THR F 155 13.84 -8.04 -19.79
N ILE F 156 14.86 -8.50 -20.50
CA ILE F 156 15.48 -9.79 -20.27
C ILE F 156 16.99 -9.62 -20.29
N LEU F 157 17.68 -10.53 -19.59
CA LEU F 157 19.13 -10.55 -19.54
C LEU F 157 19.61 -11.81 -20.25
N GLU F 158 20.26 -11.64 -21.40
CA GLU F 158 20.81 -12.78 -22.11
C GLU F 158 21.91 -13.43 -21.29
N SER F 159 22.13 -14.73 -21.54
CA SER F 159 23.12 -15.51 -20.82
C SER F 159 24.45 -14.76 -20.76
N PRO F 160 24.85 -14.24 -19.59
CA PRO F 160 26.09 -13.47 -19.50
C PRO F 160 27.31 -14.37 -19.38
N THR F 161 28.09 -14.45 -20.44
CA THR F 161 29.39 -15.10 -20.38
C THR F 161 30.44 -14.12 -19.87
N ASP F 162 31.63 -14.65 -19.58
CA ASP F 162 32.67 -13.84 -18.96
C ASP F 162 33.06 -12.67 -19.85
N LYS F 163 33.25 -12.91 -21.14
CA LYS F 163 33.79 -11.88 -22.01
C LYS F 163 32.74 -10.88 -22.45
N LYS F 164 31.48 -11.30 -22.61
CA LYS F 164 30.42 -10.40 -23.04
C LYS F 164 29.18 -10.61 -22.19
N VAL F 165 28.42 -9.53 -22.04
CA VAL F 165 27.13 -9.54 -21.37
C VAL F 165 26.18 -8.69 -22.19
N GLY F 166 24.94 -9.16 -22.34
CA GLY F 166 23.98 -8.46 -23.17
C GLY F 166 22.56 -8.50 -22.63
N TRP F 167 21.89 -7.35 -22.64
CA TRP F 167 20.51 -7.26 -22.23
C TRP F 167 19.60 -7.34 -23.46
N LYS F 168 18.29 -7.22 -23.23
CA LYS F 168 17.32 -7.37 -24.30
C LYS F 168 15.98 -6.83 -23.84
N VAL F 169 15.26 -6.22 -24.78
CA VAL F 169 13.90 -5.76 -24.54
C VAL F 169 13.04 -6.26 -25.69
N ILE F 170 11.92 -6.90 -25.36
CA ILE F 170 11.05 -7.50 -26.37
C ILE F 170 9.64 -6.94 -26.23
N PHE F 171 8.75 -7.34 -27.12
CA PHE F 171 7.38 -6.86 -27.16
C PHE F 171 6.47 -7.98 -26.68
N ASN F 172 6.10 -7.93 -25.40
CA ASN F 172 5.24 -8.98 -24.85
C ASN F 172 3.87 -8.99 -25.51
N ASN F 173 3.14 -7.88 -25.41
CA ASN F 173 1.84 -7.76 -26.05
C ASN F 173 1.35 -6.33 -25.82
N MET F 174 0.30 -5.95 -26.55
CA MET F 174 -0.25 -4.61 -26.47
C MET F 174 -1.78 -4.69 -26.44
N VAL F 175 -2.39 -3.65 -25.87
CA VAL F 175 -3.84 -3.50 -25.82
C VAL F 175 -4.20 -2.42 -26.83
N ASN F 176 -5.10 -2.76 -27.75
CA ASN F 176 -5.51 -1.86 -28.82
C ASN F 176 -6.98 -1.49 -28.66
N GLN F 177 -7.26 -0.19 -28.65
CA GLN F 177 -8.64 0.33 -28.63
C GLN F 177 -9.45 -0.34 -27.53
N ASN F 178 -8.83 -0.55 -26.38
CA ASN F 178 -9.49 -1.13 -25.21
C ASN F 178 -10.02 -2.53 -25.48
N TRP F 179 -9.43 -3.24 -26.45
CA TRP F 179 -9.82 -4.61 -26.75
C TRP F 179 -8.78 -5.57 -26.17
N GLY F 180 -9.02 -6.86 -26.38
CA GLY F 180 -8.14 -7.88 -25.86
C GLY F 180 -6.71 -7.68 -26.30
N PRO F 181 -5.76 -7.93 -25.40
CA PRO F 181 -4.35 -7.70 -25.76
C PRO F 181 -3.90 -8.64 -26.86
N TYR F 182 -3.26 -8.07 -27.88
CA TYR F 182 -2.74 -8.84 -28.99
C TYR F 182 -1.21 -8.92 -28.89
N ASP F 183 -0.63 -9.76 -29.75
CA ASP F 183 0.81 -9.93 -29.79
C ASP F 183 1.21 -10.34 -31.21
N ARG F 184 2.51 -10.60 -31.40
CA ARG F 184 3.00 -10.85 -32.75
C ARG F 184 2.36 -12.09 -33.36
N ASP F 185 2.19 -13.14 -32.56
CA ASP F 185 1.66 -14.40 -33.07
C ASP F 185 0.15 -14.49 -32.98
N SER F 186 -0.53 -13.45 -32.50
CA SER F 186 -1.99 -13.48 -32.45
C SER F 186 -2.56 -13.53 -33.85
N TRP F 187 -3.55 -14.41 -34.05
CA TRP F 187 -4.15 -14.60 -35.36
C TRP F 187 -5.66 -14.74 -35.22
N ASN F 188 -6.37 -14.19 -36.20
CA ASN F 188 -7.82 -14.31 -36.27
C ASN F 188 -8.19 -14.75 -37.69
N PRO F 189 -8.94 -15.84 -37.84
CA PRO F 189 -9.20 -16.35 -39.20
C PRO F 189 -9.89 -15.34 -40.10
N VAL F 190 -10.77 -14.51 -39.56
CA VAL F 190 -11.51 -13.55 -40.38
C VAL F 190 -10.65 -12.34 -40.69
N TYR F 191 -10.23 -11.62 -39.65
CA TYR F 191 -9.45 -10.40 -39.83
C TYR F 191 -7.96 -10.66 -39.83
N GLY F 192 -7.48 -11.60 -39.03
CA GLY F 192 -6.06 -11.84 -38.89
C GLY F 192 -5.47 -11.13 -37.70
N ASN F 193 -4.17 -10.91 -37.76
CA ASN F 193 -3.47 -10.17 -36.72
C ASN F 193 -3.96 -8.73 -36.68
N GLN F 194 -4.67 -8.36 -35.62
CA GLN F 194 -5.25 -7.03 -35.48
C GLN F 194 -4.45 -6.14 -34.52
N LEU F 195 -3.13 -6.35 -34.44
CA LEU F 195 -2.33 -5.58 -33.49
C LEU F 195 -2.41 -4.09 -33.79
N PHE F 196 -1.87 -3.68 -34.94
CA PHE F 196 -1.91 -2.28 -35.35
C PHE F 196 -2.98 -2.06 -36.41
N MET F 197 -4.24 -2.22 -36.00
CA MET F 197 -5.39 -2.03 -36.87
C MET F 197 -6.23 -0.87 -36.37
N LYS F 198 -6.52 0.08 -37.26
CA LYS F 198 -7.32 1.24 -36.89
C LYS F 198 -8.80 0.90 -36.86
N THR F 199 -9.35 0.48 -37.99
CA THR F 199 -10.75 0.13 -38.11
C THR F 199 -10.88 -1.25 -38.75
N ARG F 200 -11.83 -2.04 -38.26
CA ARG F 200 -12.01 -3.39 -38.79
C ARG F 200 -12.40 -3.36 -40.27
N ASN F 201 -13.34 -2.48 -40.64
CA ASN F 201 -13.84 -2.41 -42.00
C ASN F 201 -13.96 -0.97 -42.45
N GLY F 202 -12.96 -0.15 -42.15
CA GLY F 202 -12.99 1.24 -42.57
C GLY F 202 -12.82 1.37 -44.07
N SER F 203 -13.37 2.45 -44.62
CA SER F 203 -13.32 2.73 -46.05
C SER F 203 -12.22 3.72 -46.42
N MET F 204 -11.42 4.17 -45.46
CA MET F 204 -10.37 5.13 -45.74
C MET F 204 -9.26 4.48 -46.55
N LYS F 205 -8.22 5.27 -46.85
CA LYS F 205 -7.11 4.77 -47.65
C LYS F 205 -6.33 3.72 -46.88
N ALA F 206 -5.62 2.87 -47.62
CA ALA F 206 -4.88 1.79 -46.99
C ALA F 206 -3.81 2.33 -46.03
N ALA F 207 -3.04 3.33 -46.47
CA ALA F 207 -1.99 3.86 -45.62
C ALA F 207 -2.54 4.55 -44.38
N ASP F 208 -3.65 5.29 -44.53
CA ASP F 208 -4.22 6.00 -43.40
C ASP F 208 -4.72 5.06 -42.31
N ASN F 209 -5.21 3.88 -42.70
CA ASN F 209 -5.82 2.94 -41.74
C ASN F 209 -4.72 2.27 -40.92
N PHE F 210 -4.17 3.04 -39.98
CA PHE F 210 -3.21 2.53 -39.02
C PHE F 210 -3.48 3.14 -37.66
N LEU F 211 -3.12 2.41 -36.61
CA LEU F 211 -3.27 2.92 -35.26
C LEU F 211 -2.40 4.15 -35.06
N ASP F 212 -2.96 5.16 -34.41
CA ASP F 212 -2.22 6.39 -34.17
C ASP F 212 -1.02 6.10 -33.29
N PRO F 213 0.16 6.67 -33.59
CA PRO F 213 1.32 6.41 -32.71
C PRO F 213 1.10 6.85 -31.27
N ASN F 214 0.31 7.91 -31.06
CA ASN F 214 0.06 8.36 -29.69
C ASN F 214 -0.70 7.31 -28.90
N LYS F 215 -1.68 6.66 -29.51
CA LYS F 215 -2.45 5.64 -28.81
C LYS F 215 -1.57 4.46 -28.42
N ALA F 216 -0.66 4.06 -29.32
CA ALA F 216 0.21 2.93 -29.04
C ALA F 216 1.18 3.27 -27.92
N SER F 217 1.98 2.28 -27.53
CA SER F 217 2.91 2.47 -26.43
C SER F 217 3.97 3.51 -26.77
N SER F 218 4.50 4.16 -25.74
CA SER F 218 5.45 5.24 -25.96
C SER F 218 6.74 4.75 -26.60
N LEU F 219 7.16 3.53 -26.29
CA LEU F 219 8.44 3.05 -26.78
C LEU F 219 8.45 2.94 -28.30
N LEU F 220 7.35 2.48 -28.89
CA LEU F 220 7.36 2.16 -30.32
C LEU F 220 7.72 3.38 -31.16
N SER F 221 7.11 4.52 -30.88
CA SER F 221 7.30 5.70 -31.69
C SER F 221 8.33 6.67 -31.13
N SER F 222 8.31 6.89 -29.83
CA SER F 222 9.16 7.88 -29.20
C SER F 222 10.49 7.33 -28.73
N GLY F 223 10.75 6.04 -28.93
CA GLY F 223 12.01 5.45 -28.56
C GLY F 223 12.03 4.94 -27.12
N PHE F 224 13.08 4.18 -26.81
CA PHE F 224 13.28 3.60 -25.50
C PHE F 224 14.64 4.01 -24.96
N SER F 225 14.64 4.54 -23.73
CA SER F 225 15.88 4.94 -23.08
C SER F 225 16.34 3.82 -22.17
N PRO F 226 17.47 3.18 -22.43
CA PRO F 226 17.94 2.11 -21.54
C PRO F 226 18.78 2.62 -20.39
N ASP F 227 18.85 1.79 -19.35
CA ASP F 227 19.69 2.06 -18.19
C ASP F 227 20.18 0.71 -17.67
N PHE F 228 21.37 0.32 -18.13
CA PHE F 228 21.98 -0.93 -17.71
C PHE F 228 23.37 -0.63 -17.18
N ALA F 229 23.73 -1.31 -16.09
CA ALA F 229 25.00 -1.10 -15.41
C ALA F 229 25.78 -2.41 -15.39
N THR F 230 27.06 -2.35 -15.73
CA THR F 230 27.97 -3.48 -15.63
C THR F 230 29.25 -3.01 -14.95
N VAL F 231 29.93 -3.94 -14.30
CA VAL F 231 31.20 -3.66 -13.64
C VAL F 231 32.27 -4.58 -14.22
N ILE F 232 33.42 -4.02 -14.54
CA ILE F 232 34.55 -4.76 -15.11
C ILE F 232 35.71 -4.69 -14.13
N THR F 233 36.31 -5.85 -13.85
CA THR F 233 37.45 -5.94 -12.95
C THR F 233 38.64 -6.52 -13.68
N MET F 234 39.82 -5.93 -13.44
CA MET F 234 41.07 -6.37 -14.03
C MET F 234 42.15 -6.41 -12.97
N ASP F 235 43.00 -7.44 -13.02
CA ASP F 235 44.00 -7.62 -11.98
C ASP F 235 44.97 -6.44 -11.96
N ARG F 236 45.41 -6.08 -10.76
CA ARG F 236 46.29 -4.94 -10.60
C ARG F 236 47.74 -5.23 -10.97
N LYS F 237 48.10 -6.50 -11.17
CA LYS F 237 49.46 -6.87 -11.56
C LYS F 237 49.57 -7.25 -13.02
N ALA F 238 48.54 -6.97 -13.83
CA ALA F 238 48.59 -7.31 -15.24
C ALA F 238 49.73 -6.57 -15.94
N SER F 239 50.40 -7.28 -16.85
CA SER F 239 51.52 -6.68 -17.57
C SER F 239 51.04 -5.53 -18.45
N LYS F 240 49.92 -5.70 -19.14
CA LYS F 240 49.36 -4.69 -20.02
C LYS F 240 48.16 -4.04 -19.36
N GLN F 241 48.19 -2.70 -19.27
CA GLN F 241 47.15 -1.95 -18.59
C GLN F 241 46.15 -1.31 -19.53
N GLN F 242 46.17 -1.68 -20.82
CA GLN F 242 45.24 -1.16 -21.81
C GLN F 242 44.22 -2.24 -22.16
N THR F 243 42.95 -1.86 -22.19
CA THR F 243 41.86 -2.78 -22.50
C THR F 243 40.94 -2.15 -23.54
N ASN F 244 40.36 -2.99 -24.39
CA ASN F 244 39.46 -2.56 -25.45
C ASN F 244 38.06 -3.09 -25.18
N ILE F 245 37.05 -2.24 -25.38
CA ILE F 245 35.66 -2.59 -25.16
C ILE F 245 34.88 -2.31 -26.44
N ASP F 246 33.80 -3.05 -26.63
CA ASP F 246 32.88 -2.84 -27.73
C ASP F 246 31.47 -2.68 -27.18
N VAL F 247 30.73 -1.73 -27.73
CA VAL F 247 29.37 -1.43 -27.32
C VAL F 247 28.46 -1.55 -28.52
N ILE F 248 27.36 -2.27 -28.37
CA ILE F 248 26.40 -2.49 -29.44
C ILE F 248 25.03 -2.01 -28.98
N TYR F 249 24.30 -1.38 -29.88
CA TYR F 249 22.97 -0.86 -29.61
C TYR F 249 22.00 -1.34 -30.68
N GLU F 250 22.10 -2.62 -31.05
CA GLU F 250 21.30 -3.12 -32.16
C GLU F 250 19.81 -3.06 -31.82
N ARG F 251 19.01 -2.77 -32.85
CA ARG F 251 17.56 -2.70 -32.74
C ARG F 251 16.94 -3.50 -33.86
N VAL F 252 15.89 -4.24 -33.55
CA VAL F 252 15.22 -5.11 -34.52
C VAL F 252 13.82 -4.55 -34.78
N ARG F 253 13.47 -4.44 -36.05
CA ARG F 253 12.16 -3.99 -36.47
C ARG F 253 11.36 -5.16 -37.04
N ASP F 254 10.14 -4.86 -37.48
CA ASP F 254 9.24 -5.85 -38.06
C ASP F 254 8.46 -5.20 -39.19
N ASP F 255 7.84 -6.03 -40.01
CA ASP F 255 7.01 -5.57 -41.10
C ASP F 255 5.56 -5.92 -40.82
N TYR F 256 4.68 -4.92 -40.89
CA TYR F 256 3.25 -5.12 -40.70
C TYR F 256 2.54 -4.59 -41.93
N GLN F 257 1.75 -5.45 -42.56
CA GLN F 257 1.07 -5.14 -43.81
C GLN F 257 -0.43 -5.39 -43.65
N LEU F 258 -1.24 -4.44 -44.08
CA LEU F 258 -2.68 -4.59 -44.12
C LEU F 258 -3.11 -4.98 -45.53
N HIS F 259 -4.06 -5.89 -45.62
CA HIS F 259 -4.58 -6.35 -46.90
C HIS F 259 -6.10 -6.28 -46.89
N TRP F 260 -6.67 -5.62 -47.90
CA TRP F 260 -8.11 -5.60 -48.12
C TRP F 260 -8.46 -6.77 -49.02
N THR F 261 -9.15 -7.78 -48.47
CA THR F 261 -9.44 -8.96 -49.27
C THR F 261 -10.67 -8.74 -50.15
N SER F 262 -11.86 -8.60 -49.54
CA SER F 262 -13.03 -8.18 -50.30
C SER F 262 -13.82 -7.10 -49.60
N THR F 263 -14.01 -7.20 -48.28
CA THR F 263 -14.80 -6.24 -47.51
C THR F 263 -14.02 -5.65 -46.34
N ASN F 264 -13.33 -6.48 -45.58
CA ASN F 264 -12.67 -6.07 -44.35
C ASN F 264 -11.16 -6.00 -44.54
N TRP F 265 -10.50 -5.37 -43.59
CA TRP F 265 -9.04 -5.27 -43.61
C TRP F 265 -8.42 -6.51 -42.97
N LYS F 266 -7.35 -6.99 -43.58
CA LYS F 266 -6.60 -8.13 -43.09
C LYS F 266 -5.17 -7.72 -42.79
N GLY F 267 -4.63 -8.19 -41.68
CA GLY F 267 -3.30 -7.83 -41.26
C GLY F 267 -2.41 -9.04 -41.06
N THR F 268 -1.16 -8.92 -41.52
CA THR F 268 -0.17 -9.97 -41.38
C THR F 268 1.13 -9.37 -40.86
N ASN F 269 1.84 -10.15 -40.06
CA ASN F 269 3.08 -9.72 -39.42
C ASN F 269 4.22 -10.62 -39.87
N THR F 270 5.35 -10.00 -40.21
CA THR F 270 6.56 -10.72 -40.61
C THR F 270 7.64 -10.36 -39.60
N LYS F 271 7.80 -11.20 -38.58
CA LYS F 271 8.75 -10.90 -37.51
C LYS F 271 10.19 -10.96 -38.03
N ASP F 272 11.03 -10.10 -37.45
CA ASP F 272 12.46 -10.07 -37.77
C ASP F 272 12.69 -9.81 -39.26
N LYS F 273 12.27 -8.62 -39.69
CA LYS F 273 12.42 -8.20 -41.09
C LYS F 273 13.77 -7.52 -41.30
N TRP F 274 14.06 -6.48 -40.53
CA TRP F 274 15.31 -5.74 -40.63
C TRP F 274 15.99 -5.70 -39.28
N THR F 275 17.31 -5.53 -39.31
CA THR F 275 18.10 -5.39 -38.09
C THR F 275 19.13 -4.30 -38.31
N ASP F 276 19.26 -3.38 -37.37
CA ASP F 276 20.22 -2.29 -37.43
C ASP F 276 21.18 -2.42 -36.26
N ARG F 277 22.48 -2.37 -36.56
CA ARG F 277 23.52 -2.47 -35.54
C ARG F 277 24.45 -1.28 -35.66
N SER F 278 24.83 -0.73 -34.51
CA SER F 278 25.74 0.43 -34.44
C SER F 278 26.74 0.16 -33.33
N SER F 279 27.90 -0.38 -33.70
CA SER F 279 28.92 -0.79 -32.76
C SER F 279 30.08 0.20 -32.78
N GLU F 280 30.49 0.66 -31.60
CA GLU F 280 31.66 1.50 -31.46
C GLU F 280 32.62 0.88 -30.44
N ARG F 281 33.91 1.00 -30.73
CA ARG F 281 34.95 0.41 -29.90
C ARG F 281 35.58 1.50 -29.03
N TYR F 282 35.55 1.29 -27.71
CA TYR F 282 36.19 2.19 -26.77
C TYR F 282 37.49 1.58 -26.27
N LYS F 283 38.36 2.45 -25.75
CA LYS F 283 39.66 2.06 -25.23
C LYS F 283 39.75 2.45 -23.76
N ILE F 284 40.28 1.55 -22.94
CA ILE F 284 40.39 1.75 -21.50
C ILE F 284 41.87 1.75 -21.13
N ASP F 285 42.25 2.72 -20.31
CA ASP F 285 43.61 2.84 -19.79
C ASP F 285 43.52 2.81 -18.27
N TRP F 286 43.75 1.63 -17.68
CA TRP F 286 43.67 1.49 -16.23
C TRP F 286 44.71 2.35 -15.53
N GLU F 287 45.92 2.44 -16.09
CA GLU F 287 46.98 3.21 -15.45
C GLU F 287 46.58 4.68 -15.32
N LYS F 288 46.03 5.26 -16.39
CA LYS F 288 45.62 6.66 -16.36
C LYS F 288 44.20 6.85 -15.84
N GLU F 289 43.45 5.77 -15.64
CA GLU F 289 42.08 5.85 -15.14
C GLU F 289 41.23 6.76 -16.03
N GLU F 290 41.11 6.38 -17.29
CA GLU F 290 40.37 7.17 -18.26
C GLU F 290 39.93 6.28 -19.40
N MET F 291 38.71 6.52 -19.89
CA MET F 291 38.16 5.85 -21.06
C MET F 291 37.93 6.89 -22.13
N THR F 292 38.64 6.78 -23.24
CA THR F 292 38.57 7.77 -24.31
C THR F 292 38.42 7.10 -25.66
N ASN F 293 37.38 7.50 -26.39
CA ASN F 293 37.24 7.14 -27.79
C ASN F 293 36.00 7.82 -28.37
N ALA G 1 20.29 0.27 -9.29
CA ALA G 1 20.68 0.69 -7.92
C ALA G 1 22.16 0.45 -7.68
N ASP G 2 22.89 1.53 -7.40
CA ASP G 2 24.33 1.42 -7.17
C ASP G 2 24.65 0.52 -5.99
N SER G 3 23.70 0.33 -5.07
CA SER G 3 23.93 -0.51 -3.91
C SER G 3 23.71 -1.99 -4.17
N ASP G 4 23.12 -2.35 -5.31
CA ASP G 4 22.90 -3.76 -5.63
C ASP G 4 24.13 -4.41 -6.23
N ILE G 5 25.18 -3.64 -6.49
CA ILE G 5 26.44 -4.16 -7.01
C ILE G 5 27.50 -4.29 -5.92
N ASN G 6 27.12 -4.02 -4.67
CA ASN G 6 28.00 -3.98 -3.51
C ASN G 6 28.78 -2.67 -3.47
N ILE G 7 28.64 -1.80 -4.46
CA ILE G 7 29.26 -0.49 -4.42
C ILE G 7 28.53 0.36 -3.38
N LYS G 8 29.29 1.02 -2.52
CA LYS G 8 28.66 1.87 -1.52
C LYS G 8 27.79 2.92 -2.20
N THR G 9 26.60 3.12 -1.65
CA THR G 9 25.62 4.02 -2.27
C THR G 9 26.22 5.42 -2.42
N GLY G 10 26.01 6.01 -3.60
CA GLY G 10 26.47 7.37 -3.86
C GLY G 10 27.93 7.48 -4.24
N THR G 11 28.66 6.36 -4.32
CA THR G 11 30.07 6.43 -4.69
C THR G 11 30.24 6.92 -6.12
N THR G 12 29.37 6.48 -7.02
CA THR G 12 29.50 6.82 -8.43
C THR G 12 28.91 8.18 -8.76
N ASP G 13 28.25 8.84 -7.82
CA ASP G 13 27.67 10.14 -8.09
C ASP G 13 28.77 11.20 -8.22
N ILE G 14 28.40 12.32 -8.83
CA ILE G 14 29.31 13.41 -9.12
C ILE G 14 28.75 14.69 -8.52
N GLY G 15 29.62 15.51 -7.95
CA GLY G 15 29.20 16.74 -7.33
C GLY G 15 29.73 16.90 -5.93
N SER G 16 30.53 15.94 -5.49
CA SER G 16 31.12 16.00 -4.16
C SER G 16 32.25 17.01 -4.10
N ASN G 17 32.40 17.64 -2.94
CA ASN G 17 33.51 18.56 -2.65
C ASN G 17 33.74 19.54 -3.81
N THR G 18 32.65 20.17 -4.24
CA THR G 18 32.74 21.18 -5.30
C THR G 18 31.70 22.26 -5.04
N THR G 19 31.97 23.44 -5.59
CA THR G 19 31.08 24.59 -5.48
C THR G 19 30.33 24.77 -6.79
N VAL G 20 29.01 24.81 -6.70
CA VAL G 20 28.14 24.96 -7.87
C VAL G 20 27.57 26.36 -7.87
N LYS G 21 27.75 27.07 -8.98
CA LYS G 21 27.22 28.43 -9.14
C LYS G 21 25.91 28.32 -9.90
N THR G 22 24.81 28.32 -9.16
CA THR G 22 23.49 28.22 -9.75
C THR G 22 23.05 29.58 -10.27
N GLY G 23 21.81 29.66 -10.75
CA GLY G 23 21.29 30.92 -11.24
C GLY G 23 19.81 30.79 -11.55
N ASP G 24 19.29 31.80 -12.24
CA ASP G 24 17.88 31.82 -12.57
C ASP G 24 17.63 32.87 -13.63
N LEU G 25 16.67 32.59 -14.52
CA LEU G 25 16.24 33.55 -15.53
C LEU G 25 14.73 33.41 -15.69
N VAL G 26 14.03 34.53 -15.64
CA VAL G 26 12.58 34.55 -15.78
C VAL G 26 12.21 35.56 -16.85
N THR G 27 11.36 35.13 -17.79
CA THR G 27 10.85 36.01 -18.83
C THR G 27 9.45 35.56 -19.20
N TYR G 28 8.55 36.52 -19.38
CA TYR G 28 7.15 36.26 -19.67
C TYR G 28 6.79 36.81 -21.04
N ASP G 29 6.10 35.97 -21.84
CA ASP G 29 5.65 36.36 -23.17
C ASP G 29 4.16 36.69 -23.09
N LYS G 30 3.86 37.99 -22.92
CA LYS G 30 2.48 38.41 -22.78
C LYS G 30 1.65 38.01 -24.00
N GLU G 31 2.25 37.97 -25.18
CA GLU G 31 1.49 37.63 -26.37
C GLU G 31 0.93 36.22 -26.28
N ASN G 32 1.73 35.28 -25.77
CA ASN G 32 1.33 33.88 -25.69
C ASN G 32 1.05 33.41 -24.27
N GLY G 33 1.34 34.23 -23.26
CA GLY G 33 1.07 33.85 -21.89
C GLY G 33 1.85 32.63 -21.45
N MET G 34 3.14 32.60 -21.75
CA MET G 34 4.02 31.48 -21.42
C MET G 34 5.06 31.97 -20.44
N HIS G 35 4.81 31.76 -19.15
CA HIS G 35 5.74 32.19 -18.10
C HIS G 35 6.92 31.21 -18.04
N LYS G 36 7.74 31.28 -19.08
CA LYS G 36 8.89 30.39 -19.18
C LYS G 36 9.95 30.76 -18.15
N LYS G 37 10.66 29.72 -17.68
CA LYS G 37 11.70 29.89 -16.68
C LYS G 37 12.75 28.81 -16.89
N VAL G 38 14.01 29.15 -16.63
CA VAL G 38 15.11 28.21 -16.69
C VAL G 38 15.91 28.34 -15.40
N PHE G 39 16.22 27.21 -14.78
CA PHE G 39 17.04 27.15 -13.58
C PHE G 39 18.25 26.27 -13.88
N TYR G 40 19.42 26.87 -13.96
CA TYR G 40 20.63 26.15 -14.34
C TYR G 40 21.55 25.97 -13.14
N SER G 41 22.62 25.20 -13.34
CA SER G 41 23.60 24.93 -12.29
C SER G 41 24.88 24.46 -12.94
N PHE G 42 25.99 25.16 -12.68
CA PHE G 42 27.28 24.80 -13.24
C PHE G 42 28.01 23.87 -12.29
N ILE G 43 28.23 22.63 -12.72
CA ILE G 43 28.98 21.65 -11.95
C ILE G 43 30.26 21.36 -12.72
N ASP G 44 31.40 21.56 -12.07
CA ASP G 44 32.72 21.28 -12.65
C ASP G 44 33.55 20.57 -11.58
N ASP G 45 33.43 19.24 -11.55
CA ASP G 45 34.18 18.42 -10.60
C ASP G 45 35.51 18.02 -11.22
N LYS G 46 36.60 18.32 -10.51
N LYS G 46 36.60 18.30 -10.50
CA LYS G 46 37.93 17.97 -11.02
CA LYS G 46 37.92 17.96 -11.01
C LYS G 46 38.07 16.47 -11.26
C LYS G 46 38.05 16.47 -11.28
N ASN G 47 37.37 15.65 -10.47
CA ASN G 47 37.39 14.20 -10.71
C ASN G 47 36.60 13.81 -11.95
N HIS G 48 35.84 14.73 -12.53
CA HIS G 48 35.06 14.42 -13.70
C HIS G 48 35.91 14.56 -14.96
N ASN G 49 35.29 14.34 -16.12
CA ASN G 49 35.97 14.39 -17.41
C ASN G 49 35.55 15.59 -18.25
N LYS G 50 34.31 16.05 -18.11
CA LYS G 50 33.82 17.20 -18.86
C LYS G 50 33.05 18.11 -17.93
N LYS G 51 33.00 19.39 -18.28
CA LYS G 51 32.15 20.32 -17.55
C LYS G 51 30.69 19.93 -17.72
N LEU G 52 29.89 20.22 -16.69
CA LEU G 52 28.48 19.86 -16.68
C LEU G 52 27.62 21.11 -16.51
N LEU G 53 26.37 20.99 -16.95
CA LEU G 53 25.41 22.08 -16.83
C LEU G 53 24.03 21.47 -16.97
N VAL G 54 23.17 21.70 -15.96
CA VAL G 54 21.82 21.14 -15.93
C VAL G 54 20.84 22.29 -16.11
N ILE G 55 19.93 22.15 -17.07
CA ILE G 55 18.91 23.15 -17.34
C ILE G 55 17.55 22.56 -16.96
N ARG G 56 16.89 23.21 -15.99
CA ARG G 56 15.56 22.80 -15.53
C ARG G 56 14.56 23.82 -16.04
N THR G 57 13.89 23.50 -17.15
CA THR G 57 12.94 24.41 -17.78
C THR G 57 11.57 24.26 -17.12
N LYS G 58 11.50 24.75 -15.89
CA LYS G 58 10.26 24.67 -15.12
C LYS G 58 9.15 25.44 -15.81
N GLY G 59 9.31 26.76 -15.91
CA GLY G 59 8.37 27.60 -16.64
C GLY G 59 6.91 27.32 -16.32
N THR G 60 6.02 27.75 -17.22
CA THR G 60 4.60 27.47 -17.12
C THR G 60 3.91 27.96 -18.38
N ILE G 61 2.87 27.24 -18.80
CA ILE G 61 2.16 27.51 -20.05
C ILE G 61 0.69 27.69 -19.73
N ALA G 62 0.07 28.71 -20.30
CA ALA G 62 -1.33 28.99 -20.07
C ALA G 62 -2.20 27.95 -20.80
N GLY G 63 -3.49 27.96 -20.47
CA GLY G 63 -4.43 27.02 -21.04
C GLY G 63 -5.07 27.51 -22.32
N GLN G 64 -5.57 28.74 -22.31
CA GLN G 64 -6.25 29.32 -23.48
C GLN G 64 -7.45 28.47 -23.89
N TYR G 65 -8.42 28.38 -22.97
CA TYR G 65 -9.64 27.61 -23.18
C TYR G 65 -10.81 28.60 -23.18
N ARG G 66 -11.27 28.98 -24.37
CA ARG G 66 -12.37 29.94 -24.48
C ARG G 66 -13.05 29.75 -25.83
N VAL G 67 -14.26 30.30 -25.94
CA VAL G 67 -15.03 30.23 -27.17
C VAL G 67 -14.53 31.36 -28.08
N TYR G 68 -13.75 30.99 -29.10
CA TYR G 68 -13.15 32.01 -29.95
C TYR G 68 -14.19 32.71 -30.81
N SER G 69 -15.16 31.96 -31.33
CA SER G 69 -16.19 32.52 -32.21
C SER G 69 -17.55 31.96 -31.85
N GLU G 70 -18.56 32.83 -31.91
CA GLU G 70 -19.95 32.44 -31.72
C GLU G 70 -20.78 33.06 -32.83
N GLU G 71 -21.65 32.27 -33.44
CA GLU G 71 -22.49 32.71 -34.55
C GLU G 71 -23.94 32.38 -34.21
N GLY G 72 -24.59 33.29 -33.49
CA GLY G 72 -25.98 33.07 -33.13
C GLY G 72 -26.15 31.80 -32.32
N ALA G 73 -27.36 31.27 -32.37
CA ALA G 73 -27.69 30.01 -31.71
C ALA G 73 -27.52 28.81 -32.63
N ASN G 74 -27.20 29.03 -33.91
CA ASN G 74 -27.07 27.91 -34.84
C ASN G 74 -25.81 27.10 -34.55
N LYS G 75 -24.69 27.77 -34.33
CA LYS G 75 -23.44 27.07 -34.08
C LYS G 75 -22.46 28.00 -33.38
N SER G 76 -21.45 27.40 -32.76
CA SER G 76 -20.39 28.15 -32.09
C SER G 76 -19.15 27.29 -32.03
N GLY G 77 -18.00 27.95 -31.89
CA GLY G 77 -16.71 27.29 -31.84
C GLY G 77 -16.11 27.30 -30.45
N LEU G 78 -14.97 26.63 -30.35
CA LEU G 78 -14.24 26.52 -29.09
C LEU G 78 -12.82 26.07 -29.38
N ALA G 79 -11.85 26.72 -28.72
CA ALA G 79 -10.44 26.41 -28.89
C ALA G 79 -9.88 25.94 -27.56
N TRP G 80 -9.21 24.79 -27.57
CA TRP G 80 -8.60 24.23 -26.38
C TRP G 80 -7.22 23.68 -26.73
N PRO G 81 -6.32 23.61 -25.76
CA PRO G 81 -4.96 23.11 -26.02
C PRO G 81 -4.94 21.61 -26.17
N SER G 82 -4.57 21.13 -27.36
CA SER G 82 -4.49 19.70 -27.60
C SER G 82 -3.22 19.10 -26.99
N ALA G 83 -2.11 19.83 -27.05
CA ALA G 83 -0.84 19.27 -26.62
C ALA G 83 0.12 20.40 -26.28
N PHE G 84 0.92 20.18 -25.24
CA PHE G 84 1.97 21.11 -24.84
C PHE G 84 3.33 20.51 -25.19
N LYS G 85 4.28 21.39 -25.51
CA LYS G 85 5.60 20.94 -25.92
C LYS G 85 6.66 21.92 -25.41
N VAL G 86 7.83 21.38 -25.11
CA VAL G 86 8.98 22.18 -24.71
C VAL G 86 10.22 21.41 -25.13
N GLN G 87 11.15 22.10 -25.80
CA GLN G 87 12.32 21.43 -26.32
C GLN G 87 13.51 22.39 -26.29
N LEU G 88 14.71 21.81 -26.27
CA LEU G 88 15.95 22.54 -26.23
C LEU G 88 16.80 22.16 -27.43
N GLN G 89 17.38 23.16 -28.10
CA GLN G 89 18.16 22.93 -29.30
C GLN G 89 19.46 23.73 -29.23
N LEU G 90 20.47 23.23 -29.93
CA LEU G 90 21.79 23.85 -29.99
C LEU G 90 22.18 24.13 -31.43
N PRO G 91 23.07 25.09 -31.66
CA PRO G 91 23.55 25.32 -33.02
C PRO G 91 24.22 24.09 -33.60
N ASP G 92 24.04 23.89 -34.91
CA ASP G 92 24.54 22.68 -35.54
C ASP G 92 26.06 22.61 -35.48
N ASN G 93 26.73 23.74 -35.66
CA ASN G 93 28.19 23.77 -35.64
C ASN G 93 28.75 23.81 -34.22
N GLU G 94 27.90 23.81 -33.20
CA GLU G 94 28.36 23.92 -31.83
C GLU G 94 29.10 22.65 -31.41
N VAL G 95 29.77 22.73 -30.27
CA VAL G 95 30.57 21.62 -29.75
C VAL G 95 29.95 20.97 -28.52
N ALA G 96 29.04 21.65 -27.82
CA ALA G 96 28.42 21.06 -26.65
C ALA G 96 27.48 19.94 -27.07
N GLN G 97 27.16 19.07 -26.11
CA GLN G 97 26.33 17.90 -26.39
C GLN G 97 25.35 17.67 -25.25
N ILE G 98 24.22 17.08 -25.59
CA ILE G 98 23.20 16.69 -24.62
C ILE G 98 23.56 15.32 -24.07
N SER G 99 23.58 15.19 -22.74
CA SER G 99 23.96 13.95 -22.10
C SER G 99 22.75 13.16 -21.59
N ASP G 100 21.96 13.74 -20.70
CA ASP G 100 20.88 13.02 -20.04
C ASP G 100 19.65 13.91 -19.91
N TYR G 101 18.57 13.29 -19.46
CA TYR G 101 17.29 13.96 -19.27
C TYR G 101 16.43 13.09 -18.37
N TYR G 102 15.89 13.69 -17.30
CA TYR G 102 15.25 12.88 -16.27
C TYR G 102 13.94 12.28 -16.75
N PRO G 103 12.90 13.06 -17.06
CA PRO G 103 11.65 12.45 -17.50
C PRO G 103 11.81 11.72 -18.83
N ARG G 104 11.68 10.40 -18.79
CA ARG G 104 11.91 9.56 -19.96
C ARG G 104 10.79 8.56 -20.09
N ASN G 105 10.64 8.01 -21.29
CA ASN G 105 9.59 7.04 -21.54
C ASN G 105 9.73 5.85 -20.59
N SER G 106 8.61 5.38 -20.08
CA SER G 106 8.58 4.27 -19.15
C SER G 106 7.59 3.22 -19.62
N ILE G 107 7.92 1.96 -19.35
CA ILE G 107 7.03 0.86 -19.72
C ILE G 107 5.76 0.94 -18.90
N ASP G 108 4.66 0.49 -19.49
CA ASP G 108 3.35 0.47 -18.85
C ASP G 108 2.89 -0.95 -18.63
N THR G 109 2.21 -1.19 -17.52
CA THR G 109 1.73 -2.51 -17.14
C THR G 109 0.20 -2.52 -17.12
N LYS G 110 -0.36 -3.70 -17.35
CA LYS G 110 -1.80 -3.90 -17.33
C LYS G 110 -2.10 -5.19 -16.60
N GLU G 111 -3.16 -5.17 -15.79
CA GLU G 111 -3.57 -6.38 -15.08
C GLU G 111 -4.24 -7.36 -16.04
N TYR G 112 -4.48 -8.57 -15.55
CA TYR G 112 -5.18 -9.58 -16.32
C TYR G 112 -5.77 -10.60 -15.35
N MET G 113 -6.89 -11.20 -15.75
CA MET G 113 -7.58 -12.13 -14.87
C MET G 113 -8.48 -13.04 -15.71
N SER G 114 -8.37 -14.33 -15.49
CA SER G 114 -9.19 -15.33 -16.18
C SER G 114 -10.04 -16.06 -15.15
N THR G 115 -11.31 -16.25 -15.47
CA THR G 115 -12.26 -16.88 -14.55
C THR G 115 -12.90 -18.08 -15.23
N LEU G 116 -12.99 -19.19 -14.51
CA LEU G 116 -13.66 -20.39 -14.98
C LEU G 116 -14.61 -20.85 -13.88
N THR G 117 -15.86 -21.12 -14.24
CA THR G 117 -16.88 -21.51 -13.27
C THR G 117 -17.66 -22.71 -13.75
N TYR G 118 -17.88 -23.65 -12.85
CA TYR G 118 -18.78 -24.78 -13.05
C TYR G 118 -20.03 -24.57 -12.20
N GLY G 119 -21.11 -25.24 -12.58
CA GLY G 119 -22.36 -25.12 -11.84
C GLY G 119 -23.23 -26.34 -12.02
N PHE G 120 -24.07 -26.59 -11.02
CA PHE G 120 -25.04 -27.67 -11.05
C PHE G 120 -26.32 -27.19 -10.39
N ASN G 121 -27.44 -27.80 -10.79
CA ASN G 121 -28.73 -27.41 -10.25
C ASN G 121 -29.69 -28.59 -10.33
N GLY G 122 -30.54 -28.70 -9.31
CA GLY G 122 -31.58 -29.71 -9.29
C GLY G 122 -32.72 -29.34 -8.37
N ASN G 123 -33.95 -29.39 -8.87
CA ASN G 123 -35.12 -28.99 -8.10
C ASN G 123 -36.25 -30.00 -8.30
N VAL G 124 -37.16 -30.02 -7.34
CA VAL G 124 -38.34 -30.87 -7.37
C VAL G 124 -39.57 -29.97 -7.35
N THR G 125 -40.47 -30.17 -8.32
CA THR G 125 -41.69 -29.38 -8.43
C THR G 125 -42.89 -30.26 -8.14
N GLY G 126 -43.77 -29.77 -7.27
CA GLY G 126 -45.01 -30.47 -6.97
C GLY G 126 -46.12 -29.49 -6.68
N ASP G 127 -47.35 -29.95 -6.90
CA ASP G 127 -48.52 -29.08 -6.74
C ASP G 127 -49.61 -29.76 -5.92
N ASP G 128 -50.77 -29.11 -5.83
CA ASP G 128 -51.88 -29.66 -5.03
C ASP G 128 -52.38 -30.97 -5.61
N THR G 129 -52.47 -31.08 -6.94
CA THR G 129 -52.98 -32.29 -7.56
C THR G 129 -52.01 -33.46 -7.47
N GLY G 130 -50.86 -33.30 -6.81
CA GLY G 130 -49.93 -34.38 -6.60
C GLY G 130 -48.93 -34.61 -7.72
N LYS G 131 -48.96 -33.81 -8.78
CA LYS G 131 -47.96 -33.94 -9.83
C LYS G 131 -46.59 -33.65 -9.26
N ILE G 132 -45.61 -34.48 -9.60
CA ILE G 132 -44.23 -34.32 -9.14
C ILE G 132 -43.34 -34.22 -10.37
N GLY G 133 -42.47 -33.21 -10.40
CA GLY G 133 -41.56 -33.02 -11.50
C GLY G 133 -40.15 -32.78 -11.00
N GLY G 134 -39.19 -33.05 -11.89
CA GLY G 134 -37.79 -32.89 -11.57
C GLY G 134 -37.09 -32.11 -12.67
N LEU G 135 -35.91 -31.59 -12.32
CA LEU G 135 -35.10 -30.82 -13.25
C LEU G 135 -33.66 -30.86 -12.78
N ILE G 136 -32.76 -31.28 -13.67
CA ILE G 136 -31.33 -31.33 -13.39
C ILE G 136 -30.61 -30.56 -14.49
N GLY G 137 -29.72 -29.65 -14.11
CA GLY G 137 -29.01 -28.86 -15.09
C GLY G 137 -27.62 -28.48 -14.61
N ALA G 138 -26.82 -27.99 -15.57
CA ALA G 138 -25.45 -27.61 -15.29
C ALA G 138 -25.06 -26.49 -16.25
N ASN G 139 -24.01 -25.77 -15.90
CA ASN G 139 -23.55 -24.66 -16.72
C ASN G 139 -22.07 -24.42 -16.48
N VAL G 140 -21.43 -23.78 -17.47
CA VAL G 140 -20.02 -23.42 -17.40
C VAL G 140 -19.90 -21.97 -17.85
N SER G 141 -18.83 -21.32 -17.38
CA SER G 141 -18.59 -19.93 -17.73
C SER G 141 -17.09 -19.65 -17.74
N ILE G 142 -16.67 -18.84 -18.69
CA ILE G 142 -15.28 -18.40 -18.81
C ILE G 142 -15.27 -16.89 -18.96
N GLY G 143 -14.36 -16.23 -18.27
CA GLY G 143 -14.31 -14.78 -18.30
C GLY G 143 -12.91 -14.21 -18.24
N HIS G 144 -12.62 -13.27 -19.15
CA HIS G 144 -11.35 -12.58 -19.19
C HIS G 144 -11.56 -11.13 -18.77
N THR G 145 -10.77 -10.67 -17.80
CA THR G 145 -10.86 -9.31 -17.28
C THR G 145 -9.51 -8.63 -17.40
N LEU G 146 -9.51 -7.42 -17.95
CA LEU G 146 -8.31 -6.63 -18.15
C LEU G 146 -8.57 -5.20 -17.73
N LYS G 147 -7.72 -4.66 -16.86
CA LYS G 147 -7.85 -3.30 -16.37
C LYS G 147 -6.49 -2.62 -16.38
N TYR G 148 -6.50 -1.31 -16.64
CA TYR G 148 -5.28 -0.53 -16.68
C TYR G 148 -5.62 0.93 -16.36
N VAL G 149 -4.58 1.71 -16.08
CA VAL G 149 -4.72 3.12 -15.72
C VAL G 149 -4.22 3.96 -16.89
N GLN G 150 -5.08 4.85 -17.37
CA GLN G 150 -4.78 5.72 -18.50
C GLN G 150 -4.97 7.18 -18.09
N PRO G 151 -3.90 7.94 -17.90
CA PRO G 151 -4.06 9.35 -17.51
C PRO G 151 -4.64 10.18 -18.63
N ASP G 152 -5.26 11.29 -18.25
CA ASP G 152 -5.82 12.21 -19.25
C ASP G 152 -4.72 12.76 -20.14
N PHE G 153 -3.61 13.19 -19.54
CA PHE G 153 -2.48 13.72 -20.29
C PHE G 153 -1.27 12.81 -20.06
N LYS G 154 -0.66 12.37 -21.16
CA LYS G 154 0.42 11.40 -21.14
C LYS G 154 1.69 12.07 -21.65
N THR G 155 2.65 12.25 -20.76
CA THR G 155 3.92 12.88 -21.15
C THR G 155 4.74 11.91 -21.98
N ILE G 156 5.40 12.44 -23.01
CA ILE G 156 6.22 11.66 -23.92
C ILE G 156 7.54 12.38 -24.14
N LEU G 157 8.56 11.62 -24.46
CA LEU G 157 9.89 12.15 -24.78
C LEU G 157 10.17 11.90 -26.25
N GLU G 158 10.23 12.97 -27.04
CA GLU G 158 10.55 12.83 -28.45
C GLU G 158 11.98 12.32 -28.60
N SER G 159 12.23 11.67 -29.74
CA SER G 159 13.54 11.09 -30.04
C SER G 159 14.65 12.10 -29.76
N PRO G 160 15.44 11.91 -28.69
CA PRO G 160 16.49 12.88 -28.36
C PRO G 160 17.74 12.68 -29.19
N THR G 161 17.98 13.58 -30.13
CA THR G 161 19.25 13.62 -30.84
C THR G 161 20.28 14.40 -30.03
N ASP G 162 21.54 14.33 -30.49
CA ASP G 162 22.62 14.94 -29.72
C ASP G 162 22.43 16.43 -29.57
N LYS G 163 22.06 17.12 -30.65
CA LYS G 163 22.03 18.57 -30.62
C LYS G 163 20.77 19.11 -29.95
N LYS G 164 19.64 18.41 -30.09
CA LYS G 164 18.39 18.87 -29.51
C LYS G 164 17.67 17.72 -28.81
N VAL G 165 16.93 18.06 -27.76
CA VAL G 165 16.07 17.14 -27.04
C VAL G 165 14.74 17.84 -26.78
N GLY G 166 13.65 17.11 -26.93
CA GLY G 166 12.34 17.71 -26.78
C GLY G 166 11.32 16.80 -26.13
N TRP G 167 10.57 17.33 -25.18
CA TRP G 167 9.49 16.59 -24.53
C TRP G 167 8.17 16.92 -25.20
N LYS G 168 7.08 16.34 -24.68
CA LYS G 168 5.78 16.49 -25.29
C LYS G 168 4.72 16.06 -24.30
N VAL G 169 3.58 16.74 -24.33
CA VAL G 169 2.41 16.39 -23.54
C VAL G 169 1.21 16.39 -24.48
N ILE G 170 0.44 15.29 -24.46
CA ILE G 170 -0.69 15.15 -25.36
C ILE G 170 -1.95 14.89 -24.56
N PHE G 171 -3.08 14.79 -25.24
CA PHE G 171 -4.39 14.60 -24.63
C PHE G 171 -4.83 13.18 -24.91
N ASN G 172 -4.61 12.28 -23.94
CA ASN G 172 -4.99 10.88 -24.11
C ASN G 172 -6.50 10.74 -24.27
N ASN G 173 -7.26 11.15 -23.25
CA ASN G 173 -8.72 11.10 -23.29
C ASN G 173 -9.24 11.76 -22.02
N MET G 174 -10.54 12.03 -22.00
CA MET G 174 -11.17 12.69 -20.87
C MET G 174 -12.50 12.00 -20.57
N VAL G 175 -12.94 12.14 -19.32
CA VAL G 175 -14.23 11.64 -18.86
C VAL G 175 -15.14 12.84 -18.69
N ASN G 176 -16.30 12.81 -19.34
CA ASN G 176 -17.24 13.91 -19.32
C ASN G 176 -18.53 13.48 -18.62
N GLN G 177 -18.94 14.26 -17.62
CA GLN G 177 -20.22 14.06 -16.94
C GLN G 177 -20.38 12.60 -16.50
N ASN G 178 -19.29 12.01 -16.03
CA ASN G 178 -19.30 10.65 -15.51
C ASN G 178 -19.70 9.63 -16.57
N TRP G 179 -19.51 9.95 -17.84
CA TRP G 179 -19.80 9.04 -18.93
C TRP G 179 -18.50 8.44 -19.47
N GLY G 180 -18.63 7.59 -20.48
CA GLY G 180 -17.49 6.91 -21.05
C GLY G 180 -16.44 7.90 -21.52
N PRO G 181 -15.16 7.55 -21.31
CA PRO G 181 -14.10 8.49 -21.69
C PRO G 181 -14.05 8.69 -23.20
N TYR G 182 -14.00 9.95 -23.61
CA TYR G 182 -13.92 10.31 -25.02
C TYR G 182 -12.51 10.80 -25.35
N ASP G 183 -12.26 10.96 -26.65
CA ASP G 183 -10.97 11.45 -27.11
C ASP G 183 -11.19 12.18 -28.43
N ARG G 184 -10.09 12.63 -29.03
CA ARG G 184 -10.19 13.47 -30.22
C ARG G 184 -10.87 12.73 -31.36
N ASP G 185 -10.54 11.46 -31.55
CA ASP G 185 -11.06 10.69 -32.66
C ASP G 185 -12.36 9.96 -32.33
N SER G 186 -12.88 10.12 -31.12
CA SER G 186 -14.15 9.48 -30.78
C SER G 186 -15.27 10.06 -31.63
N TRP G 187 -16.11 9.18 -32.17
CA TRP G 187 -17.19 9.60 -33.05
C TRP G 187 -18.47 8.83 -32.72
N ASN G 188 -19.60 9.51 -32.82
CA ASN G 188 -20.90 8.89 -32.64
C ASN G 188 -21.79 9.29 -33.81
N PRO G 189 -22.38 8.33 -34.53
CA PRO G 189 -23.14 8.70 -35.74
C PRO G 189 -24.28 9.67 -35.47
N VAL G 190 -24.94 9.56 -34.31
CA VAL G 190 -26.08 10.42 -34.03
C VAL G 190 -25.61 11.79 -33.55
N TYR G 191 -24.88 11.82 -32.44
CA TYR G 191 -24.42 13.08 -31.86
C TYR G 191 -23.06 13.51 -32.37
N GLY G 192 -22.16 12.56 -32.63
CA GLY G 192 -20.81 12.89 -33.02
C GLY G 192 -19.86 12.88 -31.84
N ASN G 193 -18.76 13.59 -32.01
CA ASN G 193 -17.78 13.74 -30.95
C ASN G 193 -18.39 14.53 -29.79
N GLN G 194 -18.61 13.86 -28.66
CA GLN G 194 -19.23 14.46 -27.49
C GLN G 194 -18.22 14.82 -26.41
N LEU G 195 -16.99 15.15 -26.78
CA LEU G 195 -15.96 15.43 -25.79
C LEU G 195 -16.36 16.60 -24.91
N PHE G 196 -16.43 17.79 -25.50
CA PHE G 196 -16.84 19.00 -24.78
C PHE G 196 -18.28 19.36 -25.09
N MET G 197 -19.20 18.50 -24.64
CA MET G 197 -20.63 18.70 -24.84
C MET G 197 -21.31 18.87 -23.49
N LYS G 198 -22.08 19.94 -23.35
CA LYS G 198 -22.78 20.20 -22.09
C LYS G 198 -24.05 19.35 -21.98
N THR G 199 -24.98 19.53 -22.92
CA THR G 199 -26.23 18.80 -22.94
C THR G 199 -26.43 18.19 -24.32
N ARG G 200 -26.97 16.97 -24.34
CA ARG G 200 -27.17 16.29 -25.61
C ARG G 200 -28.18 17.03 -26.49
N ASN G 201 -29.28 17.49 -25.91
CA ASN G 201 -30.34 18.16 -26.65
C ASN G 201 -30.84 19.38 -25.91
N GLY G 202 -29.92 20.16 -25.34
CA GLY G 202 -30.31 21.36 -24.63
C GLY G 202 -30.84 22.43 -25.57
N SER G 203 -31.71 23.28 -25.05
CA SER G 203 -32.32 24.36 -25.82
C SER G 203 -31.64 25.71 -25.60
N MET G 204 -30.57 25.75 -24.83
CA MET G 204 -29.89 27.01 -24.55
C MET G 204 -29.16 27.50 -25.81
N LYS G 205 -28.48 28.63 -25.68
CA LYS G 205 -27.77 29.21 -26.81
C LYS G 205 -26.60 28.33 -27.21
N ALA G 206 -26.18 28.47 -28.47
CA ALA G 206 -25.10 27.64 -28.98
C ALA G 206 -23.81 27.87 -28.19
N ALA G 207 -23.44 29.13 -27.94
CA ALA G 207 -22.20 29.40 -27.23
C ALA G 207 -22.25 28.90 -25.79
N ASP G 208 -23.40 29.07 -25.13
CA ASP G 208 -23.50 28.65 -23.73
C ASP G 208 -23.35 27.15 -23.58
N ASN G 209 -23.80 26.37 -24.55
CA ASN G 209 -23.80 24.91 -24.45
C ASN G 209 -22.37 24.38 -24.63
N PHE G 210 -21.58 24.55 -23.57
CA PHE G 210 -20.23 24.00 -23.51
C PHE G 210 -19.96 23.51 -22.11
N LEU G 211 -19.09 22.52 -22.02
CA LEU G 211 -18.69 21.99 -20.72
C LEU G 211 -18.00 23.07 -19.89
N ASP G 212 -18.35 23.15 -18.62
CA ASP G 212 -17.75 24.15 -17.75
C ASP G 212 -16.25 23.89 -17.63
N PRO G 213 -15.41 24.93 -17.69
CA PRO G 213 -13.96 24.69 -17.55
C PRO G 213 -13.59 24.04 -16.23
N ASN G 214 -14.32 24.33 -15.15
CA ASN G 214 -14.02 23.72 -13.86
C ASN G 214 -14.20 22.21 -13.91
N LYS G 215 -15.27 21.74 -14.57
CA LYS G 215 -15.51 20.31 -14.66
C LYS G 215 -14.40 19.61 -15.43
N ALA G 216 -13.93 20.22 -16.51
CA ALA G 216 -12.89 19.63 -17.33
C ALA G 216 -11.58 19.58 -16.55
N SER G 217 -10.57 18.98 -17.17
CA SER G 217 -9.28 18.82 -16.52
C SER G 217 -8.63 20.17 -16.24
N SER G 218 -7.79 20.20 -15.20
CA SER G 218 -7.18 21.46 -14.79
C SER G 218 -6.25 22.02 -15.85
N LEU G 219 -5.58 21.16 -16.61
CA LEU G 219 -4.59 21.64 -17.56
C LEU G 219 -5.23 22.48 -18.65
N LEU G 220 -6.41 22.08 -19.12
CA LEU G 220 -6.98 22.72 -20.30
C LEU G 220 -7.18 24.21 -20.09
N SER G 221 -7.75 24.59 -18.94
CA SER G 221 -8.10 25.98 -18.69
C SER G 221 -7.07 26.71 -17.87
N SER G 222 -6.55 26.07 -16.83
CA SER G 222 -5.65 26.72 -15.89
C SER G 222 -4.18 26.58 -16.27
N GLY G 223 -3.88 25.92 -17.38
CA GLY G 223 -2.51 25.78 -17.83
C GLY G 223 -1.80 24.58 -17.24
N PHE G 224 -0.63 24.29 -17.80
CA PHE G 224 0.20 23.17 -17.39
C PHE G 224 1.59 23.67 -17.03
N SER G 225 2.06 23.29 -15.84
CA SER G 225 3.39 23.68 -15.40
C SER G 225 4.35 22.54 -15.68
N PRO G 226 5.33 22.70 -16.57
CA PRO G 226 6.28 21.62 -16.84
C PRO G 226 7.45 21.61 -15.89
N ASP G 227 8.08 20.43 -15.80
CA ASP G 227 9.31 20.25 -15.02
C ASP G 227 10.15 19.21 -15.75
N PHE G 228 11.06 19.69 -16.60
CA PHE G 228 11.95 18.82 -17.35
C PHE G 228 13.39 19.25 -17.08
N ALA G 229 14.26 18.27 -16.92
CA ALA G 229 15.67 18.51 -16.60
C ALA G 229 16.53 17.91 -17.69
N THR G 230 17.52 18.67 -18.14
CA THR G 230 18.52 18.19 -19.08
C THR G 230 19.89 18.62 -18.59
N VAL G 231 20.91 17.86 -18.97
CA VAL G 231 22.29 18.16 -18.61
C VAL G 231 23.11 18.29 -19.89
N ILE G 232 23.93 19.34 -19.96
CA ILE G 232 24.77 19.63 -21.11
C ILE G 232 26.22 19.54 -20.66
N THR G 233 27.03 18.81 -21.44
CA THR G 233 28.46 18.66 -21.15
C THR G 233 29.27 19.19 -22.32
N MET G 234 30.34 19.90 -22.00
CA MET G 234 31.25 20.46 -22.99
C MET G 234 32.68 20.22 -22.54
N ASP G 235 33.55 19.88 -23.50
CA ASP G 235 34.92 19.54 -23.15
C ASP G 235 35.63 20.72 -22.51
N ARG G 236 36.51 20.42 -21.55
CA ARG G 236 37.22 21.47 -20.82
C ARG G 236 38.38 22.07 -21.61
N LYS G 237 38.79 21.46 -22.72
CA LYS G 237 39.87 21.97 -23.54
C LYS G 237 39.38 22.65 -24.82
N ALA G 238 38.08 22.91 -24.92
CA ALA G 238 37.55 23.55 -26.12
C ALA G 238 38.15 24.93 -26.32
N SER G 239 38.46 25.26 -27.58
CA SER G 239 39.04 26.56 -27.88
C SER G 239 38.09 27.70 -27.54
N LYS G 240 36.80 27.54 -27.87
CA LYS G 240 35.79 28.55 -27.62
C LYS G 240 34.94 28.12 -26.45
N GLN G 241 34.81 29.00 -25.45
CA GLN G 241 34.10 28.69 -24.22
C GLN G 241 32.70 29.31 -24.19
N GLN G 242 32.21 29.82 -25.30
CA GLN G 242 30.88 30.41 -25.39
C GLN G 242 29.97 29.49 -26.17
N THR G 243 28.76 29.25 -25.64
CA THR G 243 27.79 28.37 -26.26
C THR G 243 26.44 29.06 -26.30
N ASN G 244 25.66 28.76 -27.32
CA ASN G 244 24.34 29.34 -27.53
C ASN G 244 23.28 28.25 -27.41
N ILE G 245 22.18 28.57 -26.72
CA ILE G 245 21.09 27.63 -26.53
C ILE G 245 19.80 28.28 -27.00
N ASP G 246 18.85 27.45 -27.42
CA ASP G 246 17.52 27.90 -27.80
C ASP G 246 16.49 27.12 -27.01
N VAL G 247 15.46 27.81 -26.53
CA VAL G 247 14.40 27.22 -25.74
C VAL G 247 13.07 27.51 -26.42
N ILE G 248 12.26 26.47 -26.60
CA ILE G 248 10.95 26.58 -27.25
C ILE G 248 9.88 26.09 -26.29
N TYR G 249 8.75 26.78 -26.28
CA TYR G 249 7.61 26.45 -25.45
C TYR G 249 6.35 26.37 -26.30
N GLU G 250 6.44 25.76 -27.46
CA GLU G 250 5.31 25.75 -28.39
C GLU G 250 4.14 25.00 -27.79
N ARG G 251 2.94 25.50 -28.08
CA ARG G 251 1.69 24.90 -27.63
C ARG G 251 0.75 24.79 -28.82
N VAL G 252 0.04 23.66 -28.91
CA VAL G 252 -0.85 23.37 -30.02
C VAL G 252 -2.28 23.36 -29.49
N ARG G 253 -3.16 24.06 -30.18
CA ARG G 253 -4.58 24.11 -29.85
C ARG G 253 -5.39 23.33 -30.89
N ASP G 254 -6.71 23.31 -30.69
CA ASP G 254 -7.62 22.62 -31.58
C ASP G 254 -8.89 23.43 -31.70
N ASP G 255 -9.69 23.11 -32.71
CA ASP G 255 -10.98 23.76 -32.93
C ASP G 255 -12.10 22.77 -32.67
N TYR G 256 -13.04 23.15 -31.81
CA TYR G 256 -14.20 22.33 -31.50
C TYR G 256 -15.45 23.15 -31.79
N GLN G 257 -16.31 22.62 -32.65
CA GLN G 257 -17.50 23.32 -33.11
C GLN G 257 -18.73 22.45 -32.84
N LEU G 258 -19.76 23.05 -32.28
CA LEU G 258 -21.04 22.38 -32.09
C LEU G 258 -21.99 22.80 -33.21
N HIS G 259 -22.76 21.85 -33.71
CA HIS G 259 -23.72 22.09 -34.78
C HIS G 259 -25.08 21.53 -34.39
N TRP G 260 -26.10 22.37 -34.46
CA TRP G 260 -27.49 21.94 -34.28
C TRP G 260 -28.04 21.54 -35.63
N THR G 261 -28.28 20.23 -35.83
CA THR G 261 -28.73 19.78 -37.14
C THR G 261 -30.24 19.97 -37.29
N SER G 262 -31.05 19.23 -36.53
CA SER G 262 -32.48 19.50 -36.48
C SER G 262 -33.02 19.51 -35.06
N THR G 263 -32.59 18.58 -34.22
CA THR G 263 -33.09 18.46 -32.84
C THR G 263 -31.97 18.47 -31.82
N ASN G 264 -30.90 17.70 -32.05
CA ASN G 264 -29.84 17.52 -31.08
C ASN G 264 -28.59 18.29 -31.50
N TRP G 265 -27.66 18.41 -30.57
CA TRP G 265 -26.39 19.07 -30.82
C TRP G 265 -25.40 18.09 -31.41
N LYS G 266 -24.64 18.55 -32.41
CA LYS G 266 -23.61 17.76 -33.06
C LYS G 266 -22.27 18.44 -32.88
N GLY G 267 -21.24 17.65 -32.59
CA GLY G 267 -19.92 18.19 -32.35
C GLY G 267 -18.88 17.59 -33.28
N THR G 268 -17.99 18.44 -33.78
CA THR G 268 -16.90 18.03 -34.65
C THR G 268 -15.60 18.64 -34.16
N ASN G 269 -14.51 17.90 -34.35
CA ASN G 269 -13.19 18.32 -33.88
C ASN G 269 -12.25 18.41 -35.08
N THR G 270 -11.49 19.50 -35.12
CA THR G 270 -10.48 19.73 -36.16
C THR G 270 -9.12 19.80 -35.47
N LYS G 271 -8.42 18.68 -35.42
CA LYS G 271 -7.16 18.61 -34.70
C LYS G 271 -6.09 19.45 -35.41
N ASP G 272 -5.20 20.03 -34.60
CA ASP G 272 -4.07 20.83 -35.11
C ASP G 272 -4.56 21.99 -35.96
N LYS G 273 -5.28 22.91 -35.32
CA LYS G 273 -5.81 24.09 -35.98
C LYS G 273 -4.80 25.23 -35.94
N TRP G 274 -4.34 25.60 -34.75
CA TRP G 274 -3.37 26.67 -34.58
C TRP G 274 -2.17 26.15 -33.79
N THR G 275 -1.03 26.81 -33.98
CA THR G 275 0.18 26.49 -33.23
C THR G 275 0.86 27.79 -32.85
N ASP G 276 1.26 27.89 -31.59
CA ASP G 276 1.94 29.08 -31.07
C ASP G 276 3.33 28.67 -30.59
N ARG G 277 4.35 29.40 -31.05
CA ARG G 277 5.73 29.13 -30.67
C ARG G 277 6.34 30.40 -30.10
N SER G 278 7.13 30.23 -29.03
CA SER G 278 7.79 31.35 -28.36
C SER G 278 9.21 30.89 -28.04
N SER G 279 10.16 31.21 -28.92
CA SER G 279 11.53 30.77 -28.82
C SER G 279 12.41 31.92 -28.38
N GLU G 280 13.24 31.70 -27.36
CA GLU G 280 14.24 32.65 -26.92
C GLU G 280 15.61 32.00 -26.88
N ARG G 281 16.63 32.77 -27.29
CA ARG G 281 17.99 32.28 -27.39
C ARG G 281 18.78 32.74 -26.18
N TYR G 282 19.35 31.80 -25.44
CA TYR G 282 20.22 32.11 -24.31
C TYR G 282 21.68 31.91 -24.70
N LYS G 283 22.56 32.54 -23.92
CA LYS G 283 23.99 32.47 -24.14
C LYS G 283 24.67 31.90 -22.90
N ILE G 284 25.62 30.99 -23.12
CA ILE G 284 26.32 30.30 -22.04
C ILE G 284 27.79 30.68 -22.11
N ASP G 285 28.36 31.00 -20.96
CA ASP G 285 29.79 31.31 -20.83
C ASP G 285 30.38 30.33 -19.83
N TRP G 286 30.99 29.26 -20.32
CA TRP G 286 31.57 28.26 -19.43
C TRP G 286 32.69 28.85 -18.58
N GLU G 287 33.51 29.72 -19.17
CA GLU G 287 34.62 30.30 -18.43
C GLU G 287 34.14 31.06 -17.21
N LYS G 288 33.10 31.89 -17.38
CA LYS G 288 32.56 32.68 -16.28
C LYS G 288 31.51 31.93 -15.48
N GLU G 289 31.07 30.76 -15.95
CA GLU G 289 30.05 29.97 -15.25
C GLU G 289 28.79 30.80 -15.01
N GLU G 290 28.18 31.24 -16.10
CA GLU G 290 27.00 32.08 -16.01
C GLU G 290 26.22 31.99 -17.31
N MET G 291 24.89 31.95 -17.20
CA MET G 291 23.99 31.97 -18.33
C MET G 291 23.17 33.25 -18.25
N THR G 292 23.32 34.13 -19.24
CA THR G 292 22.67 35.43 -19.21
C THR G 292 22.04 35.72 -20.57
N ASN G 293 20.74 36.03 -20.54
CA ASN G 293 20.04 36.57 -21.70
C ASN G 293 18.60 36.88 -21.32
#